data_1K90
#
_entry.id   1K90
#
_cell.length_a   116.099
_cell.length_b   166.1
_cell.length_c   343.33
_cell.angle_alpha   90.0
_cell.angle_beta   90.0
_cell.angle_gamma   90.00
#
_symmetry.space_group_name_H-M   'I 2 2 2'
#
loop_
_entity.id
_entity.type
_entity.pdbx_description
1 polymer 'CALMODULIN-SENSITIVE ADENYLATE CYCLASE'
2 polymer CALMODULIN
3 non-polymer 'YTTERBIUM (III) ION'
4 non-polymer "3'-DEOXYADENOSINE-5'-TRIPHOSPHATE"
5 non-polymer 'CALCIUM ION'
6 water water
#
loop_
_entity_poly.entity_id
_entity_poly.type
_entity_poly.pdbx_seq_one_letter_code
_entity_poly.pdbx_strand_id
1 'polypeptide(L)'
;DRIDVLKGEKALKASGLVPEHADAFKKIARELNTYILFRPVNKLATNLIKSGVATKGLNVHGKSSDWGPVAGYIPFDQDL
SKKHGQQLAVEKGNLENKKSITEHEGEIGKIPLKLDHLRIEELKENGIILKGKKEIDNGKKYYLLESNNQVYEFRISDEN
NEVQYKTKEGKITVLGEKFNWRNIEVMAKNVEGVLKPLTADYDLFALAPSLTEIKKQIPQKEWDKVVNTPNSLEKQKGVT
NLLIKYGIERKPDSTKGTLSNWQKQMLDRLNEAVKYTGYTGGDVVNHGTEQDNEEFPEKDNEIFIINPEGEFILTKNWEM
TGRFIEKNITGKDYLYYFNRSYNKIAPGNKAYIEWTDPITKAKINTIPTSAEFIKNLSSIRRSSNVGVYKDSGDKDEFAK
KESVKKIAGYLSDYYNSANHIFSQEKKRKISIFRGIQAYNEIENVLKSKQIAPEYKNYFQYLKERITNQVQLLLTHQKSN
IEFKLLYKQLNFTENETDNFEVFQKIIDEK
;
A,B,C
2 'polypeptide(L)'
;ADQLTEEQIAEFKEAFSLFDKDGDGTITTKELGTVMRSLGQNPTEAELQDMINEVDADGNGTIDFPEFLTMMARKMKDTD
SEEEIREAFRVFDKDGNGYISAAELRHVMTNLGEKLTDEEVDEMIREADIDGDGQVNYEEFVQMMTAK
;
D,E,F
#
# COMPACT_ATOMS: atom_id res chain seq x y z
N ARG A 2 -16.42 24.79 36.10
CA ARG A 2 -15.23 25.68 36.04
C ARG A 2 -14.03 24.92 35.45
N ILE A 3 -13.48 25.44 34.36
CA ILE A 3 -12.33 24.79 33.72
C ILE A 3 -11.16 25.74 33.46
N ASP A 4 -9.99 25.34 33.96
CA ASP A 4 -8.75 26.09 33.82
C ASP A 4 -8.40 26.37 32.36
N VAL A 5 -8.92 27.48 31.84
CA VAL A 5 -8.65 27.84 30.45
C VAL A 5 -8.10 29.26 30.35
N LEU A 6 -7.37 29.53 29.28
CA LEU A 6 -6.79 30.85 29.07
C LEU A 6 -7.82 31.80 28.50
N LYS A 7 -7.54 33.10 28.56
CA LYS A 7 -8.47 34.09 28.05
C LYS A 7 -7.76 35.36 27.59
N GLY A 8 -8.44 36.09 26.71
CA GLY A 8 -7.92 37.34 26.19
C GLY A 8 -6.51 37.31 25.64
N GLU A 9 -5.80 38.41 25.86
CA GLU A 9 -4.44 38.58 25.38
C GLU A 9 -3.61 37.30 25.50
N LYS A 10 -3.61 36.72 26.70
CA LYS A 10 -2.82 35.51 26.91
C LYS A 10 -3.24 34.36 26.00
N ALA A 11 -4.53 34.28 25.69
CA ALA A 11 -5.05 33.22 24.81
C ALA A 11 -4.71 33.55 23.37
N LEU A 12 -4.73 34.84 23.04
CA LEU A 12 -4.42 35.28 21.70
C LEU A 12 -2.99 34.87 21.33
N LYS A 13 -2.04 35.28 22.16
CA LYS A 13 -0.64 34.97 21.92
C LYS A 13 -0.39 33.48 21.71
N ALA A 14 -1.30 32.65 22.20
CA ALA A 14 -1.16 31.21 22.06
C ALA A 14 -1.86 30.66 20.82
N SER A 15 -2.73 31.47 20.25
CA SER A 15 -3.49 31.09 19.06
C SER A 15 -2.65 31.01 17.80
N GLY A 16 -1.61 31.84 17.75
CA GLY A 16 -0.79 31.86 16.56
C GLY A 16 -1.41 32.79 15.54
N LEU A 17 -2.62 33.26 15.84
CA LEU A 17 -3.32 34.18 14.93
C LEU A 17 -2.77 35.58 15.04
N VAL A 18 -2.82 36.30 13.92
CA VAL A 18 -2.36 37.67 13.88
C VAL A 18 -3.37 38.49 14.66
N PRO A 19 -2.90 39.26 15.64
CA PRO A 19 -3.75 40.11 16.48
C PRO A 19 -4.86 40.84 15.76
N GLU A 20 -4.50 41.71 14.83
CA GLU A 20 -5.54 42.45 14.12
C GLU A 20 -6.59 41.53 13.50
N HIS A 21 -6.14 40.37 13.01
CA HIS A 21 -7.06 39.42 12.40
C HIS A 21 -8.05 38.87 13.43
N ALA A 22 -7.55 38.51 14.62
CA ALA A 22 -8.43 37.99 15.65
C ALA A 22 -9.40 39.09 16.05
N ASP A 23 -8.86 40.29 16.22
CA ASP A 23 -9.67 41.45 16.59
C ASP A 23 -10.81 41.60 15.58
N ALA A 24 -10.51 41.32 14.32
CA ALA A 24 -11.50 41.43 13.26
C ALA A 24 -12.53 40.31 13.38
N PHE A 25 -12.06 39.13 13.76
CA PHE A 25 -12.93 37.98 13.89
C PHE A 25 -13.97 38.18 14.98
N LYS A 26 -13.62 38.94 16.01
CA LYS A 26 -14.56 39.21 17.11
C LYS A 26 -15.84 39.76 16.53
N LYS A 27 -15.74 40.86 15.81
CA LYS A 27 -16.92 41.48 15.20
C LYS A 27 -17.79 40.43 14.53
N ILE A 28 -17.17 39.61 13.69
CA ILE A 28 -17.88 38.57 12.95
C ILE A 28 -18.59 37.56 13.81
N ALA A 29 -17.95 37.12 14.89
CA ALA A 29 -18.56 36.16 15.79
C ALA A 29 -19.76 36.79 16.48
N ARG A 30 -19.63 38.05 16.88
CA ARG A 30 -20.71 38.77 17.55
C ARG A 30 -21.84 38.93 16.55
N GLU A 31 -21.52 39.58 15.42
CA GLU A 31 -22.45 39.84 14.35
C GLU A 31 -23.33 38.66 13.97
N LEU A 32 -22.79 37.45 14.05
CA LEU A 32 -23.56 36.27 13.69
C LEU A 32 -23.59 35.30 14.84
N ASN A 33 -23.87 35.76 16.05
CA ASN A 33 -23.85 34.90 17.23
C ASN A 33 -23.52 33.45 16.89
N THR A 34 -22.23 33.21 16.71
CA THR A 34 -21.71 31.90 16.37
C THR A 34 -20.29 31.77 16.90
N TYR A 35 -19.99 30.66 17.56
CA TYR A 35 -18.67 30.43 18.09
C TYR A 35 -17.75 30.12 16.92
N ILE A 36 -16.58 30.76 16.90
CA ILE A 36 -15.60 30.54 15.85
C ILE A 36 -14.36 29.95 16.51
N LEU A 37 -14.10 28.67 16.26
CA LEU A 37 -12.96 27.99 16.87
C LEU A 37 -11.85 27.62 15.91
N PHE A 38 -10.67 28.20 16.08
CA PHE A 38 -9.52 27.91 15.22
C PHE A 38 -8.57 26.88 15.81
N ARG A 39 -7.95 26.09 14.94
CA ARG A 39 -6.97 25.11 15.39
C ARG A 39 -5.71 25.95 15.54
N PRO A 40 -4.60 25.34 15.97
CA PRO A 40 -3.37 26.12 16.12
C PRO A 40 -2.80 26.67 14.82
N VAL A 41 -2.11 27.80 14.94
CA VAL A 41 -1.45 28.45 13.80
C VAL A 41 0.05 28.53 14.08
N ASN A 42 0.85 28.08 13.12
CA ASN A 42 2.31 28.13 13.27
C ASN A 42 2.67 29.53 13.76
N LYS A 43 3.24 29.62 14.95
CA LYS A 43 3.61 30.91 15.52
C LYS A 43 4.60 31.62 14.61
N LEU A 44 5.55 30.87 14.09
CA LEU A 44 6.57 31.43 13.22
C LEU A 44 6.02 31.77 11.84
N ALA A 45 4.70 31.82 11.74
CA ALA A 45 4.03 32.14 10.48
C ALA A 45 3.22 33.42 10.65
N THR A 46 2.88 33.73 11.89
CA THR A 46 2.07 34.89 12.21
C THR A 46 2.59 36.18 11.58
N ASN A 47 3.88 36.45 11.72
CA ASN A 47 4.46 37.66 11.12
C ASN A 47 4.38 37.51 9.61
N LEU A 48 4.74 36.34 9.13
CA LEU A 48 4.70 36.09 7.70
C LEU A 48 3.33 36.52 7.22
N ILE A 49 2.30 36.02 7.90
CA ILE A 49 0.92 36.35 7.55
C ILE A 49 0.70 37.85 7.65
N LYS A 50 0.95 38.42 8.82
CA LYS A 50 0.78 39.85 9.02
C LYS A 50 1.49 40.57 7.87
N SER A 51 2.73 40.15 7.61
CA SER A 51 3.53 40.74 6.56
C SER A 51 2.73 40.85 5.26
N GLY A 52 1.88 39.86 5.00
CA GLY A 52 1.09 39.86 3.80
C GLY A 52 1.39 38.68 2.92
N VAL A 53 2.16 37.73 3.45
CA VAL A 53 2.50 36.54 2.70
C VAL A 53 1.23 35.71 2.49
N ALA A 54 1.09 35.15 1.30
CA ALA A 54 -0.05 34.32 0.96
C ALA A 54 -0.11 33.07 1.83
N THR A 55 -1.31 32.55 2.05
CA THR A 55 -1.49 31.32 2.84
C THR A 55 -1.73 30.18 1.87
N LYS A 56 -1.72 28.95 2.36
CA LYS A 56 -1.90 27.80 1.48
C LYS A 56 -3.23 27.09 1.54
N GLY A 57 -3.70 26.68 0.37
CA GLY A 57 -4.95 25.96 0.27
C GLY A 57 -4.72 24.47 0.35
N LEU A 58 -5.70 23.69 -0.07
CA LEU A 58 -5.58 22.23 -0.02
C LEU A 58 -4.70 21.68 -1.16
N ASN A 59 -4.32 22.54 -2.11
CA ASN A 59 -3.47 22.09 -3.20
C ASN A 59 -2.04 21.98 -2.74
N VAL A 60 -1.81 22.35 -1.49
CA VAL A 60 -0.48 22.27 -0.90
C VAL A 60 -0.52 21.61 0.48
N HIS A 61 -0.31 20.29 0.51
CA HIS A 61 -0.33 19.57 1.77
C HIS A 61 1.00 19.56 2.48
N GLY A 62 1.98 20.27 1.93
CA GLY A 62 3.28 20.33 2.55
C GLY A 62 3.13 20.99 3.92
N LYS A 63 3.80 20.44 4.92
CA LYS A 63 3.72 21.00 6.27
C LYS A 63 4.60 22.24 6.38
N SER A 64 4.21 23.16 7.24
CA SER A 64 4.96 24.39 7.47
C SER A 64 6.16 24.13 8.38
N SER A 65 7.19 24.95 8.24
CA SER A 65 8.37 24.83 9.08
C SER A 65 8.21 25.68 10.32
N ASP A 66 8.78 25.22 11.44
CA ASP A 66 8.69 25.98 12.68
C ASP A 66 10.08 26.10 13.26
N TRP A 67 11.07 25.99 12.39
CA TRP A 67 12.47 26.09 12.76
C TRP A 67 13.37 26.43 11.56
N GLY A 68 14.63 26.75 11.84
CA GLY A 68 15.56 27.08 10.79
C GLY A 68 15.20 28.33 9.99
N PRO A 69 16.08 28.79 9.11
CA PRO A 69 15.82 29.99 8.31
C PRO A 69 14.53 29.96 7.49
N VAL A 70 13.95 28.78 7.27
CA VAL A 70 12.72 28.71 6.50
C VAL A 70 11.48 28.74 7.40
N ALA A 71 11.71 28.71 8.71
CA ALA A 71 10.61 28.76 9.67
C ALA A 71 9.48 29.65 9.18
N GLY A 72 8.27 29.09 9.18
CA GLY A 72 7.10 29.81 8.74
C GLY A 72 6.64 29.49 7.33
N TYR A 73 7.58 29.19 6.44
CA TYR A 73 7.23 28.88 5.07
C TYR A 73 7.06 27.38 4.90
N ILE A 74 6.58 26.95 3.73
CA ILE A 74 6.38 25.54 3.44
C ILE A 74 7.54 25.10 2.57
N PRO A 75 8.59 24.52 3.18
CA PRO A 75 9.76 24.08 2.42
C PRO A 75 9.47 22.96 1.44
N PHE A 76 10.07 23.05 0.26
CA PHE A 76 9.88 22.00 -0.73
C PHE A 76 10.42 20.73 -0.08
N ASP A 77 11.62 20.83 0.47
CA ASP A 77 12.24 19.70 1.16
C ASP A 77 11.59 19.60 2.53
N GLN A 78 10.64 18.69 2.66
CA GLN A 78 9.89 18.54 3.91
C GLN A 78 10.66 18.18 5.15
N ASP A 79 11.97 17.98 5.03
CA ASP A 79 12.74 17.66 6.23
C ASP A 79 13.00 18.94 7.00
N LEU A 80 13.03 20.07 6.29
CA LEU A 80 13.23 21.36 6.93
C LEU A 80 11.95 21.83 7.64
N SER A 81 10.84 21.12 7.43
CA SER A 81 9.58 21.47 8.07
C SER A 81 9.50 20.89 9.48
N LYS A 82 8.47 21.27 10.22
CA LYS A 82 8.32 20.79 11.58
C LYS A 82 8.29 19.27 11.63
N LYS A 83 7.81 18.64 10.57
CA LYS A 83 7.75 17.19 10.53
C LYS A 83 9.14 16.57 10.40
N HIS A 84 10.16 17.36 10.73
CA HIS A 84 11.57 16.95 10.69
C HIS A 84 11.76 15.64 11.42
N GLY A 85 12.62 14.77 10.90
CA GLY A 85 12.86 13.50 11.58
C GLY A 85 11.95 12.36 11.21
N GLN A 86 10.64 12.56 11.27
CA GLN A 86 9.69 11.50 10.93
C GLN A 86 9.83 11.08 9.47
N GLN A 87 10.72 10.14 9.22
CA GLN A 87 11.00 9.65 7.87
C GLN A 87 9.77 9.48 6.99
N LEU A 88 8.64 9.08 7.59
CA LEU A 88 7.43 8.90 6.80
C LEU A 88 6.67 10.18 6.53
N ALA A 89 6.46 10.97 7.56
CA ALA A 89 5.74 12.23 7.39
C ALA A 89 6.49 13.09 6.40
N VAL A 90 7.80 13.03 6.46
CA VAL A 90 8.63 13.82 5.55
C VAL A 90 8.50 13.28 4.14
N GLU A 91 8.46 11.94 4.02
CA GLU A 91 8.34 11.31 2.71
C GLU A 91 6.98 11.65 2.10
N LYS A 92 5.94 11.59 2.93
CA LYS A 92 4.59 11.91 2.47
C LYS A 92 4.53 13.40 2.18
N GLY A 93 5.32 14.17 2.91
CA GLY A 93 5.33 15.61 2.69
C GLY A 93 5.91 15.91 1.33
N ASN A 94 7.11 15.38 1.09
CA ASN A 94 7.76 15.58 -0.18
C ASN A 94 6.88 15.08 -1.31
N LEU A 95 6.23 13.93 -1.09
CA LEU A 95 5.37 13.37 -2.12
C LEU A 95 4.26 14.37 -2.40
N GLU A 96 3.63 14.88 -1.35
CA GLU A 96 2.58 15.88 -1.55
C GLU A 96 3.16 17.08 -2.26
N ASN A 97 4.29 17.59 -1.75
CA ASN A 97 4.92 18.74 -2.39
C ASN A 97 5.23 18.41 -3.83
N LYS A 98 5.63 17.17 -4.08
CA LYS A 98 5.96 16.75 -5.42
C LYS A 98 4.73 16.80 -6.30
N LYS A 99 3.61 16.27 -5.81
CA LYS A 99 2.37 16.29 -6.58
C LYS A 99 1.91 17.73 -6.82
N SER A 100 1.98 18.55 -5.77
CA SER A 100 1.57 19.95 -5.88
C SER A 100 2.26 20.64 -7.04
N ILE A 101 3.55 20.37 -7.23
CA ILE A 101 4.30 20.99 -8.32
C ILE A 101 3.87 20.46 -9.66
N THR A 102 3.61 19.16 -9.71
CA THR A 102 3.20 18.53 -10.95
C THR A 102 1.70 18.67 -11.20
N GLU A 103 0.90 17.94 -10.42
CA GLU A 103 -0.56 17.95 -10.53
C GLU A 103 -1.20 19.34 -10.64
N HIS A 104 -0.46 20.38 -10.24
CA HIS A 104 -0.97 21.73 -10.30
C HIS A 104 0.05 22.62 -10.97
N GLU A 105 0.74 22.05 -11.94
CA GLU A 105 1.75 22.77 -12.70
C GLU A 105 1.22 24.16 -13.02
N GLY A 106 2.07 25.18 -12.84
CA GLY A 106 1.65 26.54 -13.14
C GLY A 106 0.95 27.30 -12.03
N GLU A 107 0.03 26.64 -11.31
CA GLU A 107 -0.67 27.30 -10.21
C GLU A 107 0.18 27.24 -8.94
N ILE A 108 0.81 26.08 -8.71
CA ILE A 108 1.66 25.89 -7.55
C ILE A 108 3.08 25.54 -7.97
N GLY A 109 4.04 26.29 -7.45
CA GLY A 109 5.44 26.05 -7.80
C GLY A 109 6.36 26.12 -6.59
N LYS A 110 7.66 26.20 -6.85
CA LYS A 110 8.63 26.28 -5.77
C LYS A 110 9.66 27.35 -6.12
N ILE A 111 10.21 27.99 -5.10
CA ILE A 111 11.20 29.05 -5.31
C ILE A 111 12.20 29.15 -4.17
N PRO A 112 13.37 29.74 -4.44
CA PRO A 112 14.46 29.92 -3.47
C PRO A 112 14.00 30.77 -2.30
N LEU A 113 14.39 30.39 -1.08
CA LEU A 113 13.99 31.16 0.10
C LEU A 113 14.77 32.46 0.10
N LYS A 114 14.04 33.55 0.30
CA LYS A 114 14.63 34.87 0.32
C LYS A 114 14.44 35.46 1.71
N LEU A 115 15.43 35.31 2.57
CA LEU A 115 15.32 35.88 3.91
C LEU A 115 15.90 37.28 3.85
N ASP A 116 15.02 38.26 3.82
CA ASP A 116 15.46 39.65 3.77
C ASP A 116 15.89 40.13 5.14
N HIS A 117 16.43 41.34 5.14
CA HIS A 117 16.93 42.01 6.33
C HIS A 117 15.96 41.92 7.53
N LEU A 118 14.69 42.22 7.29
CA LEU A 118 13.66 42.20 8.34
C LEU A 118 13.35 40.85 8.98
N ARG A 119 13.21 39.81 8.16
CA ARG A 119 12.90 38.49 8.70
C ARG A 119 14.00 38.03 9.64
N ILE A 120 15.23 38.36 9.29
CA ILE A 120 16.39 37.99 10.09
C ILE A 120 16.18 38.46 11.53
N GLU A 121 15.82 39.73 11.69
CA GLU A 121 15.59 40.29 13.01
C GLU A 121 14.50 39.50 13.73
N GLU A 122 13.37 39.29 13.05
CA GLU A 122 12.24 38.55 13.63
C GLU A 122 12.68 37.17 14.09
N LEU A 123 13.52 36.51 13.29
CA LEU A 123 14.01 35.17 13.62
C LEU A 123 14.97 35.24 14.79
N LYS A 124 15.70 36.34 14.88
CA LYS A 124 16.65 36.54 15.97
C LYS A 124 15.86 36.67 17.27
N GLU A 125 14.88 37.57 17.26
CA GLU A 125 14.05 37.78 18.44
C GLU A 125 13.29 36.50 18.77
N ASN A 126 12.95 35.75 17.74
CA ASN A 126 12.21 34.50 17.92
C ASN A 126 13.11 33.38 18.42
N GLY A 127 14.42 33.65 18.45
CA GLY A 127 15.37 32.64 18.91
C GLY A 127 15.35 31.41 18.01
N ILE A 128 15.45 31.65 16.69
CA ILE A 128 15.42 30.58 15.70
C ILE A 128 16.76 30.40 15.00
N ILE A 129 17.36 31.52 14.58
CA ILE A 129 18.65 31.49 13.90
C ILE A 129 19.42 32.75 14.21
N LEU A 130 20.70 32.75 13.85
CA LEU A 130 21.57 33.89 14.08
C LEU A 130 22.55 34.00 12.92
N LYS A 131 22.70 35.21 12.40
CA LYS A 131 23.61 35.44 11.29
C LYS A 131 25.05 35.37 11.83
N GLY A 132 25.86 34.51 11.21
CA GLY A 132 27.23 34.33 11.68
C GLY A 132 28.36 34.89 10.83
N LYS A 133 29.55 34.29 10.99
CA LYS A 133 30.75 34.73 10.27
C LYS A 133 30.65 34.59 8.77
N LYS A 134 31.00 35.67 8.07
CA LYS A 134 30.96 35.71 6.62
C LYS A 134 31.74 34.54 6.00
N GLU A 135 31.72 34.47 4.68
CA GLU A 135 32.42 33.42 3.95
C GLU A 135 32.15 33.55 2.46
N ILE A 136 33.22 33.69 1.69
CA ILE A 136 33.10 33.82 0.25
C ILE A 136 33.15 32.45 -0.41
N ASP A 137 32.56 32.35 -1.58
CA ASP A 137 32.54 31.11 -2.34
C ASP A 137 32.29 31.46 -3.80
N ASN A 138 33.17 30.97 -4.67
CA ASN A 138 33.09 31.22 -6.10
C ASN A 138 32.87 32.70 -6.38
N GLY A 139 33.53 33.55 -5.60
CA GLY A 139 33.41 34.98 -5.79
C GLY A 139 32.08 35.55 -5.31
N LYS A 140 31.51 34.96 -4.26
CA LYS A 140 30.24 35.42 -3.73
C LYS A 140 30.25 35.45 -2.21
N LYS A 141 29.57 36.43 -1.63
CA LYS A 141 29.50 36.60 -0.18
C LYS A 141 28.38 35.79 0.46
N TYR A 142 28.70 35.09 1.55
CA TYR A 142 27.71 34.28 2.27
C TYR A 142 27.93 34.26 3.78
N TYR A 143 26.90 34.67 4.53
CA TYR A 143 27.00 34.67 5.99
C TYR A 143 26.32 33.43 6.53
N LEU A 144 27.06 32.63 7.30
CA LEU A 144 26.52 31.40 7.85
C LEU A 144 25.41 31.67 8.85
N LEU A 145 24.26 31.04 8.65
CA LEU A 145 23.14 31.20 9.56
C LEU A 145 23.15 30.00 10.50
N GLU A 146 23.35 30.26 11.78
CA GLU A 146 23.40 29.19 12.77
C GLU A 146 22.03 28.78 13.29
N SER A 147 21.97 27.59 13.87
CA SER A 147 20.73 27.05 14.44
C SER A 147 21.07 25.84 15.32
N ASN A 148 20.19 25.52 16.26
CA ASN A 148 20.41 24.40 17.16
C ASN A 148 20.24 23.05 16.46
N ASN A 149 20.21 23.09 15.12
CA ASN A 149 20.06 21.90 14.33
C ASN A 149 21.47 21.44 13.94
N GLN A 150 21.78 20.17 14.18
CA GLN A 150 23.11 19.65 13.86
C GLN A 150 23.13 18.82 12.58
N VAL A 151 21.97 18.64 11.95
CA VAL A 151 21.90 17.86 10.72
C VAL A 151 22.19 18.74 9.51
N TYR A 152 21.69 19.97 9.55
CA TYR A 152 21.90 20.90 8.46
C TYR A 152 22.65 22.14 8.92
N GLU A 153 23.13 22.90 7.95
CA GLU A 153 23.84 24.15 8.21
C GLU A 153 23.31 25.09 7.13
N PHE A 154 22.99 26.32 7.51
CA PHE A 154 22.44 27.23 6.53
C PHE A 154 23.36 28.41 6.28
N ARG A 155 23.14 29.09 5.16
CA ARG A 155 23.93 30.25 4.75
C ARG A 155 23.02 31.10 3.87
N ILE A 156 23.32 32.40 3.74
CA ILE A 156 22.51 33.29 2.92
C ILE A 156 23.39 34.17 2.04
N SER A 157 22.94 34.42 0.82
CA SER A 157 23.69 35.24 -0.12
C SER A 157 23.66 36.68 0.35
N ASP A 158 24.32 37.56 -0.40
CA ASP A 158 24.36 38.96 -0.05
C ASP A 158 23.77 39.79 -1.17
N GLU A 159 23.67 39.20 -2.36
CA GLU A 159 23.14 39.87 -3.54
C GLU A 159 21.64 39.69 -3.69
N ASN A 160 21.15 38.51 -3.35
CA ASN A 160 19.73 38.22 -3.47
C ASN A 160 19.13 37.70 -2.18
N ASN A 161 19.91 37.69 -1.11
CA ASN A 161 19.44 37.21 0.18
C ASN A 161 18.86 35.81 0.06
N GLU A 162 19.47 34.99 -0.79
CA GLU A 162 18.99 33.62 -0.99
C GLU A 162 19.65 32.70 0.02
N VAL A 163 18.83 31.90 0.68
CA VAL A 163 19.33 30.97 1.68
C VAL A 163 19.65 29.63 1.04
N GLN A 164 20.69 28.97 1.55
CA GLN A 164 21.11 27.68 1.04
C GLN A 164 21.45 26.80 2.21
N TYR A 165 21.33 25.49 2.02
CA TYR A 165 21.64 24.55 3.07
C TYR A 165 22.37 23.34 2.53
N LYS A 166 22.83 22.49 3.44
CA LYS A 166 23.56 21.28 3.11
C LYS A 166 23.69 20.44 4.37
N THR A 167 24.00 19.17 4.21
CA THR A 167 24.15 18.29 5.35
C THR A 167 25.48 18.54 6.04
N LYS A 168 25.46 18.48 7.37
CA LYS A 168 26.66 18.68 8.16
C LYS A 168 27.43 17.36 8.14
N GLU A 169 28.69 17.45 7.69
CA GLU A 169 29.56 16.28 7.57
C GLU A 169 29.37 15.24 8.67
N GLY A 170 29.13 14.00 8.26
CA GLY A 170 28.91 12.93 9.20
C GLY A 170 27.43 12.60 9.25
N LYS A 171 26.65 13.53 9.78
CA LYS A 171 25.21 13.37 9.90
C LYS A 171 24.58 13.00 8.56
N ILE A 172 23.51 12.22 8.62
CA ILE A 172 22.79 11.79 7.42
C ILE A 172 21.32 12.21 7.48
N THR A 173 20.81 12.76 6.39
CA THR A 173 19.42 13.19 6.32
C THR A 173 18.49 12.03 6.63
N VAL A 174 17.33 12.34 7.20
CA VAL A 174 16.35 11.32 7.53
C VAL A 174 16.10 10.36 6.37
N LEU A 175 16.01 10.91 5.16
CA LEU A 175 15.77 10.10 3.98
C LEU A 175 17.06 9.36 3.56
N GLY A 176 18.16 9.72 4.21
CA GLY A 176 19.43 9.09 3.91
C GLY A 176 20.31 9.85 2.96
N GLU A 177 19.85 11.03 2.54
CA GLU A 177 20.63 11.85 1.64
C GLU A 177 21.83 12.48 2.31
N LYS A 178 22.65 13.12 1.49
CA LYS A 178 23.84 13.79 1.96
C LYS A 178 24.29 14.58 0.75
N PHE A 179 24.29 15.90 0.90
CA PHE A 179 24.66 16.78 -0.19
C PHE A 179 25.37 18.00 0.35
N ASN A 180 25.66 18.93 -0.55
CA ASN A 180 26.35 20.15 -0.20
C ASN A 180 25.54 21.34 -0.67
N TRP A 181 25.98 22.52 -0.23
CA TRP A 181 25.34 23.77 -0.58
C TRP A 181 24.33 23.76 -1.72
N ARG A 182 23.06 23.76 -1.36
CA ARG A 182 21.95 23.78 -2.31
C ARG A 182 20.94 24.79 -1.76
N ASN A 183 20.22 25.44 -2.65
CA ASN A 183 19.22 26.42 -2.24
C ASN A 183 18.05 25.83 -1.47
N ILE A 184 17.43 26.61 -0.61
CA ILE A 184 16.28 26.15 0.13
C ILE A 184 15.08 26.58 -0.68
N GLU A 185 14.36 25.61 -1.21
CA GLU A 185 13.19 25.91 -2.01
C GLU A 185 11.93 25.92 -1.15
N VAL A 186 11.03 26.86 -1.42
CA VAL A 186 9.77 26.96 -0.68
C VAL A 186 8.55 26.86 -1.60
N MET A 187 7.50 26.21 -1.14
CA MET A 187 6.29 26.09 -1.96
C MET A 187 5.72 27.48 -2.23
N ALA A 188 5.20 27.69 -3.42
CA ALA A 188 4.65 28.99 -3.76
C ALA A 188 3.49 28.89 -4.73
N LYS A 189 2.70 29.95 -4.82
CA LYS A 189 1.57 29.99 -5.74
C LYS A 189 1.85 31.08 -6.77
N ASN A 190 1.11 31.04 -7.88
CA ASN A 190 1.27 32.02 -8.93
C ASN A 190 0.39 33.23 -8.62
N VAL A 191 0.93 34.42 -8.81
CA VAL A 191 0.18 35.66 -8.56
C VAL A 191 0.42 36.66 -9.69
N GLU A 192 -0.53 36.70 -10.63
CA GLU A 192 -0.44 37.61 -11.76
C GLU A 192 0.76 37.24 -12.65
N GLY A 193 1.30 36.03 -12.45
CA GLY A 193 2.43 35.59 -13.25
C GLY A 193 3.68 35.29 -12.47
N VAL A 194 3.87 35.96 -11.34
CA VAL A 194 5.05 35.74 -10.50
C VAL A 194 4.78 34.75 -9.37
N LEU A 195 5.78 33.93 -9.08
CA LEU A 195 5.66 32.93 -8.02
C LEU A 195 5.92 33.56 -6.65
N LYS A 196 4.90 33.52 -5.79
CA LYS A 196 5.02 34.09 -4.44
C LYS A 196 4.98 33.01 -3.36
N PRO A 197 5.90 33.09 -2.38
CA PRO A 197 6.04 32.15 -1.25
C PRO A 197 4.76 31.95 -0.46
N LEU A 198 4.67 30.79 0.19
CA LEU A 198 3.48 30.43 0.96
C LEU A 198 3.78 30.20 2.43
N THR A 199 2.78 30.46 3.26
CA THR A 199 2.88 30.26 4.69
C THR A 199 1.59 29.58 5.16
N ALA A 200 1.46 29.36 6.46
CA ALA A 200 0.29 28.69 7.00
C ALA A 200 -1.00 29.48 6.89
N ASP A 201 -2.12 28.77 6.84
CA ASP A 201 -3.43 29.38 6.74
C ASP A 201 -4.20 29.08 8.03
N TYR A 202 -5.03 30.03 8.47
CA TYR A 202 -5.83 29.82 9.68
C TYR A 202 -6.80 28.67 9.41
N ASP A 203 -6.71 27.62 10.20
CA ASP A 203 -7.56 26.47 10.01
C ASP A 203 -8.61 26.37 11.09
N LEU A 204 -9.86 26.46 10.66
CA LEU A 204 -11.00 26.39 11.57
C LEU A 204 -11.13 25.00 12.14
N PHE A 205 -11.32 24.93 13.46
CA PHE A 205 -11.51 23.66 14.11
C PHE A 205 -13.02 23.40 14.11
N ALA A 206 -13.78 24.48 14.17
CA ALA A 206 -15.23 24.39 14.18
C ALA A 206 -15.92 25.73 14.03
N LEU A 207 -17.16 25.67 13.60
CA LEU A 207 -18.01 26.84 13.43
C LEU A 207 -19.34 26.43 14.03
N ALA A 208 -19.62 26.93 15.24
CA ALA A 208 -20.86 26.61 15.92
C ALA A 208 -21.76 27.82 15.98
N PRO A 209 -22.70 27.94 15.04
CA PRO A 209 -23.62 29.08 15.00
C PRO A 209 -24.83 28.75 15.87
N SER A 210 -25.54 29.78 16.32
CA SER A 210 -26.72 29.57 17.16
C SER A 210 -27.86 29.17 16.23
N LEU A 211 -28.80 28.38 16.75
CA LEU A 211 -29.92 27.95 15.93
C LEU A 211 -30.62 29.14 15.31
N THR A 212 -30.63 30.26 16.03
CA THR A 212 -31.28 31.46 15.55
C THR A 212 -30.56 31.98 14.31
N GLU A 213 -29.26 31.73 14.25
CA GLU A 213 -28.45 32.17 13.13
C GLU A 213 -28.71 31.24 11.93
N ILE A 214 -29.06 30.00 12.22
CA ILE A 214 -29.35 29.03 11.17
C ILE A 214 -30.67 29.30 10.47
N LYS A 215 -31.67 29.68 11.25
CA LYS A 215 -32.99 29.99 10.71
C LYS A 215 -32.85 30.91 9.51
N LYS A 216 -32.10 31.99 9.70
CA LYS A 216 -31.88 32.96 8.63
C LYS A 216 -31.47 32.28 7.35
N GLN A 217 -30.88 31.10 7.47
CA GLN A 217 -30.44 30.36 6.31
C GLN A 217 -31.65 29.80 5.60
N ILE A 218 -32.67 29.43 6.38
CA ILE A 218 -33.90 28.85 5.86
C ILE A 218 -34.78 29.90 5.20
N PRO A 219 -35.16 29.68 3.93
CA PRO A 219 -36.00 30.60 3.18
C PRO A 219 -37.39 30.74 3.82
N GLN A 220 -37.84 31.98 3.98
CA GLN A 220 -39.12 32.26 4.60
C GLN A 220 -40.30 31.77 3.76
N LYS A 221 -40.29 30.48 3.48
CA LYS A 221 -41.34 29.84 2.70
C LYS A 221 -41.34 28.37 3.06
N GLU A 222 -40.20 27.73 2.86
CA GLU A 222 -40.05 26.32 3.20
C GLU A 222 -40.39 26.17 4.67
N TRP A 223 -39.96 27.15 5.46
CA TRP A 223 -40.21 27.11 6.90
C TRP A 223 -41.69 27.24 7.19
N ASP A 224 -42.33 28.22 6.55
CA ASP A 224 -43.76 28.44 6.75
C ASP A 224 -44.56 27.22 6.32
N LYS A 225 -44.18 26.62 5.20
CA LYS A 225 -44.88 25.42 4.73
C LYS A 225 -44.82 24.32 5.79
N VAL A 226 -43.63 24.12 6.36
CA VAL A 226 -43.44 23.10 7.37
C VAL A 226 -44.25 23.44 8.62
N VAL A 227 -43.94 24.57 9.24
CA VAL A 227 -44.63 25.02 10.44
C VAL A 227 -46.13 24.80 10.33
N ASN A 228 -46.70 25.22 9.21
CA ASN A 228 -48.13 25.09 8.96
C ASN A 228 -48.51 23.75 8.33
N THR A 229 -48.50 22.70 9.13
CA THR A 229 -48.86 21.37 8.66
C THR A 229 -49.76 20.69 9.68
N PRO A 230 -50.90 20.15 9.23
CA PRO A 230 -51.85 19.47 10.12
C PRO A 230 -51.18 18.39 10.98
N ASN A 231 -50.57 17.41 10.31
CA ASN A 231 -49.91 16.32 11.01
C ASN A 231 -48.79 16.82 11.91
N SER A 232 -48.60 16.15 13.04
CA SER A 232 -47.57 16.52 14.00
C SER A 232 -46.20 15.94 13.67
N LEU A 233 -46.20 14.71 13.17
CA LEU A 233 -44.96 14.03 12.82
C LEU A 233 -44.35 14.54 11.51
N GLU A 234 -45.17 14.60 10.45
CA GLU A 234 -44.69 15.08 9.17
C GLU A 234 -44.11 16.48 9.35
N LYS A 235 -44.58 17.19 10.36
CA LYS A 235 -44.10 18.53 10.66
C LYS A 235 -42.71 18.42 11.26
N GLN A 236 -42.65 17.79 12.43
CA GLN A 236 -41.40 17.59 13.16
C GLN A 236 -40.28 17.15 12.23
N LYS A 237 -40.55 16.15 11.41
CA LYS A 237 -39.57 15.64 10.46
C LYS A 237 -39.15 16.75 9.50
N GLY A 238 -40.13 17.32 8.81
CA GLY A 238 -39.84 18.39 7.87
C GLY A 238 -39.08 19.52 8.54
N VAL A 239 -39.16 19.58 9.87
CA VAL A 239 -38.47 20.61 10.63
C VAL A 239 -37.00 20.26 10.77
N THR A 240 -36.73 18.99 11.01
CA THR A 240 -35.37 18.52 11.15
C THR A 240 -34.67 18.59 9.81
N ASN A 241 -35.39 18.23 8.74
CA ASN A 241 -34.80 18.29 7.41
C ASN A 241 -34.38 19.71 7.09
N LEU A 242 -35.18 20.68 7.50
CA LEU A 242 -34.84 22.08 7.27
C LEU A 242 -33.54 22.37 8.00
N LEU A 243 -33.40 21.79 9.18
CA LEU A 243 -32.20 21.97 10.00
C LEU A 243 -31.00 21.33 9.31
N ILE A 244 -31.18 20.10 8.84
CA ILE A 244 -30.12 19.38 8.17
C ILE A 244 -29.71 20.09 6.87
N LYS A 245 -30.68 20.32 6.01
CA LYS A 245 -30.46 20.96 4.72
C LYS A 245 -29.80 22.34 4.77
N TYR A 246 -30.20 23.15 5.74
CA TYR A 246 -29.65 24.50 5.86
C TYR A 246 -28.65 24.66 6.99
N GLY A 247 -28.51 23.64 7.82
CA GLY A 247 -27.58 23.72 8.93
C GLY A 247 -26.50 22.64 9.00
N ILE A 248 -26.91 21.38 9.07
CA ILE A 248 -25.99 20.25 9.19
C ILE A 248 -25.32 19.80 7.89
N GLU A 249 -26.12 19.66 6.85
CA GLU A 249 -25.63 19.20 5.56
C GLU A 249 -24.38 19.89 5.03
N ARG A 250 -23.40 19.08 4.65
CA ARG A 250 -22.13 19.57 4.08
C ARG A 250 -21.93 18.98 2.70
N LYS A 251 -21.13 19.65 1.89
CA LYS A 251 -20.83 19.20 0.55
C LYS A 251 -19.37 19.43 0.21
N PRO A 252 -18.83 18.63 -0.70
CA PRO A 252 -17.43 18.76 -1.11
C PRO A 252 -17.24 19.87 -2.14
N ASP A 253 -16.39 20.83 -1.81
CA ASP A 253 -16.11 21.95 -2.71
C ASP A 253 -14.87 21.57 -3.50
N SER A 254 -14.65 22.26 -4.61
CA SER A 254 -13.50 21.97 -5.45
C SER A 254 -12.15 22.40 -4.89
N THR A 255 -12.14 23.42 -4.04
CA THR A 255 -10.89 23.92 -3.48
C THR A 255 -10.92 24.27 -2.00
N LYS A 256 -12.10 24.29 -1.41
CA LYS A 256 -12.24 24.65 0.00
C LYS A 256 -12.50 23.44 0.91
N GLY A 257 -12.31 22.25 0.37
CA GLY A 257 -12.54 21.05 1.16
C GLY A 257 -14.02 20.81 1.38
N THR A 258 -14.36 19.98 2.34
CA THR A 258 -15.75 19.69 2.63
C THR A 258 -16.31 20.67 3.65
N LEU A 259 -17.30 21.48 3.25
CA LEU A 259 -17.94 22.42 4.14
C LEU A 259 -19.36 22.75 3.67
N SER A 260 -20.17 23.24 4.59
CA SER A 260 -21.56 23.60 4.29
C SER A 260 -21.58 24.94 3.57
N ASN A 261 -22.76 25.37 3.16
CA ASN A 261 -22.88 26.65 2.47
C ASN A 261 -22.79 27.83 3.41
N TRP A 262 -23.31 27.69 4.63
CA TRP A 262 -23.23 28.81 5.56
C TRP A 262 -21.79 28.93 6.02
N GLN A 263 -21.05 27.82 5.96
CA GLN A 263 -19.65 27.84 6.35
C GLN A 263 -18.87 28.57 5.28
N LYS A 264 -19.21 28.34 4.02
CA LYS A 264 -18.55 29.02 2.90
C LYS A 264 -18.71 30.51 3.09
N GLN A 265 -19.92 30.94 3.44
CA GLN A 265 -20.21 32.36 3.65
C GLN A 265 -19.32 32.87 4.78
N MET A 266 -19.24 32.08 5.84
CA MET A 266 -18.42 32.42 6.99
C MET A 266 -16.99 32.72 6.54
N LEU A 267 -16.40 31.78 5.80
CA LEU A 267 -15.03 31.92 5.28
C LEU A 267 -14.88 33.26 4.57
N ASP A 268 -15.76 33.50 3.62
CA ASP A 268 -15.73 34.74 2.87
C ASP A 268 -15.77 35.91 3.84
N ARG A 269 -16.72 35.89 4.76
CA ARG A 269 -16.82 36.98 5.73
C ARG A 269 -15.47 37.14 6.41
N LEU A 270 -14.94 36.03 6.94
CA LEU A 270 -13.66 36.07 7.63
C LEU A 270 -12.56 36.66 6.76
N ASN A 271 -12.42 36.16 5.54
CA ASN A 271 -11.38 36.69 4.67
C ASN A 271 -11.64 38.14 4.29
N GLU A 272 -12.91 38.49 4.14
CA GLU A 272 -13.26 39.87 3.81
C GLU A 272 -12.84 40.73 4.99
N ALA A 273 -13.06 40.19 6.19
CA ALA A 273 -12.71 40.89 7.42
C ALA A 273 -11.23 41.25 7.45
N VAL A 274 -10.37 40.26 7.25
CA VAL A 274 -8.93 40.50 7.29
C VAL A 274 -8.48 41.43 6.17
N LYS A 275 -8.93 41.17 4.94
CA LYS A 275 -8.54 41.99 3.81
C LYS A 275 -8.78 43.46 4.09
N TYR A 276 -9.81 43.75 4.88
CA TYR A 276 -10.14 45.12 5.24
C TYR A 276 -9.09 45.69 6.20
N THR A 277 -8.56 44.84 7.09
CA THR A 277 -7.55 45.29 8.05
C THR A 277 -6.19 45.47 7.37
N GLY A 278 -6.18 45.42 6.04
CA GLY A 278 -4.93 45.60 5.32
C GLY A 278 -4.22 44.39 4.74
N TYR A 279 -4.53 43.18 5.19
CA TYR A 279 -3.87 41.98 4.65
C TYR A 279 -4.01 41.97 3.13
N THR A 280 -2.93 41.64 2.44
CA THR A 280 -2.94 41.65 0.99
C THR A 280 -2.57 40.34 0.31
N GLY A 281 -2.42 39.27 1.09
CA GLY A 281 -2.05 37.99 0.50
C GLY A 281 -3.24 37.15 0.06
N GLY A 282 -4.41 37.78 -0.03
CA GLY A 282 -5.60 37.06 -0.43
C GLY A 282 -6.34 36.48 0.76
N ASP A 283 -6.81 35.24 0.63
CA ASP A 283 -7.53 34.60 1.71
C ASP A 283 -6.55 34.10 2.76
N VAL A 284 -7.02 34.07 4.00
CA VAL A 284 -6.22 33.65 5.14
C VAL A 284 -6.89 32.41 5.73
N VAL A 285 -8.14 32.19 5.34
CA VAL A 285 -8.90 31.01 5.77
C VAL A 285 -9.24 30.37 4.44
N ASN A 286 -8.70 29.18 4.19
CA ASN A 286 -8.92 28.56 2.89
C ASN A 286 -9.74 27.30 2.79
N HIS A 287 -10.28 26.80 3.88
CA HIS A 287 -11.04 25.56 3.76
C HIS A 287 -11.91 25.23 4.96
N GLY A 288 -12.84 24.31 4.76
CA GLY A 288 -13.75 23.92 5.82
C GLY A 288 -13.11 23.65 7.16
N THR A 289 -13.95 23.41 8.16
CA THR A 289 -13.52 23.15 9.52
C THR A 289 -12.97 21.74 9.72
N GLU A 290 -12.20 21.57 10.79
CA GLU A 290 -11.59 20.30 11.14
C GLU A 290 -12.63 19.20 11.32
N GLN A 291 -13.84 19.58 11.70
CA GLN A 291 -14.87 18.58 11.94
C GLN A 291 -15.32 17.87 10.68
N ASP A 292 -14.69 18.21 9.56
CA ASP A 292 -15.00 17.57 8.29
C ASP A 292 -13.77 16.92 7.71
N ASN A 293 -12.65 17.11 8.40
CA ASN A 293 -11.41 16.51 7.98
C ASN A 293 -11.55 15.12 8.58
N GLU A 294 -12.28 14.28 7.88
CA GLU A 294 -12.56 12.94 8.35
C GLU A 294 -11.45 11.97 8.01
N GLU A 295 -10.74 12.24 6.92
CA GLU A 295 -9.67 11.36 6.49
C GLU A 295 -8.41 11.50 7.31
N PHE A 296 -8.01 12.74 7.58
CA PHE A 296 -6.79 12.98 8.33
C PHE A 296 -6.99 13.88 9.51
N PRO A 297 -7.91 13.51 10.42
CA PRO A 297 -8.20 14.31 11.61
C PRO A 297 -6.96 14.72 12.39
N GLU A 298 -7.02 15.93 12.95
CA GLU A 298 -5.91 16.46 13.75
C GLU A 298 -6.40 16.70 15.17
N LYS A 299 -5.86 15.97 16.15
CA LYS A 299 -6.26 16.18 17.53
C LYS A 299 -5.30 17.19 18.19
N ASP A 300 -5.66 18.47 18.15
CA ASP A 300 -4.85 19.53 18.74
C ASP A 300 -5.21 19.80 20.19
N ASN A 301 -4.20 20.10 21.01
CA ASN A 301 -4.44 20.35 22.42
C ASN A 301 -5.00 21.72 22.72
N GLU A 302 -4.57 22.72 21.97
CA GLU A 302 -5.06 24.06 22.22
C GLU A 302 -5.91 24.66 21.10
N ILE A 303 -7.22 24.69 21.33
CA ILE A 303 -8.15 25.26 20.37
C ILE A 303 -8.41 26.72 20.76
N PHE A 304 -8.28 27.63 19.81
CA PHE A 304 -8.52 29.04 20.07
C PHE A 304 -9.97 29.31 19.76
N ILE A 305 -10.69 29.83 20.75
CA ILE A 305 -12.11 30.10 20.58
C ILE A 305 -12.49 31.56 20.69
N ILE A 306 -13.42 31.97 19.85
CA ILE A 306 -13.92 33.33 19.85
C ILE A 306 -15.44 33.18 19.97
N ASN A 307 -15.96 33.30 21.19
CA ASN A 307 -17.39 33.13 21.42
C ASN A 307 -18.18 34.34 20.94
N PRO A 308 -19.50 34.18 20.74
CA PRO A 308 -20.37 35.26 20.26
C PRO A 308 -20.19 36.61 20.95
N GLU A 309 -19.66 36.61 22.17
CA GLU A 309 -19.44 37.86 22.88
C GLU A 309 -18.14 38.53 22.41
N GLY A 310 -17.49 37.93 21.41
CA GLY A 310 -16.26 38.48 20.90
C GLY A 310 -15.09 38.29 21.84
N GLU A 311 -15.27 37.43 22.83
CA GLU A 311 -14.23 37.13 23.80
C GLU A 311 -13.25 36.07 23.27
N PHE A 312 -12.06 36.03 23.83
CA PHE A 312 -11.05 35.05 23.41
C PHE A 312 -10.81 33.98 24.48
N ILE A 313 -10.90 32.73 24.08
CA ILE A 313 -10.67 31.63 24.99
C ILE A 313 -9.76 30.60 24.30
N LEU A 314 -8.95 29.92 25.09
CA LEU A 314 -8.07 28.90 24.53
C LEU A 314 -7.96 27.69 25.44
N THR A 315 -8.65 26.61 25.06
CA THR A 315 -8.63 25.37 25.82
C THR A 315 -7.20 24.82 25.90
N LYS A 316 -6.89 24.14 27.00
CA LYS A 316 -5.54 23.60 27.22
C LYS A 316 -5.36 22.15 26.78
N ASN A 317 -6.43 21.36 26.78
CA ASN A 317 -6.34 19.97 26.40
C ASN A 317 -7.62 19.45 25.75
N TRP A 318 -7.48 18.43 24.93
CA TRP A 318 -8.61 17.86 24.21
C TRP A 318 -9.84 17.62 25.07
N GLU A 319 -9.65 17.30 26.33
CA GLU A 319 -10.80 17.05 27.19
C GLU A 319 -11.45 18.38 27.51
N MET A 320 -10.64 19.39 27.81
CA MET A 320 -11.15 20.72 28.13
C MET A 320 -11.93 21.27 26.95
N THR A 321 -11.41 21.04 25.75
CA THR A 321 -12.08 21.48 24.53
C THR A 321 -13.44 20.78 24.46
N GLY A 322 -13.48 19.52 24.89
CA GLY A 322 -14.73 18.78 24.88
C GLY A 322 -15.73 19.31 25.88
N ARG A 323 -15.23 19.72 27.04
CA ARG A 323 -16.09 20.27 28.08
C ARG A 323 -16.70 21.56 27.57
N PHE A 324 -15.82 22.49 27.20
CA PHE A 324 -16.25 23.79 26.69
C PHE A 324 -17.33 23.69 25.65
N ILE A 325 -17.17 22.79 24.70
CA ILE A 325 -18.14 22.63 23.64
C ILE A 325 -19.48 22.19 24.21
N GLU A 326 -19.43 21.33 25.23
CA GLU A 326 -20.64 20.81 25.86
C GLU A 326 -21.43 21.82 26.70
N LYS A 327 -20.74 22.46 27.63
CA LYS A 327 -21.34 23.40 28.55
C LYS A 327 -21.54 24.80 27.97
N ASN A 328 -21.05 25.07 26.77
CA ASN A 328 -21.20 26.41 26.23
C ASN A 328 -21.71 26.47 24.79
N ILE A 329 -21.66 25.34 24.11
CA ILE A 329 -22.08 25.29 22.72
C ILE A 329 -23.12 24.23 22.46
N THR A 330 -22.69 22.98 22.55
CA THR A 330 -23.52 21.82 22.25
C THR A 330 -24.83 21.65 23.01
N GLY A 331 -24.82 21.94 24.31
CA GLY A 331 -26.05 21.81 25.07
C GLY A 331 -26.57 23.20 25.40
N LYS A 332 -26.39 24.13 24.48
CA LYS A 332 -26.81 25.50 24.72
C LYS A 332 -27.39 26.22 23.51
N ASP A 333 -28.23 25.54 22.76
CA ASP A 333 -28.88 26.13 21.59
C ASP A 333 -27.95 26.61 20.47
N TYR A 334 -26.92 25.84 20.14
CA TYR A 334 -26.01 26.21 19.06
C TYR A 334 -25.79 25.02 18.16
N LEU A 335 -25.97 25.20 16.86
CA LEU A 335 -25.75 24.12 15.91
C LEU A 335 -24.30 23.68 15.99
N TYR A 336 -24.09 22.38 16.14
CA TYR A 336 -22.75 21.83 16.22
C TYR A 336 -22.73 20.36 15.85
N TYR A 337 -21.67 19.96 15.17
CA TYR A 337 -21.49 18.57 14.79
C TYR A 337 -20.01 18.30 14.88
N PHE A 338 -19.66 17.20 15.52
CA PHE A 338 -18.26 16.83 15.64
C PHE A 338 -17.86 15.88 14.53
N ASN A 339 -16.60 15.94 14.14
CA ASN A 339 -16.03 15.08 13.10
C ASN A 339 -16.61 13.66 13.18
N ARG A 340 -17.10 13.15 12.05
CA ARG A 340 -17.68 11.80 12.02
C ARG A 340 -16.66 10.71 12.29
N SER A 341 -15.39 11.00 12.04
CA SER A 341 -14.34 10.02 12.26
C SER A 341 -13.99 9.82 13.73
N TYR A 342 -14.45 10.70 14.60
CA TYR A 342 -14.16 10.56 16.03
C TYR A 342 -14.79 9.27 16.55
N ASN A 343 -14.21 8.72 17.62
CA ASN A 343 -14.70 7.47 18.22
C ASN A 343 -14.51 6.29 17.27
N LYS A 344 -13.84 6.54 16.16
CA LYS A 344 -13.57 5.51 15.16
C LYS A 344 -12.12 5.67 14.66
N ILE A 345 -11.68 4.75 13.79
CA ILE A 345 -10.32 4.85 13.27
C ILE A 345 -10.31 5.62 11.96
N ALA A 346 -9.74 6.82 12.00
CA ALA A 346 -9.68 7.64 10.80
C ALA A 346 -9.05 6.87 9.64
N PRO A 347 -9.72 6.87 8.49
CA PRO A 347 -9.31 6.18 7.26
C PRO A 347 -7.88 6.51 6.79
N GLY A 348 -7.59 7.80 6.65
CA GLY A 348 -6.27 8.21 6.18
C GLY A 348 -5.15 7.99 7.17
N ASN A 349 -5.04 8.89 8.14
CA ASN A 349 -3.99 8.81 9.16
C ASN A 349 -4.21 7.73 10.23
N LYS A 350 -5.29 6.96 10.10
CA LYS A 350 -5.56 5.90 11.07
C LYS A 350 -5.62 6.42 12.51
N ALA A 351 -6.05 7.65 12.68
CA ALA A 351 -6.15 8.24 14.01
C ALA A 351 -7.42 7.83 14.73
N TYR A 352 -7.31 7.69 16.05
CA TYR A 352 -8.45 7.32 16.87
C TYR A 352 -8.69 8.42 17.88
N ILE A 353 -9.47 9.41 17.48
CA ILE A 353 -9.76 10.54 18.36
C ILE A 353 -11.13 10.32 19.00
N GLU A 354 -11.14 10.17 20.32
CA GLU A 354 -12.36 9.95 21.08
C GLU A 354 -13.14 11.22 21.36
N TRP A 355 -14.45 11.09 21.41
CA TRP A 355 -15.34 12.22 21.65
C TRP A 355 -16.62 11.69 22.29
N THR A 356 -17.21 12.46 23.20
CA THR A 356 -18.42 12.02 23.87
C THR A 356 -19.70 12.14 23.05
N ASP A 357 -20.19 10.99 22.59
CA ASP A 357 -21.41 10.90 21.80
C ASP A 357 -22.53 10.48 22.73
N PRO A 358 -23.53 11.36 22.92
CA PRO A 358 -24.65 11.04 23.81
C PRO A 358 -25.43 9.80 23.39
N ILE A 359 -25.51 9.55 22.09
CA ILE A 359 -26.27 8.40 21.59
C ILE A 359 -25.75 7.07 22.11
N THR A 360 -24.45 6.97 22.33
CA THR A 360 -23.87 5.72 22.82
C THR A 360 -24.19 5.53 24.30
N LYS A 361 -24.26 6.64 25.03
CA LYS A 361 -24.57 6.60 26.45
C LYS A 361 -25.86 5.82 26.68
N ALA A 362 -26.80 6.02 25.76
CA ALA A 362 -28.11 5.38 25.83
C ALA A 362 -28.19 4.05 25.10
N LYS A 363 -27.15 3.71 24.36
CA LYS A 363 -27.15 2.45 23.62
C LYS A 363 -27.39 1.32 24.62
N ILE A 364 -26.77 1.45 25.79
CA ILE A 364 -26.89 0.45 26.84
C ILE A 364 -28.33 0.07 27.21
N ASN A 365 -29.21 1.07 27.31
CA ASN A 365 -30.59 0.80 27.70
C ASN A 365 -31.55 0.56 26.55
N THR A 366 -31.30 1.18 25.41
CA THR A 366 -32.17 0.99 24.27
C THR A 366 -31.85 -0.33 23.59
N ILE A 367 -32.84 -0.96 22.98
CA ILE A 367 -32.60 -2.22 22.29
C ILE A 367 -32.36 -1.90 20.82
N PRO A 368 -31.44 -2.63 20.19
CA PRO A 368 -31.09 -2.45 18.77
C PRO A 368 -32.29 -2.52 17.85
N THR A 369 -32.20 -1.84 16.72
CA THR A 369 -33.27 -1.88 15.73
C THR A 369 -33.01 -3.12 14.90
N SER A 370 -33.54 -3.15 13.68
CA SER A 370 -33.33 -4.31 12.81
C SER A 370 -31.99 -4.14 12.08
N ALA A 371 -31.85 -3.01 11.39
CA ALA A 371 -30.63 -2.71 10.65
C ALA A 371 -29.41 -2.71 11.57
N GLU A 372 -29.63 -2.42 12.85
CA GLU A 372 -28.55 -2.41 13.83
C GLU A 372 -28.21 -3.85 14.21
N PHE A 373 -29.16 -4.75 14.01
CA PHE A 373 -28.92 -6.16 14.33
C PHE A 373 -28.11 -6.74 13.19
N ILE A 374 -28.51 -6.40 11.97
CA ILE A 374 -27.83 -6.87 10.78
C ILE A 374 -26.47 -6.19 10.62
N LYS A 375 -26.45 -4.86 10.72
CA LYS A 375 -25.20 -4.12 10.60
C LYS A 375 -24.24 -4.50 11.72
N ASN A 376 -24.57 -5.57 12.43
CA ASN A 376 -23.75 -6.08 13.51
C ASN A 376 -23.58 -7.57 13.30
N LEU A 377 -24.03 -8.04 12.15
CA LEU A 377 -23.92 -9.43 11.76
C LEU A 377 -23.04 -9.41 10.52
N SER A 378 -22.84 -8.22 10.00
CA SER A 378 -22.01 -7.99 8.82
C SER A 378 -20.64 -7.51 9.27
N SER A 379 -20.64 -6.44 10.06
CA SER A 379 -19.39 -5.88 10.58
C SER A 379 -18.82 -6.87 11.59
N ILE A 380 -19.68 -7.76 12.09
CA ILE A 380 -19.27 -8.76 13.05
C ILE A 380 -18.74 -9.97 12.27
N ARG A 381 -19.07 -10.03 10.99
CA ARG A 381 -18.61 -11.13 10.15
C ARG A 381 -17.35 -10.69 9.43
N ARG A 382 -16.41 -10.18 10.22
CA ARG A 382 -15.11 -9.73 9.74
C ARG A 382 -14.10 -10.72 10.30
N SER A 383 -14.26 -11.03 11.58
CA SER A 383 -13.38 -11.98 12.25
C SER A 383 -14.00 -13.37 12.12
N SER A 384 -14.58 -13.63 10.95
CA SER A 384 -15.23 -14.91 10.66
C SER A 384 -15.67 -14.97 9.21
N SER A 403 -31.02 -20.24 12.46
CA SER A 403 -31.47 -19.45 11.34
C SER A 403 -32.78 -18.76 11.66
N VAL A 404 -32.79 -18.01 12.77
CA VAL A 404 -33.97 -17.30 13.19
C VAL A 404 -33.91 -15.81 12.86
N LYS A 405 -34.65 -15.43 11.81
CA LYS A 405 -34.71 -14.04 11.37
C LYS A 405 -35.82 -13.36 12.15
N LYS A 406 -36.46 -14.14 13.03
CA LYS A 406 -37.55 -13.64 13.87
C LYS A 406 -37.08 -12.49 14.75
N ILE A 407 -35.82 -12.56 15.18
CA ILE A 407 -35.27 -11.50 16.03
C ILE A 407 -35.17 -10.20 15.25
N ALA A 408 -34.61 -10.27 14.05
CA ALA A 408 -34.48 -9.09 13.21
C ALA A 408 -35.85 -8.56 12.88
N GLY A 409 -36.86 -9.40 13.10
CA GLY A 409 -38.23 -9.00 12.83
C GLY A 409 -38.83 -8.37 14.07
N TYR A 410 -38.77 -9.10 15.18
CA TYR A 410 -39.29 -8.62 16.46
C TYR A 410 -38.81 -7.20 16.75
N LEU A 411 -37.51 -6.98 16.53
CA LEU A 411 -36.94 -5.66 16.77
C LEU A 411 -37.60 -4.70 15.80
N SER A 412 -37.89 -5.19 14.60
CA SER A 412 -38.51 -4.38 13.56
C SER A 412 -39.97 -4.11 13.95
N ASP A 413 -40.43 -4.83 14.98
CA ASP A 413 -41.80 -4.65 15.46
C ASP A 413 -41.78 -3.71 16.64
N TYR A 414 -40.77 -3.84 17.49
CA TYR A 414 -40.64 -2.98 18.66
C TYR A 414 -40.60 -1.53 18.19
N TYR A 415 -39.86 -1.27 17.12
CA TYR A 415 -39.76 0.08 16.59
C TYR A 415 -40.72 0.23 15.41
N ASN A 416 -41.97 -0.12 15.64
CA ASN A 416 -43.01 -0.03 14.61
C ASN A 416 -43.67 1.35 14.59
N SER A 417 -43.36 2.13 13.57
CA SER A 417 -43.89 3.48 13.42
C SER A 417 -45.41 3.54 13.24
N ALA A 418 -46.09 2.47 13.64
CA ALA A 418 -47.55 2.43 13.53
C ALA A 418 -48.14 2.61 14.91
N ASN A 419 -47.28 2.62 15.92
CA ASN A 419 -47.69 2.78 17.31
C ASN A 419 -48.17 4.20 17.64
N HIS A 420 -48.24 5.08 16.64
CA HIS A 420 -48.65 6.45 16.88
C HIS A 420 -50.17 6.63 17.03
N ILE A 421 -50.88 5.53 17.25
CA ILE A 421 -52.33 5.59 17.46
C ILE A 421 -52.56 5.12 18.89
N PHE A 422 -51.70 4.21 19.34
CA PHE A 422 -51.80 3.69 20.70
C PHE A 422 -51.45 4.77 21.72
N SER A 423 -51.49 4.39 22.99
CA SER A 423 -51.21 5.31 24.08
C SER A 423 -49.96 4.85 24.82
N GLN A 424 -49.37 5.75 25.60
CA GLN A 424 -48.18 5.42 26.37
C GLN A 424 -48.47 4.18 27.20
N GLU A 425 -49.64 4.15 27.82
CA GLU A 425 -50.05 3.00 28.62
C GLU A 425 -49.96 1.76 27.74
N LYS A 426 -50.51 1.88 26.52
CA LYS A 426 -50.52 0.78 25.57
C LYS A 426 -49.13 0.49 25.05
N LYS A 427 -48.55 1.47 24.34
CA LYS A 427 -47.21 1.34 23.79
C LYS A 427 -46.34 0.53 24.74
N ARG A 428 -46.12 1.07 25.93
CA ARG A 428 -45.31 0.37 26.93
C ARG A 428 -45.67 -1.12 26.97
N LYS A 429 -46.95 -1.42 27.15
CA LYS A 429 -47.43 -2.80 27.21
C LYS A 429 -46.91 -3.67 26.06
N ILE A 430 -47.21 -3.27 24.83
CA ILE A 430 -46.78 -4.02 23.66
C ILE A 430 -45.28 -3.97 23.40
N SER A 431 -44.62 -2.90 23.84
CA SER A 431 -43.18 -2.79 23.66
C SER A 431 -42.52 -3.78 24.61
N ILE A 432 -43.02 -3.81 25.84
CA ILE A 432 -42.50 -4.72 26.85
C ILE A 432 -42.67 -6.16 26.37
N PHE A 433 -43.69 -6.40 25.56
CA PHE A 433 -43.94 -7.73 25.05
C PHE A 433 -43.03 -7.97 23.85
N ARG A 434 -43.26 -7.20 22.78
CA ARG A 434 -42.47 -7.30 21.57
C ARG A 434 -41.00 -7.47 21.93
N GLY A 435 -40.61 -6.85 23.04
CA GLY A 435 -39.24 -6.93 23.50
C GLY A 435 -38.91 -8.30 24.04
N ILE A 436 -39.67 -8.77 25.01
CA ILE A 436 -39.41 -10.09 25.58
C ILE A 436 -39.52 -11.14 24.48
N GLN A 437 -40.26 -10.81 23.42
CA GLN A 437 -40.40 -11.73 22.30
C GLN A 437 -39.01 -11.97 21.75
N ALA A 438 -38.23 -10.89 21.65
CA ALA A 438 -36.87 -10.95 21.15
C ALA A 438 -35.95 -11.58 22.21
N TYR A 439 -36.12 -11.18 23.46
CA TYR A 439 -35.31 -11.71 24.55
C TYR A 439 -35.49 -13.23 24.61
N ASN A 440 -36.41 -13.74 23.83
CA ASN A 440 -36.68 -15.17 23.81
C ASN A 440 -36.10 -15.77 22.54
N GLU A 441 -36.42 -15.15 21.41
CA GLU A 441 -35.92 -15.63 20.13
C GLU A 441 -34.41 -15.45 20.05
N ILE A 442 -33.84 -14.87 21.10
CA ILE A 442 -32.41 -14.64 21.21
C ILE A 442 -31.86 -15.60 22.25
N GLU A 443 -32.69 -15.94 23.23
CA GLU A 443 -32.29 -16.85 24.29
C GLU A 443 -32.14 -18.27 23.75
N ASN A 444 -32.93 -18.60 22.73
CA ASN A 444 -32.88 -19.93 22.13
C ASN A 444 -31.71 -20.03 21.17
N VAL A 445 -31.42 -18.94 20.46
CA VAL A 445 -30.31 -18.92 19.52
C VAL A 445 -29.05 -19.29 20.28
N LEU A 446 -28.99 -18.86 21.54
CA LEU A 446 -27.86 -19.17 22.39
C LEU A 446 -27.91 -20.65 22.73
N LYS A 447 -28.61 -21.42 21.90
CA LYS A 447 -28.69 -22.85 22.15
C LYS A 447 -28.31 -23.78 20.99
N SER A 448 -27.67 -23.26 19.97
CA SER A 448 -27.18 -24.14 18.91
C SER A 448 -26.03 -24.32 19.84
N LYS A 449 -25.83 -25.49 20.49
CA LYS A 449 -24.73 -25.69 21.47
C LYS A 449 -24.03 -24.37 21.64
N GLN A 450 -23.24 -24.06 20.62
CA GLN A 450 -22.52 -22.82 20.54
C GLN A 450 -22.37 -22.53 19.05
N ILE A 451 -21.69 -21.45 18.75
CA ILE A 451 -21.39 -21.01 17.39
C ILE A 451 -20.38 -19.93 17.69
N ALA A 452 -19.46 -19.65 16.76
CA ALA A 452 -18.44 -18.62 16.97
C ALA A 452 -18.68 -17.83 18.25
N PRO A 453 -18.05 -18.22 19.36
CA PRO A 453 -18.18 -17.58 20.67
C PRO A 453 -18.10 -16.05 20.64
N GLU A 454 -17.75 -15.50 19.48
CA GLU A 454 -17.66 -14.05 19.34
C GLU A 454 -19.05 -13.51 19.01
N TYR A 455 -20.00 -14.44 18.87
CA TYR A 455 -21.40 -14.09 18.60
C TYR A 455 -22.20 -14.33 19.87
N LYS A 456 -21.67 -15.22 20.72
CA LYS A 456 -22.31 -15.54 21.99
C LYS A 456 -22.47 -14.26 22.80
N ASN A 457 -21.39 -13.48 22.88
CA ASN A 457 -21.41 -12.23 23.63
C ASN A 457 -22.29 -11.14 23.03
N TYR A 458 -22.44 -11.13 21.71
CA TYR A 458 -23.28 -10.14 21.08
C TYR A 458 -24.68 -10.25 21.66
N PHE A 459 -25.26 -11.45 21.54
CA PHE A 459 -26.60 -11.69 22.06
C PHE A 459 -26.61 -11.56 23.57
N GLN A 460 -25.64 -12.18 24.23
CA GLN A 460 -25.54 -12.11 25.68
C GLN A 460 -25.54 -10.66 26.12
N TYR A 461 -25.10 -9.79 25.21
CA TYR A 461 -25.05 -8.35 25.46
C TYR A 461 -26.38 -7.76 25.04
N LEU A 462 -26.92 -8.27 23.94
CA LEU A 462 -28.19 -7.81 23.42
C LEU A 462 -29.28 -8.14 24.43
N LYS A 463 -29.15 -9.28 25.09
CA LYS A 463 -30.12 -9.69 26.09
C LYS A 463 -30.16 -8.62 27.17
N GLU A 464 -28.97 -8.24 27.65
CA GLU A 464 -28.86 -7.21 28.67
C GLU A 464 -29.45 -5.93 28.12
N ARG A 465 -29.22 -5.68 26.83
CA ARG A 465 -29.75 -4.48 26.17
C ARG A 465 -31.27 -4.50 26.11
N ILE A 466 -31.85 -5.69 26.12
CA ILE A 466 -33.30 -5.82 26.08
C ILE A 466 -33.83 -5.83 27.50
N THR A 467 -33.05 -6.40 28.41
CA THR A 467 -33.44 -6.44 29.81
C THR A 467 -33.61 -5.00 30.27
N ASN A 468 -32.52 -4.24 30.23
CA ASN A 468 -32.53 -2.86 30.66
C ASN A 468 -33.68 -2.07 30.06
N GLN A 469 -34.02 -2.36 28.81
CA GLN A 469 -35.10 -1.65 28.12
C GLN A 469 -36.48 -1.95 28.70
N VAL A 470 -36.81 -3.23 28.81
CA VAL A 470 -38.09 -3.63 29.36
C VAL A 470 -38.18 -3.24 30.83
N GLN A 471 -37.21 -3.69 31.63
CA GLN A 471 -37.16 -3.39 33.07
C GLN A 471 -37.19 -1.89 33.33
N LEU A 472 -37.14 -1.10 32.26
CA LEU A 472 -37.19 0.35 32.37
C LEU A 472 -38.62 0.78 32.07
N LEU A 473 -39.25 0.06 31.13
CA LEU A 473 -40.62 0.32 30.75
C LEU A 473 -41.55 -0.18 31.86
N LEU A 474 -41.00 -1.00 32.75
CA LEU A 474 -41.78 -1.54 33.85
C LEU A 474 -41.77 -0.58 35.03
N THR A 475 -40.59 -0.10 35.40
CA THR A 475 -40.49 0.85 36.50
C THR A 475 -41.20 2.14 36.11
N HIS A 476 -41.64 2.19 34.86
CA HIS A 476 -42.36 3.34 34.33
C HIS A 476 -43.85 3.07 34.54
N GLN A 477 -44.18 1.87 34.99
CA GLN A 477 -45.56 1.47 35.23
C GLN A 477 -45.76 0.67 36.51
N LYS A 478 -45.55 -0.64 36.42
CA LYS A 478 -45.73 -1.57 37.55
C LYS A 478 -44.58 -1.45 38.55
N PHE A 483 -37.37 -8.32 36.16
CA PHE A 483 -37.58 -8.75 34.79
C PHE A 483 -37.53 -10.27 34.68
N LYS A 484 -36.59 -10.89 35.38
CA LYS A 484 -36.46 -12.35 35.35
C LYS A 484 -37.72 -13.02 35.86
N LEU A 485 -38.46 -12.29 36.70
CA LEU A 485 -39.69 -12.82 37.26
C LEU A 485 -40.75 -12.88 36.16
N LEU A 486 -41.14 -11.70 35.68
CA LEU A 486 -42.16 -11.58 34.64
C LEU A 486 -41.83 -12.40 33.40
N TYR A 487 -40.61 -12.91 33.32
CA TYR A 487 -40.20 -13.72 32.18
C TYR A 487 -40.78 -15.12 32.34
N LYS A 488 -40.68 -15.67 33.56
CA LYS A 488 -41.19 -17.00 33.84
C LYS A 488 -42.66 -17.13 33.45
N GLN A 489 -43.29 -15.99 33.16
CA GLN A 489 -44.68 -15.98 32.75
C GLN A 489 -44.60 -16.29 31.27
N LEU A 490 -43.77 -17.28 30.98
CA LEU A 490 -43.48 -17.77 29.64
C LEU A 490 -44.70 -18.11 28.80
N ASN A 491 -44.55 -17.94 27.50
CA ASN A 491 -45.61 -18.24 26.55
C ASN A 491 -45.03 -19.19 25.52
N PHE A 492 -44.29 -20.19 26.00
CA PHE A 492 -43.67 -21.19 25.14
C PHE A 492 -44.49 -21.51 23.90
N THR A 493 -45.81 -21.45 24.05
CA THR A 493 -46.75 -21.71 22.97
C THR A 493 -46.13 -21.51 21.59
N GLU A 494 -45.94 -22.62 20.88
CA GLU A 494 -45.34 -22.66 19.55
C GLU A 494 -45.73 -21.53 18.59
N ASN A 495 -47.03 -21.39 18.32
CA ASN A 495 -47.49 -20.36 17.40
C ASN A 495 -48.88 -19.86 17.77
N GLU A 496 -48.95 -18.75 18.50
CA GLU A 496 -50.24 -18.21 18.90
C GLU A 496 -50.14 -16.85 19.58
N THR A 497 -51.20 -16.05 19.44
CA THR A 497 -51.26 -14.73 20.06
C THR A 497 -51.74 -14.89 21.50
N ASP A 498 -52.18 -16.09 21.84
CA ASP A 498 -52.65 -16.39 23.19
C ASP A 498 -51.56 -15.98 24.18
N ASN A 499 -50.33 -15.93 23.68
CA ASN A 499 -49.18 -15.53 24.48
C ASN A 499 -49.43 -14.13 25.01
N PHE A 500 -49.73 -13.21 24.10
CA PHE A 500 -50.00 -11.82 24.44
C PHE A 500 -51.17 -11.68 25.41
N GLU A 501 -51.96 -12.73 25.52
CA GLU A 501 -53.12 -12.74 26.41
C GLU A 501 -52.72 -12.94 27.87
N VAL A 502 -52.08 -14.07 28.17
CA VAL A 502 -51.64 -14.37 29.53
C VAL A 502 -50.72 -13.25 30.00
N PHE A 503 -50.07 -12.59 29.04
CA PHE A 503 -49.17 -11.49 29.31
C PHE A 503 -49.95 -10.41 30.06
N GLN A 504 -50.93 -9.83 29.37
CA GLN A 504 -51.77 -8.79 29.95
C GLN A 504 -52.23 -9.16 31.36
N LYS A 505 -52.55 -10.44 31.56
CA LYS A 505 -53.01 -10.94 32.85
C LYS A 505 -52.01 -10.78 33.99
N ILE A 506 -50.72 -10.90 33.69
CA ILE A 506 -49.71 -10.78 34.72
C ILE A 506 -49.70 -9.40 35.37
N ILE A 507 -49.73 -8.35 34.56
CA ILE A 507 -49.73 -6.99 35.09
C ILE A 507 -51.03 -6.65 35.81
N ASP A 508 -52.11 -6.49 35.04
CA ASP A 508 -53.43 -6.17 35.58
C ASP A 508 -53.41 -4.86 36.36
N THR B 5 -19.18 1.52 1.02
CA THR B 5 -18.23 0.57 1.65
C THR B 5 -18.59 -0.87 1.29
N GLU B 6 -17.64 -1.79 1.49
CA GLU B 6 -17.87 -3.19 1.19
C GLU B 6 -18.75 -3.82 2.26
N GLU B 7 -18.76 -3.21 3.44
CA GLU B 7 -19.58 -3.71 4.54
C GLU B 7 -21.03 -3.61 4.15
N GLN B 8 -21.39 -2.47 3.55
CA GLN B 8 -22.75 -2.22 3.10
C GLN B 8 -23.34 -3.47 2.46
N ILE B 9 -22.63 -4.00 1.46
CA ILE B 9 -23.09 -5.19 0.77
C ILE B 9 -23.02 -6.40 1.69
N ALA B 10 -22.00 -6.44 2.54
CA ALA B 10 -21.83 -7.54 3.48
C ALA B 10 -23.06 -7.63 4.37
N GLU B 11 -23.70 -6.48 4.57
CA GLU B 11 -24.91 -6.39 5.39
C GLU B 11 -26.08 -7.00 4.64
N PHE B 12 -26.36 -6.44 3.46
CA PHE B 12 -27.45 -6.90 2.62
C PHE B 12 -27.39 -8.42 2.45
N LYS B 13 -26.16 -8.94 2.43
CA LYS B 13 -25.96 -10.38 2.28
C LYS B 13 -26.54 -11.09 3.50
N GLU B 14 -26.25 -10.55 4.69
CA GLU B 14 -26.75 -11.12 5.93
C GLU B 14 -28.27 -11.31 5.87
N ALA B 15 -28.93 -10.44 5.11
CA ALA B 15 -30.37 -10.50 4.96
C ALA B 15 -30.81 -11.84 4.37
N PHE B 16 -30.18 -12.21 3.27
CA PHE B 16 -30.49 -13.46 2.58
C PHE B 16 -30.30 -14.68 3.48
N SER B 17 -29.08 -14.84 4.01
CA SER B 17 -28.76 -15.96 4.88
C SER B 17 -29.82 -16.18 5.95
N LEU B 18 -30.53 -15.11 6.30
CA LEU B 18 -31.58 -15.17 7.31
C LEU B 18 -32.77 -15.98 6.79
N PHE B 19 -33.54 -15.38 5.87
CA PHE B 19 -34.69 -16.04 5.29
C PHE B 19 -34.46 -16.31 3.80
N ASP B 20 -34.12 -17.55 3.48
CA ASP B 20 -33.86 -17.95 2.10
C ASP B 20 -33.87 -19.47 1.98
N LYS B 21 -35.06 -20.04 1.91
CA LYS B 21 -35.22 -21.49 1.79
C LYS B 21 -34.94 -21.86 0.33
N ASP B 22 -33.98 -21.18 -0.27
CA ASP B 22 -33.60 -21.40 -1.66
C ASP B 22 -32.18 -21.94 -1.76
N GLY B 23 -31.31 -21.47 -0.87
CA GLY B 23 -29.93 -21.92 -0.88
C GLY B 23 -28.98 -20.95 -1.56
N ASP B 24 -28.96 -20.97 -2.88
CA ASP B 24 -28.09 -20.09 -3.65
C ASP B 24 -28.43 -18.62 -3.46
N GLY B 25 -29.59 -18.36 -2.86
CA GLY B 25 -30.01 -16.99 -2.62
C GLY B 25 -30.67 -16.38 -3.84
N THR B 26 -31.89 -16.82 -4.14
CA THR B 26 -32.63 -16.32 -5.29
C THR B 26 -34.07 -15.99 -4.91
N ILE B 27 -34.25 -15.45 -3.71
CA ILE B 27 -35.58 -15.08 -3.23
C ILE B 27 -36.33 -14.30 -4.28
N THR B 28 -37.65 -14.49 -4.35
CA THR B 28 -38.48 -13.80 -5.33
C THR B 28 -38.94 -12.44 -4.80
N THR B 29 -39.99 -11.90 -5.42
CA THR B 29 -40.52 -10.61 -5.02
C THR B 29 -41.57 -10.80 -3.93
N LYS B 30 -41.78 -12.04 -3.50
CA LYS B 30 -42.74 -12.35 -2.45
C LYS B 30 -42.13 -12.15 -1.08
N GLU B 31 -40.80 -12.13 -1.01
CA GLU B 31 -40.11 -11.92 0.26
C GLU B 31 -39.10 -10.78 0.17
N LEU B 32 -38.99 -10.16 -1.00
CA LEU B 32 -38.07 -9.05 -1.20
C LEU B 32 -38.23 -8.03 -0.08
N GLY B 33 -39.49 -7.72 0.25
CA GLY B 33 -39.75 -6.76 1.30
C GLY B 33 -39.27 -7.26 2.64
N THR B 34 -39.41 -8.56 2.88
CA THR B 34 -38.99 -9.17 4.13
C THR B 34 -37.48 -8.94 4.35
N VAL B 35 -36.83 -8.34 3.36
CA VAL B 35 -35.41 -8.06 3.42
C VAL B 35 -35.17 -6.61 3.84
N MET B 36 -35.52 -5.68 2.95
CA MET B 36 -35.34 -4.25 3.22
C MET B 36 -36.12 -3.78 4.45
N ARG B 37 -37.23 -4.44 4.73
CA ARG B 37 -38.06 -4.08 5.86
C ARG B 37 -37.26 -4.21 7.14
N SER B 38 -36.69 -5.39 7.37
CA SER B 38 -35.89 -5.64 8.55
C SER B 38 -34.47 -5.16 8.33
N LEU B 39 -34.29 -4.28 7.36
CA LEU B 39 -32.98 -3.73 7.05
C LEU B 39 -33.04 -2.23 6.71
N GLY B 40 -33.56 -1.46 7.65
CA GLY B 40 -33.67 -0.02 7.49
C GLY B 40 -34.07 0.55 6.14
N GLN B 41 -35.29 0.27 5.69
CA GLN B 41 -35.81 0.78 4.42
C GLN B 41 -37.32 0.63 4.34
N ASN B 42 -37.98 1.70 3.90
CA ASN B 42 -39.43 1.70 3.77
C ASN B 42 -39.92 2.21 2.41
N PRO B 43 -39.54 1.53 1.31
CA PRO B 43 -39.96 1.95 -0.02
C PRO B 43 -41.40 1.53 -0.30
N THR B 44 -42.09 2.32 -1.13
CA THR B 44 -43.47 2.03 -1.47
C THR B 44 -43.63 0.64 -2.09
N GLU B 45 -44.76 0.00 -1.81
CA GLU B 45 -45.05 -1.33 -2.34
C GLU B 45 -45.19 -1.27 -3.86
N ALA B 46 -45.38 -0.07 -4.39
CA ALA B 46 -45.54 0.14 -5.82
C ALA B 46 -44.21 0.10 -6.54
N GLU B 47 -43.25 0.89 -6.07
CA GLU B 47 -41.92 0.94 -6.69
C GLU B 47 -41.27 -0.44 -6.71
N LEU B 48 -41.77 -1.35 -5.89
CA LEU B 48 -41.25 -2.71 -5.83
C LEU B 48 -41.68 -3.44 -7.10
N GLN B 49 -42.75 -2.95 -7.72
CA GLN B 49 -43.28 -3.55 -8.94
C GLN B 49 -42.42 -3.25 -10.17
N ASP B 50 -42.48 -2.01 -10.64
CA ASP B 50 -41.73 -1.59 -11.81
C ASP B 50 -40.24 -1.92 -11.75
N MET B 51 -39.65 -1.80 -10.56
CA MET B 51 -38.23 -2.10 -10.41
C MET B 51 -37.92 -3.57 -10.60
N ILE B 52 -38.65 -4.42 -9.89
CA ILE B 52 -38.44 -5.86 -10.00
C ILE B 52 -39.06 -6.37 -11.31
N ASN B 53 -39.41 -5.44 -12.19
CA ASN B 53 -40.00 -5.77 -13.47
C ASN B 53 -39.12 -5.29 -14.62
N GLU B 54 -38.19 -4.38 -14.30
CA GLU B 54 -37.28 -3.84 -15.30
C GLU B 54 -35.94 -4.58 -15.28
N VAL B 55 -35.28 -4.57 -14.12
CA VAL B 55 -34.00 -5.26 -13.99
C VAL B 55 -34.24 -6.75 -13.76
N ASP B 56 -35.50 -7.10 -13.54
CA ASP B 56 -35.88 -8.51 -13.32
C ASP B 56 -37.13 -8.88 -14.12
N ALA B 57 -36.95 -9.04 -15.43
CA ALA B 57 -38.05 -9.41 -16.32
C ALA B 57 -37.59 -10.59 -17.17
N ASP B 58 -36.77 -11.45 -16.59
CA ASP B 58 -36.24 -12.62 -17.29
C ASP B 58 -37.31 -13.69 -17.45
N GLY B 59 -38.44 -13.50 -16.77
CA GLY B 59 -39.53 -14.47 -16.87
C GLY B 59 -39.46 -15.57 -15.84
N ASN B 60 -38.66 -15.37 -14.79
CA ASN B 60 -38.51 -16.36 -13.73
C ASN B 60 -38.92 -15.81 -12.37
N GLY B 61 -38.68 -14.52 -12.17
CA GLY B 61 -39.04 -13.90 -10.90
C GLY B 61 -38.15 -14.36 -9.76
N THR B 62 -36.89 -14.65 -10.06
CA THR B 62 -35.94 -15.10 -9.04
C THR B 62 -34.85 -14.04 -8.85
N ILE B 63 -34.83 -13.44 -7.68
CA ILE B 63 -33.85 -12.40 -7.36
C ILE B 63 -32.60 -13.00 -6.74
N ASP B 64 -31.60 -13.27 -7.58
CA ASP B 64 -30.34 -13.84 -7.11
C ASP B 64 -29.69 -12.86 -6.13
N PHE B 65 -28.70 -12.11 -6.61
CA PHE B 65 -28.02 -11.14 -5.77
C PHE B 65 -27.81 -9.80 -6.46
N PRO B 66 -27.11 -9.77 -7.61
CA PRO B 66 -26.90 -8.50 -8.30
C PRO B 66 -28.23 -7.79 -8.54
N GLU B 67 -29.25 -8.57 -8.86
CA GLU B 67 -30.58 -8.03 -9.10
C GLU B 67 -31.07 -7.30 -7.85
N PHE B 68 -30.41 -7.59 -6.73
CA PHE B 68 -30.72 -6.97 -5.45
C PHE B 68 -29.61 -6.00 -5.10
N LEU B 69 -28.42 -6.55 -4.83
CA LEU B 69 -27.24 -5.78 -4.47
C LEU B 69 -27.08 -4.57 -5.38
N THR B 70 -27.36 -4.74 -6.67
CA THR B 70 -27.23 -3.66 -7.63
C THR B 70 -28.45 -2.74 -7.58
N MET B 71 -29.64 -3.33 -7.65
CA MET B 71 -30.87 -2.55 -7.60
C MET B 71 -30.81 -1.64 -6.38
N MET B 72 -30.29 -2.17 -5.28
CA MET B 72 -30.16 -1.43 -4.04
C MET B 72 -29.41 -0.13 -4.29
N ALA B 73 -28.34 -0.21 -5.08
CA ALA B 73 -27.53 0.95 -5.41
C ALA B 73 -28.40 2.02 -6.06
N ARG B 74 -29.03 2.84 -5.23
CA ARG B 74 -29.90 3.91 -5.71
C ARG B 74 -30.36 4.77 -4.54
N LYS B 75 -31.16 4.18 -3.67
CA LYS B 75 -31.69 4.87 -2.50
C LYS B 75 -30.58 5.49 -1.67
N MET B 76 -29.55 4.70 -1.37
CA MET B 76 -28.42 5.18 -0.58
C MET B 76 -27.58 6.21 -1.33
N LYS B 77 -28.24 7.02 -2.15
CA LYS B 77 -27.54 8.05 -2.92
C LYS B 77 -28.12 9.43 -2.60
N ASP B 78 -29.33 9.44 -2.06
CA ASP B 78 -30.01 10.68 -1.70
C ASP B 78 -30.45 10.68 -0.24
N THR B 79 -31.16 9.63 0.16
CA THR B 79 -31.64 9.52 1.52
C THR B 79 -30.57 8.97 2.45
N ASP B 80 -29.33 8.91 1.96
CA ASP B 80 -28.23 8.41 2.77
C ASP B 80 -27.91 9.42 3.87
N SER B 81 -28.88 10.29 4.14
CA SER B 81 -28.74 11.32 5.17
C SER B 81 -28.58 10.69 6.55
N GLU B 82 -28.44 9.36 6.57
CA GLU B 82 -28.27 8.62 7.81
C GLU B 82 -27.34 9.38 8.75
N GLU B 83 -26.30 9.97 8.17
CA GLU B 83 -25.32 10.72 8.94
C GLU B 83 -25.89 12.01 9.49
N GLU B 84 -26.43 12.84 8.61
CA GLU B 84 -27.01 14.12 9.02
C GLU B 84 -28.04 13.94 10.12
N ILE B 85 -28.91 12.95 9.97
CA ILE B 85 -29.93 12.67 10.97
C ILE B 85 -29.33 12.42 12.35
N ARG B 86 -28.36 11.52 12.40
CA ARG B 86 -27.69 11.20 13.66
C ARG B 86 -27.06 12.47 14.20
N GLU B 87 -26.67 13.36 13.29
CA GLU B 87 -26.04 14.63 13.65
C GLU B 87 -27.09 15.53 14.28
N ALA B 88 -28.26 15.59 13.64
CA ALA B 88 -29.36 16.42 14.10
C ALA B 88 -29.86 15.96 15.46
N PHE B 89 -29.97 14.64 15.63
CA PHE B 89 -30.44 14.10 16.90
C PHE B 89 -29.61 14.67 18.04
N ARG B 90 -28.30 14.74 17.84
CA ARG B 90 -27.43 15.26 18.88
C ARG B 90 -27.71 16.73 19.13
N VAL B 91 -28.23 17.42 18.13
CA VAL B 91 -28.57 18.83 18.29
C VAL B 91 -29.69 19.03 19.29
N PHE B 92 -30.78 18.27 19.13
CA PHE B 92 -31.91 18.38 20.03
C PHE B 92 -31.51 18.04 21.46
N ASP B 93 -30.95 16.84 21.65
CA ASP B 93 -30.51 16.37 22.96
C ASP B 93 -29.44 17.25 23.59
N LYS B 94 -29.85 18.41 24.09
CA LYS B 94 -28.93 19.36 24.71
C LYS B 94 -28.19 18.82 25.95
N ASP B 95 -28.91 18.14 26.83
CA ASP B 95 -28.28 17.61 28.04
C ASP B 95 -27.39 16.41 27.74
N GLY B 96 -27.55 15.85 26.54
CA GLY B 96 -26.74 14.72 26.13
C GLY B 96 -26.97 13.43 26.90
N ASN B 97 -28.23 13.09 27.11
CA ASN B 97 -28.59 11.88 27.83
C ASN B 97 -29.01 10.80 26.84
N GLY B 98 -28.82 11.06 25.56
CA GLY B 98 -29.18 10.08 24.55
C GLY B 98 -30.63 10.16 24.07
N TYR B 99 -31.46 10.90 24.78
CA TYR B 99 -32.85 11.02 24.37
C TYR B 99 -33.27 12.47 24.14
N ILE B 100 -34.27 12.64 23.29
CA ILE B 100 -34.81 13.96 22.99
C ILE B 100 -36.07 14.12 23.83
N SER B 101 -36.10 15.13 24.70
CA SER B 101 -37.25 15.37 25.55
C SER B 101 -38.17 16.45 25.01
N ALA B 102 -39.37 16.51 25.56
CA ALA B 102 -40.33 17.51 25.16
C ALA B 102 -39.65 18.87 25.31
N ALA B 103 -39.05 19.07 26.47
CA ALA B 103 -38.36 20.32 26.77
C ALA B 103 -37.36 20.67 25.67
N GLU B 104 -36.47 19.73 25.37
CA GLU B 104 -35.45 19.94 24.34
C GLU B 104 -36.09 20.29 23.00
N LEU B 105 -37.10 19.50 22.63
CA LEU B 105 -37.80 19.72 21.37
C LEU B 105 -38.30 21.15 21.32
N ARG B 106 -38.75 21.64 22.47
CA ARG B 106 -39.25 23.00 22.61
C ARG B 106 -38.16 23.99 22.19
N HIS B 107 -37.04 23.95 22.89
CA HIS B 107 -35.91 24.84 22.60
C HIS B 107 -35.54 24.92 21.13
N VAL B 108 -35.42 23.77 20.50
CA VAL B 108 -35.06 23.74 19.09
C VAL B 108 -36.13 24.41 18.25
N MET B 109 -37.39 24.09 18.54
CA MET B 109 -38.50 24.69 17.81
C MET B 109 -38.56 26.17 18.12
N THR B 110 -38.50 26.49 19.42
CA THR B 110 -38.52 27.88 19.86
C THR B 110 -37.47 28.68 19.08
N ASN B 111 -36.20 28.31 19.29
CA ASN B 111 -35.08 28.98 18.63
C ASN B 111 -35.17 29.06 17.12
N LEU B 112 -35.89 28.13 16.50
CA LEU B 112 -36.04 28.16 15.06
C LEU B 112 -37.19 29.09 14.65
N GLY B 113 -37.83 29.70 15.64
CA GLY B 113 -38.92 30.62 15.35
C GLY B 113 -40.33 30.14 15.61
N GLU B 114 -40.48 28.86 15.95
CA GLU B 114 -41.81 28.29 16.20
C GLU B 114 -42.08 28.12 17.69
N LYS B 115 -42.87 29.03 18.25
CA LYS B 115 -43.22 28.96 19.67
C LYS B 115 -44.32 27.94 19.91
N LEU B 116 -44.05 27.00 20.81
CA LEU B 116 -45.03 25.94 21.10
C LEU B 116 -45.46 25.94 22.56
N THR B 117 -46.58 25.29 22.82
CA THR B 117 -47.14 25.19 24.16
C THR B 117 -46.68 23.87 24.76
N ASP B 118 -46.38 23.89 26.06
CA ASP B 118 -45.94 22.68 26.74
C ASP B 118 -46.89 21.50 26.48
N GLU B 119 -48.05 21.78 25.93
CA GLU B 119 -49.01 20.73 25.65
C GLU B 119 -48.70 20.13 24.30
N GLU B 120 -48.34 20.99 23.36
CA GLU B 120 -48.02 20.58 22.00
C GLU B 120 -46.75 19.73 21.88
N VAL B 121 -45.63 20.24 22.37
CA VAL B 121 -44.38 19.50 22.29
C VAL B 121 -44.60 18.09 22.85
N ASP B 122 -45.41 17.99 23.90
CA ASP B 122 -45.72 16.69 24.50
C ASP B 122 -46.57 15.89 23.52
N GLU B 123 -47.30 16.59 22.65
CA GLU B 123 -48.12 15.91 21.67
C GLU B 123 -47.12 15.43 20.62
N MET B 124 -46.18 16.30 20.30
CA MET B 124 -45.15 15.99 19.32
C MET B 124 -44.26 14.85 19.80
N ILE B 125 -43.84 14.91 21.06
CA ILE B 125 -42.98 13.88 21.63
C ILE B 125 -43.71 12.55 21.71
N ARG B 126 -44.97 12.61 22.16
CA ARG B 126 -45.76 11.41 22.30
C ARG B 126 -46.00 10.78 20.92
N GLU B 127 -46.24 11.61 19.91
CA GLU B 127 -46.47 11.13 18.56
C GLU B 127 -45.21 10.47 17.99
N ALA B 128 -44.05 10.95 18.44
CA ALA B 128 -42.76 10.42 17.98
C ALA B 128 -42.31 9.25 18.83
N ASP B 129 -42.78 9.21 20.08
CA ASP B 129 -42.41 8.13 20.98
C ASP B 129 -43.08 6.83 20.55
N ILE B 130 -42.28 5.79 20.33
CA ILE B 130 -42.79 4.50 19.89
C ILE B 130 -42.92 3.52 21.05
N ASP B 131 -41.91 3.46 21.91
CA ASP B 131 -41.94 2.55 23.05
C ASP B 131 -42.72 3.10 24.23
N GLY B 132 -43.25 4.32 24.07
CA GLY B 132 -44.02 4.94 25.13
C GLY B 132 -43.31 5.13 26.45
N ASP B 133 -42.22 5.90 26.45
CA ASP B 133 -41.48 6.17 27.66
C ASP B 133 -41.40 7.68 27.85
N GLY B 134 -42.07 8.40 26.95
CA GLY B 134 -42.11 9.84 27.02
C GLY B 134 -40.93 10.55 26.41
N GLN B 135 -39.97 9.80 25.91
CA GLN B 135 -38.80 10.39 25.26
C GLN B 135 -38.47 9.70 23.97
N VAL B 136 -37.79 10.42 23.10
CA VAL B 136 -37.39 9.91 21.81
C VAL B 136 -35.89 9.65 21.77
N ASN B 137 -35.50 8.42 21.41
CA ASN B 137 -34.07 8.09 21.32
C ASN B 137 -33.67 8.05 19.85
N TYR B 138 -32.38 7.84 19.58
CA TYR B 138 -31.95 7.83 18.19
C TYR B 138 -32.82 6.91 17.32
N GLU B 139 -32.93 5.64 17.68
CA GLU B 139 -33.74 4.70 16.89
C GLU B 139 -35.07 5.32 16.49
N GLU B 140 -35.85 5.74 17.48
CA GLU B 140 -37.15 6.34 17.25
C GLU B 140 -37.04 7.57 16.35
N PHE B 141 -36.02 8.38 16.61
CA PHE B 141 -35.80 9.60 15.83
C PHE B 141 -35.52 9.25 14.36
N VAL B 142 -34.96 8.07 14.15
CA VAL B 142 -34.65 7.63 12.81
C VAL B 142 -35.97 7.21 12.20
N GLN B 143 -36.71 6.38 12.93
CA GLN B 143 -38.01 5.93 12.46
C GLN B 143 -38.81 7.15 12.05
N MET B 144 -38.97 8.07 12.99
CA MET B 144 -39.70 9.30 12.75
C MET B 144 -39.18 10.07 11.54
N MET B 145 -37.87 10.07 11.36
CA MET B 145 -37.23 10.80 10.27
C MET B 145 -37.14 10.06 8.95
N THR B 146 -36.95 8.75 8.99
CA THR B 146 -36.84 7.95 7.77
C THR B 146 -38.23 7.66 7.22
N ALA B 147 -39.00 6.88 7.97
CA ALA B 147 -40.35 6.55 7.54
C ALA B 147 -41.14 7.82 7.25
N ASP C 4 24.17 -27.78 24.29
CA ASP C 4 24.45 -26.63 25.20
C ASP C 4 23.21 -25.82 25.48
N VAL C 5 22.30 -26.39 26.26
CA VAL C 5 21.05 -25.74 26.60
C VAL C 5 21.08 -25.30 28.06
N LEU C 6 19.90 -25.20 28.66
CA LEU C 6 19.78 -24.86 30.08
C LEU C 6 18.68 -25.73 30.66
N LYS C 7 18.81 -26.09 31.93
CA LYS C 7 17.82 -26.94 32.57
C LYS C 7 17.50 -26.56 34.01
N GLY C 8 16.53 -27.26 34.59
CA GLY C 8 16.15 -27.01 35.96
C GLY C 8 15.62 -25.61 36.21
N GLU C 9 15.83 -25.11 37.42
CA GLU C 9 15.36 -23.79 37.80
C GLU C 9 16.01 -22.70 36.95
N LYS C 10 17.17 -22.99 36.38
CA LYS C 10 17.88 -22.00 35.57
C LYS C 10 17.15 -21.72 34.25
N ALA C 11 16.74 -22.78 33.57
CA ALA C 11 16.03 -22.63 32.30
C ALA C 11 14.73 -21.89 32.57
N LEU C 12 14.19 -22.08 33.76
CA LEU C 12 12.96 -21.44 34.17
C LEU C 12 13.19 -19.94 34.35
N LYS C 13 14.20 -19.61 35.14
CA LYS C 13 14.55 -18.22 35.42
C LYS C 13 14.78 -17.42 34.15
N ALA C 14 14.72 -18.09 33.00
CA ALA C 14 14.91 -17.41 31.73
C ALA C 14 13.72 -17.60 30.81
N SER C 15 12.80 -18.47 31.21
CA SER C 15 11.62 -18.75 30.39
C SER C 15 10.48 -17.76 30.60
N GLY C 16 10.51 -17.05 31.71
CA GLY C 16 9.45 -16.09 31.99
C GLY C 16 8.23 -16.78 32.56
N LEU C 17 8.07 -18.07 32.26
CA LEU C 17 6.94 -18.83 32.77
C LEU C 17 6.94 -18.76 34.30
N VAL C 18 5.76 -18.83 34.90
CA VAL C 18 5.63 -18.79 36.35
C VAL C 18 5.86 -20.17 36.91
N PRO C 19 6.90 -20.33 37.75
CA PRO C 19 7.26 -21.61 38.37
C PRO C 19 6.09 -22.54 38.71
N GLU C 20 5.25 -22.14 39.67
CA GLU C 20 4.12 -22.97 40.04
C GLU C 20 3.43 -23.51 38.79
N HIS C 21 3.16 -22.65 37.82
CA HIS C 21 2.52 -23.09 36.59
C HIS C 21 3.46 -24.01 35.86
N ALA C 22 4.73 -23.61 35.80
CA ALA C 22 5.75 -24.41 35.13
C ALA C 22 5.71 -25.80 35.75
N ASP C 23 5.81 -25.84 37.07
CA ASP C 23 5.78 -27.09 37.81
C ASP C 23 4.54 -27.89 37.44
N ALA C 24 3.39 -27.25 37.51
CA ALA C 24 2.12 -27.90 37.19
C ALA C 24 2.11 -28.46 35.78
N PHE C 25 3.00 -27.96 34.92
CA PHE C 25 3.06 -28.44 33.55
C PHE C 25 3.75 -29.78 33.41
N LYS C 26 4.73 -30.06 34.28
CA LYS C 26 5.43 -31.34 34.23
C LYS C 26 4.41 -32.46 34.20
N LYS C 27 3.49 -32.44 35.16
CA LYS C 27 2.43 -33.44 35.28
C LYS C 27 1.79 -33.74 33.92
N ILE C 28 1.51 -32.68 33.15
CA ILE C 28 0.89 -32.84 31.85
C ILE C 28 1.87 -33.43 30.84
N ALA C 29 3.11 -32.97 30.89
CA ALA C 29 4.14 -33.45 29.98
C ALA C 29 4.29 -34.96 30.11
N ARG C 30 4.37 -35.44 31.35
CA ARG C 30 4.51 -36.87 31.59
C ARG C 30 3.23 -37.62 31.24
N GLU C 31 2.14 -37.30 31.94
CA GLU C 31 0.85 -37.93 31.70
C GLU C 31 0.55 -38.09 30.22
N LEU C 32 0.47 -36.98 29.50
CA LEU C 32 0.19 -37.00 28.08
C LEU C 32 1.40 -37.42 27.25
N ASN C 33 2.53 -37.64 27.93
CA ASN C 33 3.77 -38.06 27.26
C ASN C 33 3.96 -37.30 25.96
N THR C 34 4.23 -36.00 26.08
CA THR C 34 4.43 -35.15 24.91
C THR C 34 5.33 -33.99 25.30
N TYR C 35 5.99 -33.39 24.30
CA TYR C 35 6.87 -32.26 24.55
C TYR C 35 6.11 -30.95 24.52
N ILE C 36 6.38 -30.10 25.50
CA ILE C 36 5.74 -28.80 25.62
C ILE C 36 6.80 -27.71 25.44
N LEU C 37 6.76 -27.05 24.29
CA LEU C 37 7.73 -26.00 23.99
C LEU C 37 7.07 -24.63 23.94
N PHE C 38 7.62 -23.66 24.67
CA PHE C 38 7.08 -22.30 24.74
C PHE C 38 8.03 -21.25 24.16
N ARG C 39 7.47 -20.12 23.73
CA ARG C 39 8.28 -19.00 23.22
C ARG C 39 8.62 -18.19 24.46
N PRO C 40 9.47 -17.18 24.33
CA PRO C 40 9.81 -16.38 25.52
C PRO C 40 8.56 -15.70 26.07
N VAL C 41 8.46 -15.59 27.38
CA VAL C 41 7.31 -14.94 28.01
C VAL C 41 7.79 -13.71 28.79
N ASN C 42 7.33 -12.53 28.37
CA ASN C 42 7.74 -11.29 28.99
C ASN C 42 8.01 -11.50 30.48
N LYS C 43 9.26 -11.31 30.88
CA LYS C 43 9.65 -11.51 32.28
C LYS C 43 8.97 -10.57 33.27
N LEU C 44 8.82 -9.30 32.91
CA LEU C 44 8.19 -8.35 33.81
C LEU C 44 6.70 -8.65 33.95
N ALA C 45 6.20 -9.57 33.13
CA ALA C 45 4.80 -9.96 33.17
C ALA C 45 4.60 -11.31 33.86
N THR C 46 5.70 -11.93 34.25
CA THR C 46 5.60 -13.22 34.90
C THR C 46 4.96 -13.08 36.28
N ASN C 47 5.36 -12.08 37.04
CA ASN C 47 4.77 -11.87 38.37
C ASN C 47 3.30 -11.49 38.28
N LEU C 48 2.95 -10.68 37.28
CA LEU C 48 1.57 -10.26 37.09
C LEU C 48 0.70 -11.48 36.87
N ILE C 49 1.17 -12.40 36.02
CA ILE C 49 0.40 -13.62 35.75
C ILE C 49 0.20 -14.36 37.05
N LYS C 50 1.24 -14.39 37.87
CA LYS C 50 1.19 -15.07 39.16
C LYS C 50 0.13 -14.40 40.05
N SER C 51 0.08 -13.08 40.00
CA SER C 51 -0.89 -12.33 40.79
C SER C 51 -2.29 -12.51 40.22
N GLY C 52 -2.39 -13.26 39.13
CA GLY C 52 -3.68 -13.53 38.54
C GLY C 52 -4.20 -12.60 37.46
N VAL C 53 -3.36 -11.70 36.97
CA VAL C 53 -3.77 -10.78 35.92
C VAL C 53 -4.10 -11.56 34.65
N ALA C 54 -5.06 -11.06 33.88
CA ALA C 54 -5.48 -11.75 32.66
C ALA C 54 -4.43 -11.66 31.55
N THR C 55 -4.40 -12.67 30.68
CA THR C 55 -3.45 -12.72 29.58
C THR C 55 -4.18 -12.41 28.28
N LYS C 56 -3.50 -11.72 27.37
CA LYS C 56 -4.11 -11.33 26.10
C LYS C 56 -4.20 -12.45 25.08
N GLY C 57 -5.38 -12.55 24.46
CA GLY C 57 -5.61 -13.56 23.45
C GLY C 57 -5.36 -12.94 22.09
N LEU C 58 -5.72 -13.65 21.02
CA LEU C 58 -5.51 -13.15 19.68
C LEU C 58 -6.30 -11.89 19.34
N ASN C 59 -7.19 -11.47 20.25
CA ASN C 59 -7.98 -10.27 20.00
C ASN C 59 -7.16 -9.01 20.30
N VAL C 60 -5.99 -9.20 20.92
CA VAL C 60 -5.09 -8.09 21.25
C VAL C 60 -3.68 -8.41 20.78
N HIS C 61 -3.27 -7.78 19.68
CA HIS C 61 -1.95 -7.97 19.10
C HIS C 61 -0.93 -7.00 19.68
N GLY C 62 -1.42 -6.04 20.46
CA GLY C 62 -0.54 -5.06 21.06
C GLY C 62 0.70 -5.71 21.66
N LYS C 63 1.78 -4.93 21.71
CA LYS C 63 3.04 -5.41 22.26
C LYS C 63 3.11 -5.16 23.74
N SER C 64 3.51 -6.16 24.51
CA SER C 64 3.64 -5.99 25.95
C SER C 64 4.82 -5.07 26.22
N SER C 65 4.97 -4.62 27.46
CA SER C 65 6.09 -3.75 27.77
C SER C 65 7.02 -4.49 28.71
N ASP C 66 8.30 -4.12 28.67
CA ASP C 66 9.29 -4.75 29.54
C ASP C 66 10.18 -3.70 30.16
N TRP C 67 9.61 -2.52 30.39
CA TRP C 67 10.34 -1.41 31.00
C TRP C 67 9.35 -0.38 31.50
N GLY C 68 9.80 0.47 32.44
CA GLY C 68 8.91 1.50 32.97
C GLY C 68 7.77 0.96 33.81
N PRO C 69 6.88 1.85 34.29
CA PRO C 69 5.75 1.40 35.11
C PRO C 69 4.89 0.37 34.42
N VAL C 70 4.45 0.70 33.21
CA VAL C 70 3.58 -0.17 32.44
C VAL C 70 4.18 -1.57 32.24
N ALA C 71 5.39 -1.77 32.75
CA ALA C 71 6.08 -3.05 32.63
C ALA C 71 5.16 -4.23 32.90
N GLY C 72 5.09 -5.14 31.94
CA GLY C 72 4.28 -6.32 32.10
C GLY C 72 2.91 -6.26 31.48
N TYR C 73 2.45 -5.07 31.12
CA TYR C 73 1.13 -4.93 30.51
C TYR C 73 1.19 -4.60 29.02
N ILE C 74 0.02 -4.42 28.42
CA ILE C 74 -0.10 -4.06 27.01
C ILE C 74 -0.48 -2.59 27.00
N PRO C 75 0.50 -1.67 26.85
CA PRO C 75 0.23 -0.24 26.83
C PRO C 75 -0.61 0.16 25.63
N PHE C 76 -1.48 1.14 25.80
CA PHE C 76 -2.27 1.58 24.68
C PHE C 76 -1.26 2.29 23.78
N ASP C 77 -0.48 3.16 24.39
CA ASP C 77 0.57 3.92 23.69
C ASP C 77 1.73 2.96 23.50
N GLN C 78 1.77 2.30 22.35
CA GLN C 78 2.81 1.33 22.06
C GLN C 78 4.25 1.79 22.23
N ASP C 79 4.46 3.10 22.30
CA ASP C 79 5.83 3.60 22.47
C ASP C 79 6.28 3.40 23.92
N LEU C 80 5.46 2.72 24.70
CA LEU C 80 5.79 2.45 26.08
C LEU C 80 5.93 0.94 26.22
N SER C 81 5.88 0.24 25.09
CA SER C 81 6.00 -1.22 25.08
C SER C 81 7.45 -1.63 24.87
N LYS C 82 7.65 -2.93 24.70
CA LYS C 82 9.00 -3.44 24.49
C LYS C 82 9.59 -2.75 23.25
N LYS C 83 8.71 -2.23 22.39
CA LYS C 83 9.17 -1.58 21.18
C LYS C 83 9.52 -0.11 21.30
N HIS C 84 9.72 0.39 22.52
CA HIS C 84 10.09 1.80 22.75
C HIS C 84 11.02 2.18 21.64
N GLY C 85 10.80 3.34 21.05
CA GLY C 85 11.62 3.74 19.91
C GLY C 85 11.04 2.93 18.76
N GLN C 86 11.81 2.74 17.69
CA GLN C 86 11.31 1.97 16.56
C GLN C 86 10.01 2.58 16.05
N GLN C 87 10.09 3.86 15.71
CA GLN C 87 8.96 4.64 15.19
C GLN C 87 7.84 3.81 14.53
N LEU C 88 8.20 3.02 13.51
CA LEU C 88 7.21 2.22 12.81
C LEU C 88 6.67 1.06 13.63
N ALA C 89 7.50 0.55 14.53
CA ALA C 89 7.09 -0.54 15.40
C ALA C 89 5.96 0.00 16.28
N VAL C 90 6.24 1.09 16.98
CA VAL C 90 5.27 1.74 17.82
C VAL C 90 3.94 1.90 17.09
N GLU C 91 3.96 2.58 15.96
CA GLU C 91 2.74 2.81 15.18
C GLU C 91 1.93 1.55 14.90
N LYS C 92 2.54 0.58 14.21
CA LYS C 92 1.84 -0.67 13.91
C LYS C 92 1.14 -1.24 15.14
N GLY C 93 1.82 -1.18 16.28
CA GLY C 93 1.22 -1.68 17.51
C GLY C 93 -0.01 -0.86 17.82
N ASN C 94 0.18 0.45 17.91
CA ASN C 94 -0.92 1.36 18.19
C ASN C 94 -2.16 1.08 17.34
N LEU C 95 -1.98 0.94 16.04
CA LEU C 95 -3.11 0.65 15.16
C LEU C 95 -3.81 -0.63 15.60
N GLU C 96 -3.04 -1.61 16.06
CA GLU C 96 -3.61 -2.87 16.52
C GLU C 96 -4.44 -2.68 17.79
N ASN C 97 -3.95 -1.83 18.70
CA ASN C 97 -4.69 -1.56 19.91
C ASN C 97 -6.02 -0.94 19.48
N LYS C 98 -5.92 0.15 18.72
CA LYS C 98 -7.12 0.82 18.24
C LYS C 98 -8.10 -0.18 17.64
N LYS C 99 -7.62 -1.11 16.82
CA LYS C 99 -8.53 -2.09 16.24
C LYS C 99 -9.17 -2.96 17.31
N SER C 100 -8.38 -3.39 18.28
CA SER C 100 -8.91 -4.24 19.35
C SER C 100 -9.99 -3.48 20.11
N ILE C 101 -9.72 -2.20 20.36
CA ILE C 101 -10.64 -1.34 21.09
C ILE C 101 -11.92 -1.05 20.34
N THR C 102 -11.84 -0.95 19.01
CA THR C 102 -13.01 -0.66 18.21
C THR C 102 -13.70 -1.89 17.63
N GLU C 103 -12.93 -2.74 16.96
CA GLU C 103 -13.49 -3.94 16.34
C GLU C 103 -13.98 -4.96 17.37
N HIS C 104 -13.62 -4.76 18.62
CA HIS C 104 -14.03 -5.67 19.69
C HIS C 104 -14.64 -4.91 20.86
N GLU C 105 -15.38 -3.84 20.55
CA GLU C 105 -16.03 -3.02 21.58
C GLU C 105 -16.69 -3.92 22.62
N GLY C 106 -16.56 -3.55 23.89
CA GLY C 106 -17.16 -4.33 24.95
C GLY C 106 -16.33 -5.51 25.41
N GLU C 107 -15.63 -6.13 24.47
CA GLU C 107 -14.78 -7.27 24.79
C GLU C 107 -13.47 -6.74 25.34
N ILE C 108 -12.76 -5.97 24.50
CA ILE C 108 -11.49 -5.39 24.89
C ILE C 108 -11.61 -3.88 25.07
N GLY C 109 -10.77 -3.33 25.94
CA GLY C 109 -10.78 -1.90 26.18
C GLY C 109 -9.48 -1.45 26.82
N LYS C 110 -9.45 -0.22 27.29
CA LYS C 110 -8.27 0.31 27.94
C LYS C 110 -8.65 1.04 29.21
N ILE C 111 -7.88 0.82 30.26
CA ILE C 111 -8.14 1.46 31.55
C ILE C 111 -6.86 2.12 32.05
N PRO C 112 -6.98 3.08 32.98
CA PRO C 112 -5.79 3.75 33.50
C PRO C 112 -4.94 2.75 34.29
N LEU C 113 -3.63 2.97 34.27
CA LEU C 113 -2.71 2.08 34.97
C LEU C 113 -2.58 2.41 36.45
N LYS C 114 -2.89 1.42 37.29
CA LYS C 114 -2.77 1.59 38.73
C LYS C 114 -1.80 0.56 39.28
N LEU C 115 -0.61 1.00 39.62
CA LEU C 115 0.39 0.11 40.19
C LEU C 115 0.09 0.06 41.68
N ASP C 116 -0.37 -1.09 42.15
CA ASP C 116 -0.68 -1.22 43.56
C ASP C 116 0.58 -1.07 44.40
N HIS C 117 0.47 -1.41 45.68
CA HIS C 117 1.58 -1.29 46.61
C HIS C 117 2.65 -2.37 46.38
N LEU C 118 2.22 -3.62 46.22
CA LEU C 118 3.14 -4.72 45.99
C LEU C 118 3.93 -4.54 44.70
N ARG C 119 3.21 -4.29 43.60
CA ARG C 119 3.82 -4.12 42.30
C ARG C 119 4.96 -3.11 42.30
N ILE C 120 4.79 -1.98 42.97
CA ILE C 120 5.86 -1.00 43.03
C ILE C 120 7.09 -1.68 43.60
N GLU C 121 6.90 -2.41 44.70
CA GLU C 121 8.00 -3.11 45.34
C GLU C 121 8.71 -4.03 44.36
N GLU C 122 7.95 -4.83 43.62
CA GLU C 122 8.51 -5.75 42.64
C GLU C 122 9.40 -5.02 41.63
N LEU C 123 8.86 -3.97 41.02
CA LEU C 123 9.59 -3.18 40.04
C LEU C 123 10.82 -2.51 40.64
N LYS C 124 10.86 -2.43 41.98
CA LYS C 124 11.99 -1.83 42.66
C LYS C 124 13.11 -2.86 42.66
N GLU C 125 12.74 -4.13 42.77
CA GLU C 125 13.71 -5.23 42.78
C GLU C 125 14.28 -5.42 41.38
N ASN C 126 13.40 -5.44 40.39
CA ASN C 126 13.83 -5.60 39.00
C ASN C 126 14.52 -4.31 38.56
N GLY C 127 14.69 -3.38 39.50
CA GLY C 127 15.32 -2.12 39.20
C GLY C 127 14.70 -1.41 38.01
N ILE C 128 13.38 -1.52 37.89
CA ILE C 128 12.65 -0.89 36.79
C ILE C 128 12.34 0.57 37.09
N ILE C 129 11.71 0.79 38.23
CA ILE C 129 11.34 2.14 38.65
C ILE C 129 11.60 2.33 40.14
N LEU C 130 11.72 3.58 40.56
CA LEU C 130 11.96 3.89 41.97
C LEU C 130 11.11 5.07 42.46
N LYS C 131 10.16 4.75 43.33
CA LYS C 131 9.25 5.75 43.90
C LYS C 131 10.02 6.68 44.84
N GLY C 132 9.59 7.94 44.92
CA GLY C 132 10.26 8.87 45.79
C GLY C 132 9.63 10.22 46.05
N LYS C 133 10.29 11.26 45.55
CA LYS C 133 9.88 12.65 45.71
C LYS C 133 8.39 12.93 45.48
N LYS C 134 7.75 13.54 46.47
CA LYS C 134 6.33 13.88 46.38
C LYS C 134 6.18 15.10 45.49
N GLU C 135 5.02 15.24 44.86
CA GLU C 135 4.76 16.38 43.98
C GLU C 135 3.41 16.98 44.36
N ILE C 136 3.17 18.21 43.95
CA ILE C 136 1.92 18.89 44.27
C ILE C 136 1.54 19.84 43.13
N ASP C 137 0.47 19.53 42.40
CA ASP C 137 0.07 20.43 41.32
C ASP C 137 -1.37 20.93 41.44
N ASN C 138 -2.30 20.26 40.77
CA ASN C 138 -3.69 20.69 40.84
C ASN C 138 -4.31 20.29 42.17
N GLY C 139 -3.57 20.59 43.24
CA GLY C 139 -4.04 20.29 44.58
C GLY C 139 -4.05 18.82 44.91
N LYS C 140 -3.31 18.01 44.14
CA LYS C 140 -3.25 16.58 44.37
C LYS C 140 -1.85 16.08 44.72
N LYS C 141 -1.81 14.97 45.46
CA LYS C 141 -0.54 14.38 45.90
C LYS C 141 -0.03 13.31 44.94
N TYR C 142 1.10 13.58 44.30
CA TYR C 142 1.69 12.62 43.39
C TYR C 142 3.13 12.33 43.79
N TYR C 143 3.59 11.12 43.46
CA TYR C 143 4.96 10.71 43.74
C TYR C 143 5.63 10.40 42.42
N LEU C 144 6.69 11.12 42.10
CA LEU C 144 7.37 10.87 40.84
C LEU C 144 8.02 9.49 40.85
N LEU C 145 7.67 8.68 39.85
CA LEU C 145 8.23 7.36 39.70
C LEU C 145 9.48 7.53 38.86
N GLU C 146 10.63 7.20 39.44
CA GLU C 146 11.89 7.36 38.74
C GLU C 146 12.23 6.18 37.83
N SER C 147 12.76 6.51 36.66
CA SER C 147 13.15 5.52 35.67
C SER C 147 14.38 6.02 34.93
N ASN C 148 15.31 5.12 34.64
CA ASN C 148 16.53 5.49 33.94
C ASN C 148 16.26 5.89 32.49
N ASN C 149 15.00 6.16 32.17
CA ASN C 149 14.65 6.57 30.82
C ASN C 149 14.94 8.07 30.70
N GLN C 150 15.18 8.53 29.48
CA GLN C 150 15.47 9.94 29.25
C GLN C 150 14.35 10.61 28.48
N VAL C 151 13.47 9.81 27.87
CA VAL C 151 12.37 10.34 27.09
C VAL C 151 11.12 10.64 27.90
N TYR C 152 10.71 9.72 28.77
CA TYR C 152 9.51 9.94 29.58
C TYR C 152 9.74 10.13 31.07
N GLU C 153 8.93 11.00 31.66
CA GLU C 153 8.99 11.29 33.08
C GLU C 153 7.65 10.84 33.64
N PHE C 154 7.68 9.91 34.59
CA PHE C 154 6.45 9.40 35.17
C PHE C 154 6.18 9.90 36.58
N ARG C 155 5.04 9.44 37.12
CA ARG C 155 4.60 9.78 38.47
C ARG C 155 3.33 8.97 38.75
N ILE C 156 2.98 8.82 40.01
CA ILE C 156 1.79 8.05 40.34
C ILE C 156 0.93 8.69 41.44
N SER C 157 -0.36 8.74 41.20
CA SER C 157 -1.29 9.31 42.17
C SER C 157 -1.21 8.58 43.48
N ASP C 158 -1.47 9.29 44.57
CA ASP C 158 -1.45 8.69 45.89
C ASP C 158 -2.91 8.45 46.29
N GLU C 159 -3.80 9.27 45.75
CA GLU C 159 -5.22 9.16 46.04
C GLU C 159 -5.81 7.85 45.51
N ASN C 160 -5.42 7.47 44.30
CA ASN C 160 -5.93 6.24 43.69
C ASN C 160 -4.88 5.30 43.11
N ASN C 161 -3.61 5.68 43.17
CA ASN C 161 -2.52 4.85 42.66
C ASN C 161 -2.42 4.82 41.13
N GLU C 162 -2.94 5.85 40.46
CA GLU C 162 -2.88 5.90 39.00
C GLU C 162 -1.53 6.42 38.55
N VAL C 163 -1.05 5.94 37.40
CA VAL C 163 0.23 6.37 36.88
C VAL C 163 0.02 7.29 35.70
N GLN C 164 0.81 8.36 35.64
CA GLN C 164 0.72 9.32 34.56
C GLN C 164 2.11 9.46 33.96
N TYR C 165 2.21 10.12 32.81
CA TYR C 165 3.51 10.28 32.16
C TYR C 165 3.49 11.38 31.13
N LYS C 166 4.59 12.13 31.06
CA LYS C 166 4.71 13.20 30.10
C LYS C 166 6.03 13.04 29.36
N THR C 167 6.71 14.15 29.07
CA THR C 167 7.99 14.10 28.39
C THR C 167 8.89 15.14 29.01
N LYS C 168 10.09 14.71 29.42
CA LYS C 168 11.06 15.60 30.04
C LYS C 168 11.33 16.86 29.21
N GLU C 169 11.81 17.90 29.88
CA GLU C 169 12.13 19.19 29.26
C GLU C 169 12.42 19.15 27.76
N GLY C 170 11.54 19.78 26.98
CA GLY C 170 11.70 19.83 25.54
C GLY C 170 12.18 18.55 24.88
N LYS C 171 12.12 17.43 25.60
CA LYS C 171 12.55 16.16 25.06
C LYS C 171 11.39 15.59 24.24
N ILE C 172 11.53 15.62 22.91
CA ILE C 172 10.48 15.13 22.02
C ILE C 172 10.57 13.62 21.81
N THR C 173 9.41 12.97 21.70
CA THR C 173 9.34 11.52 21.51
C THR C 173 9.43 11.08 20.04
N VAL C 174 9.37 9.76 19.82
CA VAL C 174 9.47 9.18 18.49
C VAL C 174 8.42 9.74 17.54
N LEU C 175 7.19 9.23 17.61
CA LEU C 175 6.14 9.75 16.75
C LEU C 175 6.00 11.22 17.14
N GLY C 176 6.28 12.09 16.18
CA GLY C 176 6.22 13.53 16.42
C GLY C 176 5.22 14.00 17.45
N GLU C 177 5.54 13.77 18.72
CA GLU C 177 4.66 14.16 19.81
C GLU C 177 5.40 14.78 20.98
N LYS C 178 4.63 15.26 21.93
CA LYS C 178 5.11 15.89 23.15
C LYS C 178 3.84 16.20 23.94
N PHE C 179 3.89 16.03 25.26
CA PHE C 179 2.70 16.29 26.07
C PHE C 179 2.94 16.26 27.57
N ASN C 180 2.25 17.14 28.29
CA ASN C 180 2.37 17.22 29.75
C ASN C 180 1.71 16.01 30.40
N TRP C 181 1.75 15.94 31.73
CA TRP C 181 1.17 14.82 32.46
C TRP C 181 -0.10 14.27 31.85
N ARG C 182 -0.02 13.05 31.34
CA ARG C 182 -1.16 12.36 30.75
C ARG C 182 -1.59 11.26 31.70
N ASN C 183 -1.86 10.08 31.14
CA ASN C 183 -2.31 8.96 31.93
C ASN C 183 -1.97 7.70 31.16
N ILE C 184 -1.28 6.76 31.80
CA ILE C 184 -0.91 5.54 31.12
C ILE C 184 -2.06 4.55 31.00
N GLU C 185 -2.62 4.44 29.81
CA GLU C 185 -3.71 3.51 29.56
C GLU C 185 -3.14 2.14 29.23
N VAL C 186 -3.88 1.10 29.60
CA VAL C 186 -3.47 -0.27 29.37
C VAL C 186 -4.60 -1.09 28.78
N MET C 187 -4.25 -2.02 27.91
CA MET C 187 -5.24 -2.90 27.29
C MET C 187 -5.87 -3.75 28.38
N ALA C 188 -7.19 -3.78 28.41
CA ALA C 188 -7.90 -4.56 29.39
C ALA C 188 -9.06 -5.30 28.75
N LYS C 189 -9.45 -6.42 29.34
CA LYS C 189 -10.58 -7.18 28.82
C LYS C 189 -11.74 -6.98 29.77
N ASN C 190 -12.93 -7.31 29.28
CA ASN C 190 -14.13 -7.19 30.06
C ASN C 190 -14.38 -8.47 30.86
N VAL C 191 -14.41 -8.34 32.18
CA VAL C 191 -14.64 -9.48 33.05
C VAL C 191 -15.83 -9.22 33.97
N GLU C 192 -16.98 -9.74 33.56
CA GLU C 192 -18.22 -9.57 34.31
C GLU C 192 -18.52 -8.08 34.47
N GLY C 193 -18.52 -7.37 33.35
CA GLY C 193 -18.82 -5.95 33.38
C GLY C 193 -17.67 -5.02 33.71
N VAL C 194 -16.73 -5.48 34.52
CA VAL C 194 -15.58 -4.66 34.89
C VAL C 194 -14.40 -4.91 33.95
N LEU C 195 -13.60 -3.87 33.72
CA LEU C 195 -12.43 -3.97 32.84
C LEU C 195 -11.20 -4.32 33.64
N LYS C 196 -10.60 -5.47 33.31
CA LYS C 196 -9.39 -5.91 33.99
C LYS C 196 -8.20 -5.78 33.05
N PRO C 197 -7.09 -5.20 33.53
CA PRO C 197 -5.91 -5.03 32.69
C PRO C 197 -5.33 -6.37 32.25
N LEU C 198 -4.73 -6.40 31.07
CA LEU C 198 -4.15 -7.62 30.52
C LEU C 198 -2.63 -7.70 30.64
N THR C 199 -2.10 -8.91 30.54
CA THR C 199 -0.68 -9.17 30.62
C THR C 199 -0.28 -10.11 29.49
N ALA C 200 0.95 -10.59 29.53
CA ALA C 200 1.43 -11.49 28.49
C ALA C 200 1.02 -12.93 28.80
N ASP C 201 0.55 -13.63 27.79
CA ASP C 201 0.14 -15.01 27.91
C ASP C 201 1.34 -15.93 27.76
N TYR C 202 1.07 -17.23 27.75
CA TYR C 202 2.12 -18.23 27.57
C TYR C 202 1.98 -18.73 26.14
N ASP C 203 2.91 -18.36 25.27
CA ASP C 203 2.81 -18.80 23.89
C ASP C 203 3.59 -20.09 23.64
N LEU C 204 2.88 -21.09 23.13
CA LEU C 204 3.46 -22.39 22.82
C LEU C 204 4.20 -22.35 21.50
N PHE C 205 5.50 -22.66 21.55
CA PHE C 205 6.31 -22.70 20.34
C PHE C 205 5.84 -23.90 19.52
N ALA C 206 5.59 -25.01 20.21
CA ALA C 206 5.11 -26.22 19.56
C ALA C 206 4.80 -27.30 20.60
N LEU C 207 4.06 -28.32 20.18
CA LEU C 207 3.70 -29.43 21.05
C LEU C 207 4.07 -30.72 20.36
N ALA C 208 4.90 -31.54 21.02
CA ALA C 208 5.31 -32.81 20.45
C ALA C 208 4.66 -34.00 21.14
N PRO C 209 3.59 -34.54 20.55
CA PRO C 209 2.90 -35.69 21.14
C PRO C 209 3.43 -37.03 20.65
N SER C 210 3.61 -37.98 21.57
CA SER C 210 4.09 -39.31 21.20
C SER C 210 3.06 -39.96 20.30
N LEU C 211 3.50 -40.62 19.23
CA LEU C 211 2.57 -41.27 18.31
C LEU C 211 1.62 -42.18 19.07
N THR C 212 2.13 -42.79 20.14
CA THR C 212 1.32 -43.68 20.96
C THR C 212 0.08 -42.94 21.43
N GLU C 213 0.25 -41.66 21.73
CA GLU C 213 -0.84 -40.80 22.18
C GLU C 213 -1.75 -40.43 21.03
N ILE C 214 -1.16 -40.19 19.86
CA ILE C 214 -1.94 -39.82 18.68
C ILE C 214 -2.86 -40.97 18.29
N LYS C 215 -2.50 -42.19 18.68
CA LYS C 215 -3.31 -43.37 18.40
C LYS C 215 -4.54 -43.26 19.27
N LYS C 216 -4.31 -43.12 20.57
CA LYS C 216 -5.37 -42.97 21.55
C LYS C 216 -6.41 -42.04 20.96
N GLN C 217 -5.95 -40.90 20.47
CA GLN C 217 -6.80 -39.90 19.86
C GLN C 217 -7.74 -40.53 18.85
N ILE C 218 -7.22 -41.50 18.10
CA ILE C 218 -8.00 -42.19 17.08
C ILE C 218 -9.05 -43.12 17.67
N PRO C 219 -10.25 -43.18 17.04
CA PRO C 219 -11.33 -44.05 17.53
C PRO C 219 -11.00 -45.52 17.25
N GLN C 220 -10.90 -46.30 18.31
CA GLN C 220 -10.57 -47.72 18.21
C GLN C 220 -11.34 -48.51 17.15
N LYS C 221 -12.61 -48.16 16.94
CA LYS C 221 -13.42 -48.86 15.96
C LYS C 221 -13.04 -48.49 14.52
N GLU C 222 -12.89 -47.19 14.29
CA GLU C 222 -12.55 -46.67 12.96
C GLU C 222 -11.14 -47.06 12.49
N TRP C 223 -10.26 -47.34 13.45
CA TRP C 223 -8.89 -47.73 13.14
C TRP C 223 -8.84 -49.15 12.62
N ASP C 224 -9.55 -50.05 13.29
CA ASP C 224 -9.58 -51.45 12.91
C ASP C 224 -10.12 -51.59 11.49
N LYS C 225 -11.00 -50.66 11.11
CA LYS C 225 -11.60 -50.67 9.77
C LYS C 225 -10.56 -50.81 8.67
N VAL C 226 -9.37 -50.27 8.88
CA VAL C 226 -8.30 -50.35 7.89
C VAL C 226 -7.02 -50.99 8.41
N VAL C 227 -6.92 -51.16 9.72
CA VAL C 227 -5.72 -51.75 10.30
C VAL C 227 -5.78 -53.27 10.43
N ASN C 228 -6.96 -53.79 10.76
CA ASN C 228 -7.12 -55.24 10.93
C ASN C 228 -7.00 -56.04 9.64
N THR C 229 -5.75 -56.28 9.25
CA THR C 229 -5.37 -57.04 8.07
C THR C 229 -6.18 -56.84 6.77
N PRO C 230 -6.66 -55.62 6.49
CA PRO C 230 -7.41 -55.49 5.24
C PRO C 230 -6.44 -55.63 4.06
N ASN C 231 -5.19 -55.27 4.32
CA ASN C 231 -4.10 -55.32 3.34
C ASN C 231 -4.55 -55.22 1.89
N GLU C 234 -1.89 -50.79 0.55
CA GLU C 234 -3.12 -50.04 0.82
C GLU C 234 -3.39 -49.95 2.32
N LYS C 235 -2.54 -50.59 3.11
CA LYS C 235 -2.71 -50.55 4.56
C LYS C 235 -1.92 -49.36 5.07
N GLN C 236 -0.77 -49.10 4.46
CA GLN C 236 0.06 -47.97 4.87
C GLN C 236 -0.80 -46.73 4.71
N LYS C 237 -1.39 -46.58 3.52
CA LYS C 237 -2.25 -45.44 3.22
C LYS C 237 -3.31 -45.30 4.31
N GLY C 238 -3.61 -46.41 4.98
CA GLY C 238 -4.59 -46.37 6.05
C GLY C 238 -4.01 -45.60 7.23
N VAL C 239 -3.01 -46.21 7.87
CA VAL C 239 -2.37 -45.59 9.02
C VAL C 239 -1.88 -44.17 8.76
N THR C 240 -1.61 -43.83 7.51
CA THR C 240 -1.16 -42.48 7.19
C THR C 240 -2.37 -41.55 7.20
N ASN C 241 -3.28 -41.74 6.24
CA ASN C 241 -4.48 -40.91 6.19
C ASN C 241 -5.24 -40.98 7.49
N LEU C 242 -4.76 -41.80 8.41
CA LEU C 242 -5.38 -41.95 9.72
C LEU C 242 -4.57 -41.08 10.67
N LEU C 243 -3.25 -41.12 10.49
CA LEU C 243 -2.34 -40.34 11.31
C LEU C 243 -2.50 -38.86 10.96
N ILE C 244 -2.79 -38.60 9.68
CA ILE C 244 -2.97 -37.23 9.20
C ILE C 244 -4.08 -36.49 9.96
N LYS C 245 -5.28 -37.05 9.97
CA LYS C 245 -6.40 -36.41 10.65
C LYS C 245 -6.15 -36.13 12.13
N TYR C 246 -6.22 -37.18 12.94
CA TYR C 246 -6.03 -37.05 14.39
C TYR C 246 -4.59 -36.78 14.79
N GLY C 247 -3.83 -36.18 13.89
CA GLY C 247 -2.44 -35.89 14.19
C GLY C 247 -1.86 -34.67 13.49
N ILE C 248 -2.01 -34.61 12.18
CA ILE C 248 -1.48 -33.51 11.40
C ILE C 248 -2.50 -32.41 11.18
N GLU C 249 -3.51 -32.70 10.36
CA GLU C 249 -4.56 -31.74 10.05
C GLU C 249 -4.90 -30.76 11.17
N ARG C 250 -4.76 -29.48 10.87
CA ARG C 250 -5.08 -28.41 11.83
C ARG C 250 -6.25 -27.67 11.21
N LYS C 251 -6.91 -26.82 11.98
CA LYS C 251 -8.04 -26.06 11.46
C LYS C 251 -8.23 -24.75 12.22
N PRO C 252 -8.49 -23.66 11.49
CA PRO C 252 -8.69 -22.35 12.11
C PRO C 252 -9.78 -22.36 13.18
N ASP C 253 -9.51 -21.75 14.32
CA ASP C 253 -10.49 -21.70 15.41
C ASP C 253 -11.14 -20.32 15.42
N SER C 254 -11.65 -19.95 16.58
CA SER C 254 -12.33 -18.69 16.75
C SER C 254 -11.56 -17.75 17.69
N THR C 255 -10.81 -18.33 18.61
CA THR C 255 -10.03 -17.52 19.55
C THR C 255 -8.58 -17.98 19.55
N LYS C 256 -8.40 -19.25 19.25
CA LYS C 256 -7.06 -19.81 19.16
C LYS C 256 -6.89 -19.75 17.65
N GLY C 257 -5.71 -19.38 17.16
CA GLY C 257 -5.51 -19.30 15.71
C GLY C 257 -5.83 -20.59 15.02
N THR C 258 -4.86 -21.14 14.32
CA THR C 258 -5.07 -22.41 13.66
C THR C 258 -4.58 -23.44 14.66
N LEU C 259 -5.46 -24.39 14.97
CA LEU C 259 -5.16 -25.40 15.96
C LEU C 259 -5.71 -26.75 15.56
N SER C 260 -5.27 -27.80 16.24
CA SER C 260 -5.76 -29.14 15.95
C SER C 260 -6.63 -29.57 17.12
N ASN C 261 -7.62 -30.40 16.83
CA ASN C 261 -8.52 -30.91 17.85
C ASN C 261 -7.68 -31.38 19.03
N TRP C 262 -6.79 -32.33 18.77
CA TRP C 262 -5.93 -32.85 19.83
C TRP C 262 -5.28 -31.72 20.62
N GLN C 263 -4.78 -30.72 19.92
CA GLN C 263 -4.14 -29.59 20.58
C GLN C 263 -5.08 -28.82 21.50
N LYS C 264 -6.31 -28.61 21.06
CA LYS C 264 -7.28 -27.91 21.90
C LYS C 264 -7.35 -28.60 23.25
N GLN C 265 -7.52 -29.92 23.23
CA GLN C 265 -7.60 -30.69 24.47
C GLN C 265 -6.35 -30.39 25.30
N MET C 266 -5.19 -30.62 24.70
CA MET C 266 -3.91 -30.39 25.36
C MET C 266 -3.92 -28.99 25.96
N LEU C 267 -4.51 -28.05 25.24
CA LEU C 267 -4.59 -26.68 25.68
C LEU C 267 -5.32 -26.62 27.02
N ASP C 268 -6.59 -27.00 27.00
CA ASP C 268 -7.44 -27.01 28.18
C ASP C 268 -6.73 -27.60 29.39
N ARG C 269 -6.00 -28.70 29.17
CA ARG C 269 -5.27 -29.33 30.25
C ARG C 269 -4.32 -28.31 30.88
N LEU C 270 -3.57 -27.63 30.02
CA LEU C 270 -2.60 -26.63 30.44
C LEU C 270 -3.25 -25.53 31.28
N ASN C 271 -4.40 -25.05 30.84
CA ASN C 271 -5.13 -24.01 31.56
C ASN C 271 -5.66 -24.57 32.87
N GLU C 272 -6.33 -25.72 32.79
CA GLU C 272 -6.87 -26.37 33.97
C GLU C 272 -5.76 -26.56 34.97
N ALA C 273 -4.62 -27.02 34.48
CA ALA C 273 -3.45 -27.26 35.32
C ALA C 273 -3.09 -26.04 36.15
N VAL C 274 -3.11 -24.86 35.53
CA VAL C 274 -2.75 -23.64 36.24
C VAL C 274 -3.75 -23.27 37.33
N LYS C 275 -5.03 -23.56 37.08
CA LYS C 275 -6.08 -23.26 38.05
C LYS C 275 -5.76 -23.90 39.40
N TYR C 276 -5.57 -25.22 39.40
CA TYR C 276 -5.24 -25.98 40.61
C TYR C 276 -4.15 -25.27 41.42
N THR C 277 -3.45 -24.35 40.78
CA THR C 277 -2.37 -23.61 41.43
C THR C 277 -2.94 -22.42 42.18
N GLY C 278 -4.09 -21.94 41.73
CA GLY C 278 -4.72 -20.79 42.35
C GLY C 278 -4.83 -19.61 41.40
N TYR C 279 -4.53 -19.85 40.13
CA TYR C 279 -4.62 -18.78 39.14
C TYR C 279 -6.08 -18.46 38.81
N THR C 280 -6.50 -17.28 39.21
CA THR C 280 -7.87 -16.81 38.99
C THR C 280 -8.10 -16.26 37.60
N GLY C 281 -7.12 -15.49 37.11
CA GLY C 281 -7.18 -14.87 35.80
C GLY C 281 -7.86 -15.63 34.66
N GLY C 282 -8.02 -16.94 34.80
CA GLY C 282 -8.65 -17.73 33.76
C GLY C 282 -7.62 -18.48 32.97
N ASP C 283 -7.73 -18.42 31.64
CA ASP C 283 -6.78 -19.11 30.78
C ASP C 283 -5.44 -18.39 30.67
N VAL C 284 -4.38 -19.15 30.41
CA VAL C 284 -3.05 -18.58 30.30
C VAL C 284 -2.34 -19.10 29.03
N VAL C 285 -3.08 -19.87 28.24
CA VAL C 285 -2.63 -20.44 26.97
C VAL C 285 -3.85 -20.26 26.09
N ASN C 286 -3.85 -19.21 25.27
CA ASN C 286 -5.01 -18.90 24.45
C ASN C 286 -5.02 -19.29 22.97
N HIS C 287 -3.86 -19.47 22.35
CA HIS C 287 -3.87 -19.81 20.94
C HIS C 287 -3.03 -21.00 20.52
N GLY C 288 -3.07 -21.28 19.22
CA GLY C 288 -2.32 -22.39 18.67
C GLY C 288 -0.82 -22.23 18.81
N THR C 289 -0.09 -23.22 18.32
CA THR C 289 1.35 -23.22 18.40
C THR C 289 1.96 -22.33 17.33
N GLU C 290 3.16 -21.81 17.60
CA GLU C 290 3.85 -20.96 16.65
C GLU C 290 3.94 -21.66 15.29
N GLN C 291 4.06 -22.98 15.35
CA GLN C 291 4.16 -23.81 14.16
C GLN C 291 2.97 -23.69 13.21
N ASP C 292 1.93 -23.01 13.66
CA ASP C 292 0.75 -22.82 12.82
C ASP C 292 0.59 -21.34 12.52
N ASN C 293 1.53 -20.55 13.03
CA ASN C 293 1.53 -19.11 12.81
C ASN C 293 2.27 -18.82 11.51
N GLU C 294 1.61 -19.14 10.40
CA GLU C 294 2.18 -18.96 9.08
C GLU C 294 2.08 -17.53 8.55
N GLU C 295 1.21 -16.74 9.16
CA GLU C 295 1.00 -15.35 8.76
C GLU C 295 2.14 -14.44 9.20
N PHE C 296 2.47 -14.48 10.49
CA PHE C 296 3.52 -13.64 11.04
C PHE C 296 4.46 -14.42 11.95
N PRO C 297 5.29 -15.29 11.35
CA PRO C 297 6.24 -16.13 12.06
C PRO C 297 7.12 -15.32 12.99
N GLU C 298 7.39 -15.90 14.16
CA GLU C 298 8.22 -15.28 15.17
C GLU C 298 9.45 -16.17 15.40
N LYS C 299 10.63 -15.65 15.10
CA LYS C 299 11.85 -16.42 15.31
C LYS C 299 12.43 -15.97 16.65
N ASP C 300 12.30 -16.81 17.66
CA ASP C 300 12.81 -16.52 19.00
C ASP C 300 14.09 -17.27 19.28
N ASN C 301 15.05 -16.59 19.89
CA ASN C 301 16.34 -17.20 20.19
C ASN C 301 16.26 -18.31 21.24
N GLU C 302 15.39 -18.13 22.24
CA GLU C 302 15.25 -19.12 23.30
C GLU C 302 13.85 -19.74 23.35
N ILE C 303 13.81 -21.06 23.49
CA ILE C 303 12.54 -21.78 23.56
C ILE C 303 12.53 -22.69 24.78
N PHE C 304 11.67 -22.38 25.74
CA PHE C 304 11.55 -23.18 26.96
C PHE C 304 10.90 -24.51 26.62
N ILE C 305 11.60 -25.61 26.91
CA ILE C 305 11.06 -26.91 26.61
C ILE C 305 10.92 -27.82 27.81
N ILE C 306 9.74 -28.43 27.89
CA ILE C 306 9.41 -29.35 28.96
C ILE C 306 9.21 -30.69 28.29
N ASN C 307 10.12 -31.63 28.55
CA ASN C 307 10.07 -32.97 27.97
C ASN C 307 9.09 -33.81 28.77
N PRO C 308 8.61 -34.91 28.17
CA PRO C 308 7.66 -35.80 28.85
C PRO C 308 8.17 -36.37 30.16
N GLU C 309 9.42 -36.06 30.49
CA GLU C 309 10.00 -36.54 31.74
C GLU C 309 9.91 -35.45 32.81
N GLY C 310 9.13 -34.42 32.51
CA GLY C 310 8.96 -33.32 33.45
C GLY C 310 10.20 -32.48 33.66
N GLU C 311 11.09 -32.46 32.69
CA GLU C 311 12.32 -31.68 32.80
C GLU C 311 12.23 -30.34 32.08
N PHE C 312 13.10 -29.41 32.48
CA PHE C 312 13.11 -28.08 31.88
C PHE C 312 14.36 -27.86 31.05
N ILE C 313 14.15 -27.56 29.77
CA ILE C 313 15.25 -27.33 28.85
C ILE C 313 15.07 -26.03 28.09
N LEU C 314 16.11 -25.20 28.05
CA LEU C 314 16.04 -23.94 27.34
C LEU C 314 17.07 -23.82 26.20
N THR C 315 16.58 -23.49 25.01
CA THR C 315 17.43 -23.32 23.84
C THR C 315 18.06 -21.95 23.92
N LYS C 316 19.27 -21.82 23.38
CA LYS C 316 19.96 -20.55 23.41
C LYS C 316 19.94 -19.82 22.07
N ASN C 317 19.67 -20.54 20.99
CA ASN C 317 19.62 -19.94 19.66
C ASN C 317 18.88 -20.81 18.66
N TRP C 318 18.21 -20.16 17.70
CA TRP C 318 17.44 -20.85 16.68
C TRP C 318 18.10 -22.12 16.14
N GLU C 319 19.36 -22.01 15.74
CA GLU C 319 20.08 -23.15 15.21
C GLU C 319 20.05 -24.28 16.24
N MET C 320 20.24 -23.93 17.50
CA MET C 320 20.23 -24.91 18.57
C MET C 320 18.87 -25.58 18.80
N THR C 321 17.80 -24.78 18.76
CA THR C 321 16.46 -25.31 18.95
C THR C 321 16.19 -26.37 17.89
N GLY C 322 16.62 -26.09 16.67
CA GLY C 322 16.42 -27.04 15.57
C GLY C 322 17.03 -28.40 15.84
N ARG C 323 18.25 -28.42 16.37
CA ARG C 323 18.94 -29.66 16.67
C ARG C 323 18.14 -30.46 17.70
N PHE C 324 17.81 -29.81 18.82
CA PHE C 324 17.05 -30.46 19.88
C PHE C 324 15.76 -31.06 19.32
N ILE C 325 15.06 -30.30 18.48
CA ILE C 325 13.81 -30.78 17.92
C ILE C 325 14.00 -31.98 17.01
N GLU C 326 15.15 -32.06 16.34
CA GLU C 326 15.39 -33.20 15.46
C GLU C 326 15.97 -34.37 16.26
N LYS C 327 16.80 -34.05 17.24
CA LYS C 327 17.44 -35.05 18.08
C LYS C 327 16.52 -35.74 19.09
N ASN C 328 15.47 -35.06 19.54
CA ASN C 328 14.60 -35.68 20.53
C ASN C 328 13.14 -35.79 20.10
N ILE C 329 12.73 -34.96 19.15
CA ILE C 329 11.34 -35.00 18.72
C ILE C 329 11.12 -35.55 17.32
N THR C 330 11.32 -34.71 16.31
CA THR C 330 11.11 -35.13 14.92
C THR C 330 11.81 -36.42 14.56
N GLY C 331 12.74 -36.86 15.41
CA GLY C 331 13.45 -38.09 15.16
C GLY C 331 13.43 -38.98 16.39
N LYS C 332 12.26 -39.16 16.98
CA LYS C 332 12.13 -39.98 18.17
C LYS C 332 10.71 -40.52 18.38
N ASP C 333 10.04 -40.82 17.26
CA ASP C 333 8.69 -41.38 17.29
C ASP C 333 7.58 -40.39 17.67
N TYR C 334 7.95 -39.15 17.98
CA TYR C 334 6.96 -38.14 18.34
C TYR C 334 6.41 -37.41 17.11
N LEU C 335 5.14 -37.01 17.20
CA LEU C 335 4.49 -36.29 16.11
C LEU C 335 4.88 -34.81 16.11
N TYR C 336 5.48 -34.35 15.03
CA TYR C 336 5.90 -32.97 14.93
C TYR C 336 5.82 -32.47 13.50
N TYR C 337 5.83 -31.15 13.35
CA TYR C 337 5.78 -30.52 12.05
C TYR C 337 6.17 -29.07 12.29
N PHE C 338 6.77 -28.44 11.29
CA PHE C 338 7.18 -27.06 11.46
C PHE C 338 6.38 -26.06 10.63
N ASN C 339 6.35 -24.83 11.10
CA ASN C 339 5.62 -23.76 10.46
C ASN C 339 5.83 -23.78 8.96
N ARG C 340 4.76 -24.09 8.23
CA ARG C 340 4.83 -24.16 6.78
C ARG C 340 5.41 -22.92 6.10
N SER C 341 5.47 -21.80 6.81
CA SER C 341 6.01 -20.60 6.20
C SER C 341 7.54 -20.62 6.17
N TYR C 342 8.14 -21.40 7.06
CA TYR C 342 9.60 -21.51 7.10
C TYR C 342 10.19 -21.73 5.70
N ASN C 343 11.47 -21.39 5.54
CA ASN C 343 12.14 -21.55 4.25
C ASN C 343 11.34 -20.94 3.09
N LYS C 344 10.55 -19.93 3.41
CA LYS C 344 9.73 -19.24 2.43
C LYS C 344 9.53 -17.83 2.99
N ILE C 345 9.01 -16.92 2.18
CA ILE C 345 8.77 -15.56 2.68
C ILE C 345 7.36 -15.48 3.28
N ALA C 346 7.29 -15.45 4.61
CA ALA C 346 6.00 -15.37 5.30
C ALA C 346 5.16 -14.24 4.71
N PRO C 347 3.94 -14.56 4.27
CA PRO C 347 2.99 -13.61 3.67
C PRO C 347 2.69 -12.36 4.49
N GLY C 348 2.70 -12.48 5.80
CA GLY C 348 2.38 -11.34 6.63
C GLY C 348 3.53 -10.37 6.86
N ASN C 349 4.43 -10.75 7.76
CA ASN C 349 5.56 -9.91 8.12
C ASN C 349 6.74 -10.06 7.16
N LYS C 350 6.57 -10.88 6.12
CA LYS C 350 7.63 -11.06 5.15
C LYS C 350 8.91 -11.59 5.79
N ALA C 351 8.74 -12.55 6.71
CA ALA C 351 9.87 -13.12 7.40
C ALA C 351 10.36 -14.38 6.71
N TYR C 352 11.67 -14.49 6.59
CA TYR C 352 12.28 -15.65 5.98
C TYR C 352 12.98 -16.43 7.06
N ILE C 353 12.25 -17.34 7.70
CA ILE C 353 12.81 -18.16 8.76
C ILE C 353 13.20 -19.54 8.20
N GLU C 354 14.48 -19.85 8.28
CA GLU C 354 15.00 -21.11 7.76
C GLU C 354 14.92 -22.25 8.75
N TRP C 355 14.60 -23.44 8.24
CA TRP C 355 14.48 -24.63 9.04
C TRP C 355 14.89 -25.84 8.21
N THR C 356 15.72 -26.71 8.78
CA THR C 356 16.19 -27.90 8.07
C THR C 356 15.02 -28.71 7.54
N ASP C 357 14.92 -28.86 6.23
CA ASP C 357 13.83 -29.63 5.64
C ASP C 357 14.31 -30.74 4.69
N PRO C 358 14.35 -31.99 5.18
CA PRO C 358 14.77 -33.21 4.49
C PRO C 358 14.41 -33.34 3.01
N ILE C 359 13.13 -33.14 2.67
CA ILE C 359 12.70 -33.27 1.28
C ILE C 359 13.59 -32.47 0.34
N THR C 360 14.43 -31.62 0.91
CA THR C 360 15.35 -30.83 0.10
C THR C 360 16.76 -31.36 0.37
N LYS C 361 17.07 -31.58 1.64
CA LYS C 361 18.37 -32.09 2.07
C LYS C 361 18.85 -33.11 1.07
N ALA C 362 18.01 -34.10 0.79
CA ALA C 362 18.32 -35.12 -0.17
C ALA C 362 17.44 -34.92 -1.40
N LYS C 363 17.70 -33.85 -2.12
CA LYS C 363 16.94 -33.54 -3.31
C LYS C 363 17.76 -33.82 -4.58
N ILE C 364 18.07 -35.10 -4.77
CA ILE C 364 18.83 -35.55 -5.94
C ILE C 364 17.98 -36.60 -6.65
N ASN C 365 16.84 -36.15 -7.18
CA ASN C 365 15.90 -37.01 -7.89
C ASN C 365 15.21 -36.17 -8.95
N THR C 366 14.15 -36.69 -9.55
CA THR C 366 13.45 -35.97 -10.60
C THR C 366 11.94 -36.15 -10.54
N ILE C 367 11.21 -35.30 -11.26
CA ILE C 367 9.75 -35.37 -11.29
C ILE C 367 9.20 -34.06 -11.91
N PRO C 368 7.99 -34.11 -12.50
CA PRO C 368 7.37 -32.92 -13.10
C PRO C 368 7.31 -31.70 -12.15
N SER C 403 4.72 -35.88 -37.87
CA SER C 403 6.09 -36.34 -38.06
C SER C 403 6.98 -35.83 -36.93
N VAL C 404 8.21 -36.34 -36.90
CA VAL C 404 9.17 -35.97 -35.87
C VAL C 404 8.62 -36.25 -34.48
N LYS C 405 8.98 -37.41 -33.94
CA LYS C 405 8.52 -37.80 -32.61
C LYS C 405 9.64 -37.86 -31.59
N LYS C 406 9.62 -36.92 -30.65
CA LYS C 406 10.63 -36.84 -29.61
C LYS C 406 10.00 -36.17 -28.39
N ILE C 407 9.11 -35.21 -28.65
CA ILE C 407 8.42 -34.49 -27.59
C ILE C 407 7.34 -35.41 -27.04
N ALA C 408 6.80 -36.26 -27.91
CA ALA C 408 5.77 -37.21 -27.53
C ALA C 408 6.38 -38.58 -27.26
N GLY C 409 5.77 -39.32 -26.34
CA GLY C 409 6.27 -40.64 -26.00
C GLY C 409 6.68 -40.72 -24.54
N TYR C 410 7.23 -41.86 -24.14
CA TYR C 410 7.66 -42.06 -22.77
C TYR C 410 9.07 -41.52 -22.54
N LEU C 411 9.16 -40.21 -22.32
CA LEU C 411 10.45 -39.57 -22.10
C LEU C 411 10.41 -38.63 -20.89
N SER C 412 9.46 -38.84 -19.99
CA SER C 412 9.32 -38.01 -18.80
C SER C 412 8.33 -38.60 -17.80
N ASP C 413 8.33 -39.91 -17.68
CA ASP C 413 7.43 -40.60 -16.76
C ASP C 413 8.20 -41.54 -15.84
N TYR C 414 9.47 -41.22 -15.62
CA TYR C 414 10.36 -42.01 -14.77
C TYR C 414 9.57 -42.74 -13.70
N TYR C 415 8.67 -42.01 -13.06
CA TYR C 415 7.82 -42.55 -12.01
C TYR C 415 6.60 -43.23 -12.63
N ASN C 416 6.74 -44.52 -12.88
CA ASN C 416 5.65 -45.31 -13.46
C ASN C 416 5.16 -46.30 -12.42
N SER C 417 3.95 -46.04 -11.90
CA SER C 417 3.33 -46.88 -10.89
C SER C 417 3.38 -48.36 -11.25
N ALA C 418 3.34 -48.64 -12.56
CA ALA C 418 3.38 -50.01 -13.05
C ALA C 418 4.77 -50.62 -12.85
N ASN C 419 5.44 -50.22 -11.77
CA ASN C 419 6.78 -50.71 -11.48
C ASN C 419 6.74 -51.54 -10.18
N HIS C 420 5.54 -51.77 -9.67
CA HIS C 420 5.38 -52.53 -8.43
C HIS C 420 5.48 -54.03 -8.67
N ILE C 421 5.35 -54.43 -9.94
CA ILE C 421 5.44 -55.83 -10.32
C ILE C 421 6.86 -56.19 -10.75
N PHE C 422 7.48 -55.30 -11.52
CA PHE C 422 8.85 -55.52 -11.99
C PHE C 422 9.80 -55.77 -10.82
N SER C 423 10.39 -56.96 -10.81
CA SER C 423 11.32 -57.36 -9.76
C SER C 423 12.19 -56.21 -9.24
N GLN C 424 12.47 -56.24 -7.94
CA GLN C 424 13.28 -55.21 -7.31
C GLN C 424 14.59 -54.96 -8.06
N GLU C 425 15.08 -55.98 -8.74
CA GLU C 425 16.31 -55.86 -9.51
C GLU C 425 16.03 -55.08 -10.78
N LYS C 426 15.04 -55.54 -11.56
CA LYS C 426 14.69 -54.87 -12.81
C LYS C 426 14.32 -53.43 -12.52
N LYS C 427 13.89 -53.16 -11.28
CA LYS C 427 13.52 -51.81 -10.87
C LYS C 427 14.72 -50.89 -11.07
N ARG C 428 15.75 -51.11 -10.25
CA ARG C 428 16.98 -50.34 -10.32
C ARG C 428 17.65 -50.51 -11.68
N LYS C 429 17.19 -51.51 -12.44
CA LYS C 429 17.74 -51.77 -13.76
C LYS C 429 17.05 -50.87 -14.78
N ILE C 430 15.72 -50.93 -14.81
CA ILE C 430 14.94 -50.10 -15.74
C ILE C 430 14.98 -48.66 -15.26
N SER C 431 15.17 -48.49 -13.96
CA SER C 431 15.25 -47.17 -13.35
C SER C 431 16.40 -46.39 -13.97
N ILE C 432 17.61 -46.91 -13.77
CA ILE C 432 18.82 -46.30 -14.31
C ILE C 432 18.60 -45.87 -15.75
N PHE C 433 17.89 -46.70 -16.50
CA PHE C 433 17.60 -46.40 -17.90
C PHE C 433 16.70 -45.17 -17.97
N ARG C 434 15.54 -45.25 -17.33
CA ARG C 434 14.58 -44.15 -17.32
C ARG C 434 15.33 -42.85 -17.05
N GLY C 435 16.35 -42.95 -16.20
CA GLY C 435 17.15 -41.78 -15.86
C GLY C 435 17.99 -41.36 -17.05
N ILE C 436 18.82 -42.27 -17.54
CA ILE C 436 19.67 -41.99 -18.69
C ILE C 436 18.78 -41.64 -19.88
N GLN C 437 17.54 -42.12 -19.82
CA GLN C 437 16.56 -41.86 -20.86
C GLN C 437 16.38 -40.35 -20.92
N ALA C 438 16.36 -39.75 -19.73
CA ALA C 438 16.20 -38.30 -19.61
C ALA C 438 17.55 -37.61 -19.61
N TYR C 439 18.62 -38.40 -19.60
CA TYR C 439 19.95 -37.81 -19.62
C TYR C 439 19.95 -36.91 -20.83
N ASN C 440 19.34 -37.42 -21.90
CA ASN C 440 19.21 -36.65 -23.12
C ASN C 440 17.82 -36.81 -23.70
N GLU C 441 16.84 -36.41 -22.90
CA GLU C 441 15.43 -36.43 -23.28
C GLU C 441 15.40 -35.50 -24.47
N ILE C 442 15.76 -34.25 -24.19
CA ILE C 442 15.85 -33.16 -25.15
C ILE C 442 16.70 -32.19 -24.36
N GLU C 443 17.62 -32.77 -23.60
CA GLU C 443 18.54 -32.06 -22.72
C GLU C 443 19.77 -31.53 -23.46
N ASN C 444 20.47 -32.41 -24.18
CA ASN C 444 21.66 -31.99 -24.92
C ASN C 444 21.25 -31.03 -26.03
N VAL C 445 20.46 -30.05 -25.62
CA VAL C 445 19.99 -29.00 -26.49
C VAL C 445 20.60 -27.77 -25.84
N LEU C 446 21.56 -28.05 -24.95
CA LEU C 446 22.30 -27.04 -24.20
C LEU C 446 22.80 -25.94 -25.14
N LYS C 447 23.73 -26.30 -26.01
CA LYS C 447 24.29 -25.34 -26.95
C LYS C 447 23.42 -25.19 -28.20
N SER C 448 22.15 -25.55 -28.10
CA SER C 448 21.22 -25.41 -29.22
C SER C 448 21.47 -24.02 -29.78
N LYS C 449 21.31 -23.04 -28.91
CA LYS C 449 21.54 -21.64 -29.25
C LYS C 449 21.83 -20.94 -27.93
N GLN C 450 21.35 -19.71 -27.77
CA GLN C 450 21.59 -18.98 -26.53
C GLN C 450 20.53 -19.26 -25.46
N ILE C 451 20.75 -20.29 -24.66
CA ILE C 451 19.82 -20.66 -23.60
C ILE C 451 20.38 -20.21 -22.24
N ALA C 452 19.82 -19.11 -21.73
CA ALA C 452 20.24 -18.48 -20.47
C ALA C 452 20.47 -19.37 -19.24
N PRO C 453 21.23 -18.83 -18.25
CA PRO C 453 21.70 -19.30 -16.94
C PRO C 453 20.96 -20.25 -15.99
N GLU C 454 19.65 -20.20 -15.84
CA GLU C 454 19.06 -21.19 -14.93
C GLU C 454 18.71 -22.39 -15.76
N TYR C 455 17.79 -22.21 -16.71
CA TYR C 455 17.40 -23.29 -17.61
C TYR C 455 18.56 -24.25 -17.77
N LYS C 456 19.64 -23.74 -18.35
CA LYS C 456 20.85 -24.51 -18.58
C LYS C 456 21.47 -25.01 -17.29
N ASN C 457 21.90 -24.07 -16.44
CA ASN C 457 22.52 -24.41 -15.17
C ASN C 457 21.62 -25.35 -14.37
N TYR C 458 20.35 -25.40 -14.75
CA TYR C 458 19.37 -26.26 -14.08
C TYR C 458 19.34 -27.62 -14.74
N PHE C 459 19.16 -27.64 -16.06
CA PHE C 459 19.13 -28.91 -16.81
C PHE C 459 20.49 -29.56 -16.59
N GLN C 460 21.50 -28.72 -16.39
CA GLN C 460 22.86 -29.18 -16.16
C GLN C 460 22.95 -29.69 -14.72
N TYR C 461 22.22 -29.04 -13.82
CA TYR C 461 22.17 -29.43 -12.42
C TYR C 461 21.30 -30.69 -12.33
N LEU C 462 20.12 -30.61 -12.93
CA LEU C 462 19.16 -31.70 -12.96
C LEU C 462 19.92 -32.95 -13.42
N LYS C 463 20.83 -32.74 -14.37
CA LYS C 463 21.66 -33.80 -14.89
C LYS C 463 22.45 -34.40 -13.74
N GLU C 464 23.16 -33.52 -13.02
CA GLU C 464 23.97 -33.90 -11.88
C GLU C 464 23.14 -34.68 -10.86
N ARG C 465 21.88 -34.30 -10.72
CA ARG C 465 21.01 -34.99 -9.79
C ARG C 465 20.81 -36.42 -10.27
N ILE C 466 20.21 -36.57 -11.44
CA ILE C 466 19.98 -37.89 -12.02
C ILE C 466 21.22 -38.75 -11.86
N THR C 467 22.38 -38.10 -11.92
CA THR C 467 23.66 -38.77 -11.79
C THR C 467 23.78 -39.57 -10.50
N ASN C 468 23.52 -38.90 -9.38
CA ASN C 468 23.59 -39.53 -8.07
C ASN C 468 22.40 -40.48 -7.88
N GLN C 469 21.23 -40.03 -8.33
CA GLN C 469 20.00 -40.82 -8.22
C GLN C 469 20.21 -42.18 -8.86
N VAL C 470 20.97 -42.20 -9.95
CA VAL C 470 21.26 -43.44 -10.66
C VAL C 470 22.51 -44.09 -10.06
N GLN C 471 23.36 -43.27 -9.47
CA GLN C 471 24.59 -43.76 -8.86
C GLN C 471 24.25 -44.71 -7.72
N LEU C 472 23.42 -44.23 -6.79
CA LEU C 472 23.01 -45.04 -5.64
C LEU C 472 22.51 -46.40 -6.12
N LEU C 473 21.84 -46.41 -7.26
CA LEU C 473 21.30 -47.65 -7.83
C LEU C 473 22.45 -48.59 -8.16
N LEU C 474 23.31 -48.14 -9.07
CA LEU C 474 24.46 -48.92 -9.48
C LEU C 474 25.33 -49.24 -8.27
N THR C 475 25.71 -48.20 -7.54
CA THR C 475 26.55 -48.35 -6.36
C THR C 475 25.95 -49.26 -5.31
N HIS C 476 24.61 -49.34 -5.27
CA HIS C 476 23.94 -50.19 -4.30
C HIS C 476 24.46 -51.61 -4.48
N GLN C 477 24.55 -52.02 -5.74
CA GLN C 477 25.04 -53.35 -6.08
C GLN C 477 25.39 -53.35 -7.57
N LYS C 478 26.60 -52.93 -7.89
CA LYS C 478 27.07 -52.86 -9.27
C LYS C 478 27.86 -54.12 -9.65
N PHE C 483 28.01 -44.58 -15.11
CA PHE C 483 28.31 -43.27 -15.65
C PHE C 483 29.77 -43.16 -16.06
N LYS C 484 30.53 -42.18 -15.57
CA LYS C 484 31.91 -42.16 -16.03
C LYS C 484 32.74 -43.31 -15.48
N LEU C 485 32.05 -44.35 -15.05
CA LEU C 485 32.75 -45.54 -14.59
C LEU C 485 32.86 -46.26 -15.93
N LEU C 486 31.86 -46.01 -16.78
CA LEU C 486 31.76 -46.54 -18.14
C LEU C 486 30.46 -46.12 -18.86
N TYR C 487 30.34 -44.82 -19.12
CA TYR C 487 29.16 -44.28 -19.80
C TYR C 487 29.26 -44.48 -21.31
N LYS C 488 30.45 -44.83 -21.79
CA LYS C 488 30.65 -45.05 -23.23
C LYS C 488 29.84 -46.24 -23.70
N GLN C 489 29.71 -47.24 -22.83
CA GLN C 489 28.94 -48.45 -23.16
C GLN C 489 27.47 -48.07 -23.30
N LEU C 490 27.20 -46.78 -23.20
CA LEU C 490 25.84 -46.25 -23.32
C LEU C 490 25.77 -45.28 -24.50
N ASN C 491 25.50 -45.81 -25.68
CA ASN C 491 25.40 -45.00 -26.88
C ASN C 491 23.95 -44.83 -27.30
N PHE C 492 23.43 -43.62 -27.14
CA PHE C 492 22.04 -43.34 -27.50
C PHE C 492 21.89 -42.57 -28.80
N THR C 493 21.47 -43.29 -29.84
CA THR C 493 21.26 -42.72 -31.16
C THR C 493 19.97 -43.35 -31.68
N GLU C 494 19.77 -44.61 -31.31
CA GLU C 494 18.61 -45.38 -31.69
C GLU C 494 17.54 -45.29 -30.60
N ASN C 495 16.29 -45.54 -30.96
CA ASN C 495 15.19 -45.47 -30.01
C ASN C 495 15.44 -46.35 -28.78
N GLU C 496 14.87 -45.95 -27.65
CA GLU C 496 15.01 -46.68 -26.39
C GLU C 496 14.69 -48.17 -26.54
N THR C 497 13.62 -48.46 -27.29
CA THR C 497 13.21 -49.85 -27.51
C THR C 497 14.35 -50.66 -28.14
N ASP C 498 15.32 -49.95 -28.70
CA ASP C 498 16.47 -50.60 -29.34
C ASP C 498 17.55 -50.90 -28.31
N ASN C 499 18.13 -49.86 -27.72
CA ASN C 499 19.17 -50.03 -26.73
C ASN C 499 18.65 -50.75 -25.49
N PHE C 500 17.34 -50.68 -25.28
CA PHE C 500 16.70 -51.33 -24.13
C PHE C 500 17.31 -52.71 -23.91
N GLU C 501 17.62 -53.38 -25.01
CA GLU C 501 18.22 -54.70 -24.97
C GLU C 501 19.71 -54.58 -24.71
N VAL C 502 20.37 -53.71 -25.46
CA VAL C 502 21.81 -53.49 -25.31
C VAL C 502 22.13 -53.14 -23.86
N PHE C 503 21.50 -52.09 -23.35
CA PHE C 503 21.70 -51.63 -21.99
C PHE C 503 21.44 -52.73 -20.96
N GLN C 504 20.26 -53.33 -21.03
CA GLN C 504 19.86 -54.38 -20.10
C GLN C 504 20.95 -55.41 -19.87
N LYS C 505 21.92 -55.48 -20.77
CA LYS C 505 23.02 -56.42 -20.66
C LYS C 505 24.35 -55.70 -20.36
N ILE C 506 24.38 -54.41 -20.67
CA ILE C 506 25.59 -53.60 -20.44
C ILE C 506 26.02 -53.63 -18.98
N ILE C 507 25.06 -53.45 -18.08
CA ILE C 507 25.33 -53.44 -16.65
C ILE C 507 25.85 -54.79 -16.15
N ASP C 508 25.49 -55.84 -16.87
CA ASP C 508 25.91 -57.20 -16.50
C ASP C 508 27.32 -57.48 -17.00
N THR D 5 -6.17 -16.03 -9.30
CA THR D 5 -4.96 -16.46 -8.53
C THR D 5 -3.86 -16.96 -9.47
N GLU D 6 -2.62 -16.68 -9.10
CA GLU D 6 -1.46 -17.07 -9.91
C GLU D 6 -1.02 -18.52 -9.78
N GLU D 7 -0.18 -18.81 -8.78
CA GLU D 7 0.30 -20.17 -8.56
C GLU D 7 -0.88 -21.13 -8.70
N GLN D 8 -2.07 -20.62 -8.45
CA GLN D 8 -3.29 -21.41 -8.54
C GLN D 8 -3.78 -21.65 -9.97
N ILE D 9 -3.06 -21.10 -10.95
CA ILE D 9 -3.42 -21.25 -12.35
C ILE D 9 -2.19 -21.41 -13.24
N ALA D 10 -1.11 -20.73 -12.88
CA ALA D 10 0.13 -20.81 -13.65
C ALA D 10 0.58 -22.26 -13.73
N GLU D 11 -0.09 -23.12 -12.97
CA GLU D 11 0.23 -24.54 -12.95
C GLU D 11 -0.33 -25.23 -14.21
N PHE D 12 -0.98 -24.44 -15.07
CA PHE D 12 -1.55 -24.97 -16.29
C PHE D 12 -0.95 -24.29 -17.51
N LYS D 13 -0.64 -23.00 -17.38
CA LYS D 13 -0.07 -22.23 -18.47
C LYS D 13 1.41 -22.55 -18.67
N GLU D 14 1.90 -23.55 -17.93
CA GLU D 14 3.30 -23.94 -18.02
C GLU D 14 3.45 -25.37 -18.54
N ALA D 15 2.33 -26.06 -18.74
CA ALA D 15 2.36 -27.43 -19.23
C ALA D 15 1.42 -27.64 -20.43
N PHE D 16 0.44 -26.77 -20.55
CA PHE D 16 -0.53 -26.86 -21.64
C PHE D 16 0.08 -26.36 -22.94
N SER D 17 1.37 -26.65 -23.14
CA SER D 17 2.07 -26.22 -24.33
C SER D 17 3.12 -27.21 -24.84
N LEU D 18 3.65 -28.03 -23.95
CA LEU D 18 4.66 -29.02 -24.35
C LEU D 18 4.02 -30.18 -25.10
N PHE D 19 2.70 -30.33 -24.95
CA PHE D 19 1.97 -31.39 -25.63
C PHE D 19 0.74 -30.83 -26.33
N ASP D 20 0.96 -30.28 -27.52
CA ASP D 20 -0.13 -29.69 -28.32
C ASP D 20 0.36 -29.35 -29.72
N LYS D 21 -0.13 -30.11 -30.70
CA LYS D 21 0.23 -29.88 -32.10
C LYS D 21 -0.77 -28.92 -32.75
N ASP D 22 -0.94 -27.76 -32.13
CA ASP D 22 -1.86 -26.75 -32.63
C ASP D 22 -1.35 -25.37 -32.22
N GLY D 23 -0.95 -24.58 -33.21
CA GLY D 23 -0.42 -23.24 -32.94
C GLY D 23 -1.42 -22.22 -32.45
N ASP D 24 -2.24 -22.60 -31.46
CA ASP D 24 -3.23 -21.70 -30.89
C ASP D 24 -3.64 -22.17 -29.50
N GLY D 25 -2.92 -23.14 -28.97
CA GLY D 25 -3.22 -23.65 -27.64
C GLY D 25 -4.54 -24.39 -27.52
N THR D 26 -5.05 -24.87 -28.65
CA THR D 26 -6.31 -25.60 -28.65
C THR D 26 -6.06 -27.07 -28.99
N ILE D 27 -6.22 -27.93 -27.98
CA ILE D 27 -6.01 -29.36 -28.16
C ILE D 27 -7.33 -30.09 -28.35
N THR D 28 -7.34 -31.37 -27.97
CA THR D 28 -8.53 -32.21 -28.08
C THR D 28 -8.58 -33.17 -26.89
N THR D 29 -9.69 -33.90 -26.77
CA THR D 29 -9.86 -34.84 -25.67
C THR D 29 -8.82 -35.95 -25.79
N LYS D 30 -8.12 -35.98 -26.91
CA LYS D 30 -7.09 -36.98 -27.17
C LYS D 30 -6.05 -36.98 -26.05
N GLU D 31 -5.33 -35.86 -25.94
CA GLU D 31 -4.30 -35.71 -24.92
C GLU D 31 -4.88 -35.23 -23.59
N LEU D 32 -6.20 -35.14 -23.52
CA LEU D 32 -6.88 -34.70 -22.30
C LEU D 32 -6.29 -35.46 -21.11
N GLY D 33 -6.20 -36.78 -21.26
CA GLY D 33 -5.66 -37.61 -20.19
C GLY D 33 -4.15 -37.69 -20.23
N THR D 34 -3.53 -37.00 -21.19
CA THR D 34 -2.08 -37.01 -21.33
C THR D 34 -1.48 -35.87 -20.51
N VAL D 35 -2.07 -34.69 -20.64
CA VAL D 35 -1.60 -33.51 -19.92
C VAL D 35 -1.79 -33.75 -18.43
N MET D 36 -2.97 -34.25 -18.06
CA MET D 36 -3.30 -34.54 -16.67
C MET D 36 -2.30 -35.49 -16.02
N ARG D 37 -1.86 -36.49 -16.76
CA ARG D 37 -0.89 -37.46 -16.24
C ARG D 37 0.50 -36.85 -16.23
N SER D 38 0.60 -35.63 -16.75
CA SER D 38 1.87 -34.90 -16.80
C SER D 38 1.87 -33.83 -15.73
N LEU D 39 0.68 -33.51 -15.23
CA LEU D 39 0.50 -32.50 -14.19
C LEU D 39 0.47 -33.12 -12.80
N GLY D 40 0.58 -34.44 -12.74
CA GLY D 40 0.55 -35.12 -11.45
C GLY D 40 -0.58 -36.12 -11.34
N GLN D 41 -1.66 -35.90 -12.08
CA GLN D 41 -2.80 -36.79 -12.06
C GLN D 41 -2.49 -38.11 -12.75
N ASN D 42 -3.43 -39.05 -12.63
CA ASN D 42 -3.28 -40.37 -13.22
C ASN D 42 -4.65 -41.02 -13.41
N PRO D 43 -5.61 -40.29 -14.00
CA PRO D 43 -6.96 -40.80 -14.23
C PRO D 43 -7.03 -41.98 -15.20
N THR D 44 -8.03 -42.84 -14.99
CA THR D 44 -8.22 -44.02 -15.84
C THR D 44 -9.05 -43.65 -17.07
N GLU D 45 -8.93 -44.47 -18.11
CA GLU D 45 -9.67 -44.24 -19.35
C GLU D 45 -11.13 -43.99 -19.01
N ALA D 46 -11.66 -44.79 -18.09
CA ALA D 46 -13.04 -44.66 -17.67
C ALA D 46 -13.30 -43.23 -17.22
N GLU D 47 -12.39 -42.70 -16.41
CA GLU D 47 -12.51 -41.35 -15.90
C GLU D 47 -11.91 -40.33 -16.86
N LEU D 48 -12.69 -39.97 -17.88
CA LEU D 48 -12.27 -39.00 -18.88
C LEU D 48 -13.50 -38.37 -19.52
N GLN D 49 -14.36 -39.22 -20.07
CA GLN D 49 -15.58 -38.78 -20.73
C GLN D 49 -16.67 -38.55 -19.69
N ASP D 50 -16.73 -39.44 -18.71
CA ASP D 50 -17.71 -39.36 -17.64
C ASP D 50 -17.74 -37.99 -16.99
N MET D 51 -16.64 -37.25 -17.08
CA MET D 51 -16.57 -35.92 -16.48
C MET D 51 -16.70 -34.82 -17.53
N ILE D 52 -16.21 -35.07 -18.74
CA ILE D 52 -16.27 -34.09 -19.81
C ILE D 52 -17.63 -34.18 -20.51
N ASN D 53 -18.61 -34.75 -19.81
CA ASN D 53 -19.96 -34.91 -20.35
C ASN D 53 -20.95 -33.95 -19.72
N GLU D 54 -20.76 -33.63 -18.44
CA GLU D 54 -21.66 -32.73 -17.74
C GLU D 54 -21.26 -31.28 -17.96
N VAL D 55 -20.14 -30.88 -17.39
CA VAL D 55 -19.64 -29.52 -17.53
C VAL D 55 -19.47 -29.17 -19.01
N ASP D 56 -19.15 -30.18 -19.81
CA ASP D 56 -18.95 -29.99 -21.25
C ASP D 56 -20.20 -30.41 -22.02
N ALA D 57 -21.20 -29.54 -22.02
CA ALA D 57 -22.45 -29.80 -22.73
C ALA D 57 -22.26 -29.56 -24.22
N ASP D 58 -21.02 -29.32 -24.62
CA ASP D 58 -20.69 -29.07 -26.02
C ASP D 58 -20.27 -30.38 -26.69
N GLY D 59 -19.13 -30.91 -26.26
CA GLY D 59 -18.64 -32.16 -26.83
C GLY D 59 -18.31 -32.02 -28.29
N ASN D 60 -17.35 -31.14 -28.60
CA ASN D 60 -16.94 -30.91 -29.98
C ASN D 60 -15.66 -31.69 -30.28
N GLY D 61 -14.97 -32.10 -29.23
CA GLY D 61 -13.73 -32.84 -29.40
C GLY D 61 -12.51 -31.95 -29.29
N THR D 62 -12.64 -30.72 -29.77
CA THR D 62 -11.54 -29.75 -29.74
C THR D 62 -11.63 -28.87 -28.49
N ILE D 63 -10.73 -29.10 -27.54
CA ILE D 63 -10.70 -28.34 -26.30
C ILE D 63 -9.44 -27.49 -26.21
N ASP D 64 -9.62 -26.19 -25.96
CA ASP D 64 -8.51 -25.26 -25.84
C ASP D 64 -8.04 -25.14 -24.39
N PHE D 65 -7.63 -23.95 -24.00
CA PHE D 65 -7.16 -23.71 -22.65
C PHE D 65 -8.31 -23.25 -21.74
N PRO D 66 -9.12 -22.29 -22.21
CA PRO D 66 -10.24 -21.79 -21.41
C PRO D 66 -11.10 -22.92 -20.83
N GLU D 67 -11.22 -24.00 -21.58
CA GLU D 67 -12.00 -25.15 -21.15
C GLU D 67 -11.15 -26.00 -20.22
N PHE D 68 -9.85 -26.06 -20.51
CA PHE D 68 -8.91 -26.84 -19.70
C PHE D 68 -8.84 -26.27 -18.28
N LEU D 69 -8.81 -24.94 -18.18
CA LEU D 69 -8.75 -24.27 -16.89
C LEU D 69 -9.98 -24.61 -16.06
N THR D 70 -11.15 -24.22 -16.58
CA THR D 70 -12.42 -24.47 -15.91
C THR D 70 -12.56 -25.94 -15.50
N MET D 71 -11.86 -26.82 -16.19
CA MET D 71 -11.92 -28.25 -15.88
C MET D 71 -11.28 -28.57 -14.53
N MET D 72 -9.95 -28.59 -14.49
CA MET D 72 -9.23 -28.90 -13.26
C MET D 72 -9.55 -27.89 -12.17
N ALA D 73 -10.56 -27.05 -12.40
CA ALA D 73 -10.97 -26.04 -11.45
C ALA D 73 -11.20 -26.64 -10.07
N ARG D 74 -12.44 -27.06 -9.81
CA ARG D 74 -12.79 -27.64 -8.51
C ARG D 74 -12.27 -29.06 -8.37
N LYS D 75 -11.39 -29.46 -9.30
CA LYS D 75 -10.81 -30.79 -9.27
C LYS D 75 -9.82 -30.87 -8.10
N MET D 76 -8.93 -29.88 -8.02
CA MET D 76 -7.95 -29.82 -6.95
C MET D 76 -8.60 -29.29 -5.68
N LYS D 77 -9.49 -30.11 -5.10
CA LYS D 77 -10.20 -29.73 -3.89
C LYS D 77 -9.63 -30.47 -2.69
N ASP D 78 -10.17 -31.65 -2.40
CA ASP D 78 -9.70 -32.47 -1.29
C ASP D 78 -8.40 -33.16 -1.69
N THR D 79 -8.22 -33.32 -3.00
CA THR D 79 -7.03 -33.96 -3.54
C THR D 79 -5.82 -33.04 -3.44
N ASP D 80 -6.05 -31.81 -2.99
CA ASP D 80 -4.99 -30.82 -2.84
C ASP D 80 -4.44 -30.83 -1.42
N SER D 81 -4.77 -31.87 -0.67
CA SER D 81 -4.32 -32.00 0.72
C SER D 81 -2.89 -32.51 0.78
N GLU D 82 -2.11 -32.23 -0.25
CA GLU D 82 -0.72 -32.67 -0.31
C GLU D 82 0.07 -32.21 0.91
N GLU D 83 -0.25 -31.01 1.40
CA GLU D 83 0.44 -30.44 2.55
C GLU D 83 0.56 -31.44 3.71
N GLU D 84 -0.58 -31.89 4.23
CA GLU D 84 -0.57 -32.83 5.34
C GLU D 84 0.23 -34.08 5.00
N ILE D 85 0.18 -34.49 3.73
CA ILE D 85 0.90 -35.69 3.29
C ILE D 85 2.40 -35.47 3.47
N ARG D 86 2.88 -34.34 2.94
CA ARG D 86 4.29 -33.99 3.03
C ARG D 86 4.75 -33.97 4.49
N GLU D 87 3.92 -33.42 5.36
CA GLU D 87 4.25 -33.35 6.78
C GLU D 87 4.18 -34.74 7.39
N ALA D 88 3.36 -35.60 6.78
CA ALA D 88 3.20 -36.97 7.24
C ALA D 88 4.52 -37.70 6.96
N PHE D 89 5.03 -37.51 5.76
CA PHE D 89 6.28 -38.12 5.34
C PHE D 89 7.41 -37.79 6.32
N ARG D 90 7.49 -36.54 6.74
CA ARG D 90 8.54 -36.12 7.66
C ARG D 90 8.38 -36.80 9.03
N VAL D 91 7.22 -37.40 9.27
CA VAL D 91 6.98 -38.07 10.53
C VAL D 91 7.64 -39.45 10.50
N PHE D 92 7.59 -40.09 9.33
CA PHE D 92 8.18 -41.41 9.15
C PHE D 92 9.71 -41.29 9.20
N ASP D 93 10.24 -40.48 8.29
CA ASP D 93 11.68 -40.25 8.20
C ASP D 93 12.25 -39.70 9.50
N LYS D 94 12.68 -40.60 10.38
CA LYS D 94 13.24 -40.22 11.68
C LYS D 94 14.60 -39.52 11.58
N ASP D 95 15.47 -40.02 10.71
CA ASP D 95 16.80 -39.44 10.55
C ASP D 95 16.84 -38.27 9.56
N GLY D 96 15.68 -37.91 9.05
CA GLY D 96 15.61 -36.80 8.11
C GLY D 96 16.64 -36.88 7.00
N ASN D 97 16.73 -38.05 6.37
CA ASN D 97 17.68 -38.24 5.29
C ASN D 97 16.97 -37.93 3.99
N GLY D 98 15.65 -37.95 4.02
CA GLY D 98 14.87 -37.66 2.83
C GLY D 98 14.14 -38.90 2.32
N TYR D 99 14.38 -40.04 2.96
CA TYR D 99 13.75 -41.28 2.57
C TYR D 99 13.26 -42.06 3.79
N ILE D 100 12.31 -42.97 3.58
CA ILE D 100 11.80 -43.79 4.69
C ILE D 100 12.42 -45.18 4.64
N SER D 101 12.81 -45.67 5.81
CA SER D 101 13.43 -46.98 5.94
C SER D 101 12.41 -48.00 6.43
N ALA D 102 12.86 -49.25 6.54
CA ALA D 102 12.01 -50.31 7.03
C ALA D 102 11.92 -50.15 8.54
N ALA D 103 13.08 -50.02 9.18
CA ALA D 103 13.14 -49.83 10.62
C ALA D 103 12.31 -48.60 10.97
N GLU D 104 12.22 -47.67 10.03
CA GLU D 104 11.46 -46.45 10.23
C GLU D 104 9.97 -46.75 10.14
N LEU D 105 9.52 -47.12 8.94
CA LEU D 105 8.10 -47.44 8.74
C LEU D 105 7.65 -48.44 9.79
N ARG D 106 8.47 -49.45 10.04
CA ARG D 106 8.17 -50.47 11.03
C ARG D 106 8.03 -49.78 12.38
N HIS D 107 8.99 -48.92 12.68
CA HIS D 107 8.99 -48.19 13.94
C HIS D 107 7.69 -47.41 14.07
N VAL D 108 7.38 -46.61 13.04
CA VAL D 108 6.17 -45.81 13.05
C VAL D 108 4.96 -46.70 13.30
N MET D 109 4.92 -47.83 12.61
CA MET D 109 3.83 -48.78 12.73
C MET D 109 3.79 -49.41 14.12
N THR D 110 4.90 -49.97 14.55
CA THR D 110 5.00 -50.60 15.86
C THR D 110 4.73 -49.62 16.99
N ASN D 111 4.41 -48.37 16.62
CA ASN D 111 4.11 -47.33 17.61
C ASN D 111 2.66 -46.91 17.54
N LEU D 112 2.01 -47.19 16.41
CA LEU D 112 0.60 -46.84 16.24
C LEU D 112 -0.29 -48.00 16.66
N GLY D 113 0.29 -48.97 17.35
CA GLY D 113 -0.47 -50.11 17.83
C GLY D 113 -0.57 -51.29 16.87
N GLU D 114 -0.02 -51.15 15.67
CA GLU D 114 -0.08 -52.22 14.68
C GLU D 114 1.27 -52.90 14.50
N LYS D 115 1.54 -53.90 15.34
CA LYS D 115 2.79 -54.65 15.27
C LYS D 115 2.93 -55.38 13.94
N LEU D 116 3.87 -54.91 13.11
CA LEU D 116 4.09 -55.53 11.81
C LEU D 116 5.27 -56.49 11.87
N THR D 117 5.17 -57.57 11.11
CA THR D 117 6.24 -58.57 11.06
C THR D 117 7.44 -58.02 10.32
N ASP D 118 8.63 -58.44 10.73
CA ASP D 118 9.86 -57.98 10.10
C ASP D 118 9.85 -58.35 8.62
N GLU D 119 8.81 -59.09 8.22
CA GLU D 119 8.65 -59.52 6.83
C GLU D 119 7.69 -58.61 6.05
N GLU D 120 6.53 -58.34 6.62
CA GLU D 120 5.54 -57.50 5.97
C GLU D 120 6.05 -56.11 5.63
N VAL D 121 6.81 -55.51 6.56
CA VAL D 121 7.37 -54.18 6.35
C VAL D 121 8.07 -54.08 5.00
N ASP D 122 9.15 -54.83 4.86
CA ASP D 122 9.95 -54.84 3.63
C ASP D 122 9.04 -55.00 2.41
N GLU D 123 7.87 -55.59 2.62
CA GLU D 123 6.92 -55.79 1.54
C GLU D 123 6.33 -54.43 1.17
N MET D 124 5.86 -53.71 2.18
CA MET D 124 5.25 -52.39 1.99
C MET D 124 6.16 -51.45 1.21
N ILE D 125 7.35 -51.21 1.75
CA ILE D 125 8.31 -50.32 1.12
C ILE D 125 8.43 -50.62 -0.37
N ARG D 126 8.62 -51.89 -0.69
CA ARG D 126 8.76 -52.32 -2.08
C ARG D 126 7.50 -52.00 -2.87
N GLU D 127 6.35 -52.01 -2.19
CA GLU D 127 5.07 -51.71 -2.85
C GLU D 127 5.11 -50.36 -3.55
N ALA D 128 5.38 -49.31 -2.78
CA ALA D 128 5.44 -47.96 -3.33
C ALA D 128 6.80 -47.64 -3.94
N ASP D 129 7.81 -48.43 -3.57
CA ASP D 129 9.14 -48.23 -4.10
C ASP D 129 9.14 -48.33 -5.62
N ILE D 130 9.92 -47.49 -6.28
CA ILE D 130 9.99 -47.49 -7.74
C ILE D 130 11.45 -47.65 -8.19
N ASP D 131 12.36 -47.08 -7.40
CA ASP D 131 13.78 -47.14 -7.70
C ASP D 131 14.43 -48.42 -7.16
N GLY D 132 13.76 -49.06 -6.20
CA GLY D 132 14.28 -50.27 -5.62
C GLY D 132 15.43 -49.99 -4.68
N ASP D 133 15.70 -48.70 -4.46
CA ASP D 133 16.78 -48.26 -3.59
C ASP D 133 16.55 -48.63 -2.13
N GLY D 134 15.60 -49.54 -1.89
CA GLY D 134 15.30 -49.95 -0.53
C GLY D 134 14.81 -48.81 0.33
N GLN D 135 14.31 -47.76 -0.33
CA GLN D 135 13.80 -46.58 0.36
C GLN D 135 12.69 -45.92 -0.44
N VAL D 136 12.01 -44.98 0.19
CA VAL D 136 10.93 -44.24 -0.44
C VAL D 136 11.14 -42.75 -0.16
N ASN D 137 11.17 -41.95 -1.21
CA ASN D 137 11.35 -40.51 -1.06
C ASN D 137 10.00 -39.84 -1.26
N TYR D 138 9.92 -38.56 -0.94
CA TYR D 138 8.67 -37.83 -1.11
C TYR D 138 8.08 -38.10 -2.49
N GLU D 139 8.89 -37.85 -3.52
CA GLU D 139 8.46 -38.05 -4.90
C GLU D 139 7.71 -39.38 -5.05
N GLU D 140 8.18 -40.39 -4.33
CA GLU D 140 7.56 -41.72 -4.36
C GLU D 140 6.43 -41.77 -3.35
N PHE D 141 6.76 -41.53 -2.09
CA PHE D 141 5.79 -41.54 -1.00
C PHE D 141 4.48 -40.88 -1.42
N VAL D 142 4.59 -39.72 -2.07
CA VAL D 142 3.41 -38.99 -2.51
C VAL D 142 2.55 -39.85 -3.41
N GLN D 143 3.21 -40.66 -4.25
CA GLN D 143 2.49 -41.54 -5.16
C GLN D 143 1.53 -42.43 -4.37
N MET D 144 1.96 -42.82 -3.18
CA MET D 144 1.15 -43.69 -2.34
C MET D 144 -0.24 -43.13 -2.09
N MET D 145 -0.36 -41.82 -1.92
CA MET D 145 -1.66 -41.21 -1.67
C MET D 145 -2.28 -40.60 -2.92
N THR D 146 -1.44 -40.33 -3.93
CA THR D 146 -1.93 -39.76 -5.18
C THR D 146 -2.75 -40.84 -5.87
N ALA D 147 -2.64 -42.06 -5.34
CA ALA D 147 -3.34 -43.22 -5.85
C ALA D 147 -4.03 -43.96 -4.70
N ARG E 2 34.41 28.44 -17.35
CA ARG E 2 34.68 27.01 -17.66
C ARG E 2 33.99 26.12 -16.63
N ILE E 3 33.44 25.00 -17.08
CA ILE E 3 32.74 24.08 -16.18
C ILE E 3 33.74 23.39 -15.27
N ASP E 4 33.62 23.67 -13.96
CA ASP E 4 34.50 23.12 -12.92
C ASP E 4 34.39 21.60 -12.71
N VAL E 5 34.74 20.82 -13.73
CA VAL E 5 34.68 19.37 -13.63
C VAL E 5 36.06 18.77 -13.47
N LEU E 6 36.15 17.65 -12.76
CA LEU E 6 37.42 16.98 -12.56
C LEU E 6 37.88 16.39 -13.89
N LYS E 7 39.19 16.15 -14.00
CA LYS E 7 39.75 15.59 -15.21
C LYS E 7 40.76 14.50 -14.87
N GLY E 8 41.07 13.67 -15.86
CA GLY E 8 42.02 12.59 -15.70
C GLY E 8 41.97 11.79 -14.41
N GLU E 9 43.15 11.47 -13.89
CA GLU E 9 43.30 10.69 -12.67
C GLU E 9 42.30 11.06 -11.58
N LYS E 10 42.26 12.34 -11.23
CA LYS E 10 41.37 12.81 -10.18
C LYS E 10 39.93 12.36 -10.39
N ALA E 11 39.40 12.55 -11.60
CA ALA E 11 38.03 12.13 -11.87
C ALA E 11 37.94 10.60 -11.79
N LEU E 12 38.94 9.91 -12.31
CA LEU E 12 38.97 8.47 -12.26
C LEU E 12 38.87 7.97 -10.82
N LYS E 13 39.71 8.48 -9.94
CA LYS E 13 39.71 8.06 -8.53
C LYS E 13 38.32 8.20 -7.89
N ALA E 14 37.63 9.26 -8.26
CA ALA E 14 36.29 9.52 -7.71
C ALA E 14 35.24 8.67 -8.41
N SER E 15 35.57 8.20 -9.60
CA SER E 15 34.66 7.39 -10.41
C SER E 15 34.27 6.08 -9.76
N GLY E 16 35.25 5.41 -9.18
CA GLY E 16 34.97 4.14 -8.55
C GLY E 16 35.27 2.99 -9.50
N LEU E 17 35.44 3.29 -10.79
CA LEU E 17 35.75 2.22 -11.75
C LEU E 17 37.18 1.80 -11.53
N VAL E 18 37.51 0.60 -12.00
CA VAL E 18 38.86 0.09 -11.89
C VAL E 18 39.66 0.89 -12.91
N PRO E 19 40.78 1.50 -12.49
CA PRO E 19 41.62 2.29 -13.40
C PRO E 19 41.87 1.58 -14.73
N GLU E 20 42.31 0.33 -14.67
CA GLU E 20 42.57 -0.40 -15.89
C GLU E 20 41.32 -0.43 -16.75
N HIS E 21 40.19 -0.76 -16.13
CA HIS E 21 38.92 -0.83 -16.85
C HIS E 21 38.59 0.51 -17.50
N ALA E 22 38.90 1.59 -16.81
CA ALA E 22 38.63 2.93 -17.34
C ALA E 22 39.45 3.14 -18.58
N ASP E 23 40.75 2.90 -18.48
CA ASP E 23 41.66 3.06 -19.62
C ASP E 23 41.15 2.19 -20.75
N ALA E 24 40.93 0.91 -20.46
CA ALA E 24 40.43 -0.04 -21.45
C ALA E 24 39.18 0.46 -22.17
N PHE E 25 38.50 1.44 -21.58
CA PHE E 25 37.30 2.01 -22.18
C PHE E 25 37.63 3.17 -23.10
N LYS E 26 38.73 3.86 -22.83
CA LYS E 26 39.12 4.98 -23.66
C LYS E 26 39.14 4.55 -25.12
N LYS E 27 39.44 3.28 -25.34
CA LYS E 27 39.49 2.70 -26.67
C LYS E 27 38.13 2.79 -27.35
N ILE E 28 37.11 2.21 -26.72
CA ILE E 28 35.76 2.22 -27.28
C ILE E 28 35.26 3.66 -27.46
N ALA E 29 35.58 4.52 -26.51
CA ALA E 29 35.15 5.91 -26.58
C ALA E 29 35.74 6.57 -27.81
N ARG E 30 37.06 6.46 -27.96
CA ARG E 30 37.77 7.05 -29.09
C ARG E 30 37.32 6.43 -30.40
N GLU E 31 37.44 5.12 -30.48
CA GLU E 31 37.07 4.37 -31.68
C GLU E 31 35.65 4.63 -32.18
N LEU E 32 34.67 4.22 -31.38
CA LEU E 32 33.25 4.39 -31.75
C LEU E 32 32.72 5.82 -31.58
N ASN E 33 33.61 6.78 -31.43
CA ASN E 33 33.24 8.18 -31.28
C ASN E 33 31.96 8.35 -30.47
N THR E 34 31.97 7.85 -29.24
CA THR E 34 30.81 7.94 -28.36
C THR E 34 31.20 8.35 -26.95
N TYR E 35 30.36 9.18 -26.34
CA TYR E 35 30.58 9.64 -24.96
C TYR E 35 30.06 8.56 -24.03
N ILE E 36 30.88 8.18 -23.06
CA ILE E 36 30.47 7.16 -22.09
C ILE E 36 30.29 7.82 -20.72
N LEU E 37 29.14 7.59 -20.09
CA LEU E 37 28.87 8.18 -18.78
C LEU E 37 28.49 7.13 -17.74
N PHE E 38 29.23 7.10 -16.63
CA PHE E 38 28.98 6.13 -15.57
C PHE E 38 28.41 6.74 -14.30
N ARG E 39 27.57 5.99 -13.60
CA ARG E 39 27.04 6.46 -12.33
C ARG E 39 28.11 6.06 -11.32
N PRO E 40 28.09 6.67 -10.13
CA PRO E 40 29.12 6.29 -9.16
C PRO E 40 29.21 4.79 -8.92
N VAL E 41 30.40 4.31 -8.59
CA VAL E 41 30.58 2.89 -8.31
C VAL E 41 31.16 2.75 -6.91
N ASN E 42 30.50 1.95 -6.08
CA ASN E 42 30.93 1.73 -4.71
C ASN E 42 32.44 1.63 -4.62
N LYS E 43 33.07 2.71 -4.19
CA LYS E 43 34.50 2.76 -4.07
C LYS E 43 35.11 1.54 -3.38
N LEU E 44 34.39 0.93 -2.44
CA LEU E 44 34.93 -0.24 -1.75
C LEU E 44 34.79 -1.50 -2.60
N ALA E 45 34.14 -1.36 -3.76
CA ALA E 45 33.95 -2.50 -4.65
C ALA E 45 35.02 -2.57 -5.74
N THR E 46 35.61 -1.43 -6.08
CA THR E 46 36.63 -1.37 -7.12
C THR E 46 37.62 -2.53 -6.99
N ASN E 47 38.29 -2.64 -5.85
CA ASN E 47 39.26 -3.71 -5.69
C ASN E 47 38.67 -5.11 -5.76
N LEU E 48 37.37 -5.24 -5.51
CA LEU E 48 36.73 -6.54 -5.58
C LEU E 48 36.51 -6.87 -7.05
N ILE E 49 36.11 -5.85 -7.81
CA ILE E 49 35.88 -5.99 -9.24
C ILE E 49 37.21 -6.29 -9.91
N LYS E 50 38.22 -5.48 -9.63
CA LYS E 50 39.54 -5.70 -10.21
C LYS E 50 39.92 -7.14 -9.95
N SER E 51 39.76 -7.58 -8.71
CA SER E 51 40.09 -8.94 -8.31
C SER E 51 39.20 -9.98 -8.98
N GLY E 52 38.27 -9.51 -9.81
CA GLY E 52 37.39 -10.43 -10.52
C GLY E 52 36.18 -10.96 -9.78
N VAL E 53 35.65 -10.18 -8.85
CA VAL E 53 34.46 -10.60 -8.13
C VAL E 53 33.26 -10.36 -9.04
N ALA E 54 32.34 -11.31 -9.08
CA ALA E 54 31.16 -11.18 -9.92
C ALA E 54 30.33 -9.96 -9.55
N THR E 55 29.76 -9.31 -10.56
CA THR E 55 28.90 -8.16 -10.32
C THR E 55 27.45 -8.61 -10.30
N LYS E 56 26.59 -7.81 -9.69
CA LYS E 56 25.18 -8.14 -9.58
C LYS E 56 24.34 -7.55 -10.69
N GLY E 57 23.33 -8.32 -11.11
CA GLY E 57 22.43 -7.86 -12.15
C GLY E 57 21.10 -7.46 -11.54
N LEU E 58 20.14 -7.08 -12.38
CA LEU E 58 18.84 -6.65 -11.89
C LEU E 58 18.11 -7.72 -11.06
N ASN E 59 18.57 -8.98 -11.09
CA ASN E 59 17.91 -10.02 -10.29
C ASN E 59 18.30 -9.91 -8.82
N VAL E 60 19.20 -8.97 -8.53
CA VAL E 60 19.67 -8.72 -7.16
C VAL E 60 19.58 -7.22 -6.93
N HIS E 61 18.60 -6.79 -6.14
CA HIS E 61 18.44 -5.38 -5.87
C HIS E 61 19.02 -4.97 -4.53
N GLY E 62 19.47 -5.96 -3.77
CA GLY E 62 20.07 -5.65 -2.48
C GLY E 62 21.10 -4.56 -2.69
N LYS E 63 21.24 -3.68 -1.71
CA LYS E 63 22.21 -2.62 -1.82
C LYS E 63 23.60 -3.07 -1.34
N SER E 64 24.65 -2.51 -1.93
CA SER E 64 26.01 -2.86 -1.58
C SER E 64 26.44 -2.16 -0.29
N SER E 65 27.42 -2.74 0.40
CA SER E 65 27.92 -2.12 1.62
C SER E 65 29.16 -1.29 1.30
N ASP E 66 29.38 -0.26 2.13
CA ASP E 66 30.53 0.61 1.95
C ASP E 66 31.23 0.79 3.28
N TRP E 67 30.98 -0.13 4.20
CA TRP E 67 31.62 -0.06 5.51
C TRP E 67 31.70 -1.43 6.15
N GLY E 68 32.55 -1.56 7.16
CA GLY E 68 32.68 -2.82 7.85
C GLY E 68 33.38 -3.88 7.03
N PRO E 69 33.60 -5.07 7.60
CA PRO E 69 34.27 -6.15 6.89
C PRO E 69 33.61 -6.55 5.57
N VAL E 70 32.32 -6.30 5.44
CA VAL E 70 31.61 -6.66 4.21
C VAL E 70 31.61 -5.57 3.15
N ALA E 71 32.29 -4.47 3.40
CA ALA E 71 32.34 -3.36 2.44
C ALA E 71 32.53 -3.90 1.02
N GLY E 72 31.80 -3.35 0.07
CA GLY E 72 31.92 -3.80 -1.32
C GLY E 72 31.02 -4.98 -1.72
N TYR E 73 30.54 -5.74 -0.74
CA TYR E 73 29.67 -6.86 -1.05
C TYR E 73 28.20 -6.51 -0.88
N ILE E 74 27.33 -7.46 -1.24
CA ILE E 74 25.89 -7.26 -1.09
C ILE E 74 25.48 -8.15 0.08
N PRO E 75 25.42 -7.57 1.29
CA PRO E 75 25.05 -8.28 2.53
C PRO E 75 23.58 -8.66 2.61
N PHE E 76 23.32 -9.92 2.94
CA PHE E 76 21.95 -10.37 3.06
C PHE E 76 21.23 -9.45 4.04
N ASP E 77 21.77 -9.34 5.25
CA ASP E 77 21.19 -8.46 6.26
C ASP E 77 21.57 -7.07 5.79
N GLN E 78 20.63 -6.42 5.11
CA GLN E 78 20.87 -5.08 4.56
C GLN E 78 21.19 -3.98 5.56
N ASP E 79 21.13 -4.29 6.86
CA ASP E 79 21.45 -3.27 7.83
C ASP E 79 22.97 -3.10 7.80
N LEU E 80 23.64 -4.07 7.19
CA LEU E 80 25.08 -4.03 7.05
C LEU E 80 25.42 -3.36 5.72
N SER E 81 24.38 -3.08 4.93
CA SER E 81 24.56 -2.45 3.63
C SER E 81 24.97 -1.02 3.92
N LYS E 82 25.05 -0.19 2.89
CA LYS E 82 25.41 1.20 3.09
C LYS E 82 24.16 1.94 3.56
N LYS E 83 23.05 1.23 3.59
CA LYS E 83 21.78 1.80 4.03
C LYS E 83 21.64 1.64 5.53
N HIS E 84 22.70 1.17 6.17
CA HIS E 84 22.71 0.96 7.62
C HIS E 84 22.01 2.08 8.35
N GLY E 85 21.22 1.71 9.36
CA GLY E 85 20.51 2.71 10.14
C GLY E 85 19.12 3.07 9.65
N GLN E 86 18.98 3.20 8.33
CA GLN E 86 17.70 3.56 7.74
C GLN E 86 16.71 2.40 7.83
N GLN E 87 15.84 2.47 8.84
CA GLN E 87 14.85 1.43 9.13
C GLN E 87 14.01 1.00 7.93
N LEU E 88 13.62 1.95 7.09
CA LEU E 88 12.81 1.60 5.93
C LEU E 88 13.66 1.02 4.80
N ALA E 89 14.78 1.68 4.50
CA ALA E 89 15.66 1.21 3.45
C ALA E 89 16.06 -0.23 3.74
N VAL E 90 16.66 -0.44 4.91
CA VAL E 90 17.09 -1.76 5.31
C VAL E 90 15.99 -2.79 5.14
N GLU E 91 14.75 -2.35 5.34
CA GLU E 91 13.61 -3.26 5.18
C GLU E 91 13.47 -3.62 3.71
N LYS E 92 13.27 -2.62 2.86
CA LYS E 92 13.12 -2.86 1.42
C LYS E 92 14.33 -3.66 0.98
N GLY E 93 15.44 -3.49 1.68
CA GLY E 93 16.64 -4.20 1.33
C GLY E 93 16.48 -5.69 1.56
N ASN E 94 16.30 -6.07 2.83
CA ASN E 94 16.16 -7.46 3.18
C ASN E 94 15.08 -8.18 2.37
N LEU E 95 13.92 -7.54 2.24
CA LEU E 95 12.83 -8.14 1.50
C LEU E 95 13.25 -8.37 0.06
N GLU E 96 14.06 -7.47 -0.48
CA GLU E 96 14.50 -7.63 -1.86
C GLU E 96 15.47 -8.81 -1.91
N ASN E 97 16.39 -8.87 -0.96
CA ASN E 97 17.35 -9.97 -0.90
C ASN E 97 16.64 -11.30 -0.73
N LYS E 98 15.52 -11.30 0.00
CA LYS E 98 14.77 -12.52 0.24
C LYS E 98 14.07 -13.02 -1.02
N LYS E 99 13.56 -12.10 -1.84
CA LYS E 99 12.90 -12.50 -3.07
C LYS E 99 13.96 -13.05 -4.02
N SER E 100 15.16 -12.46 -3.99
CA SER E 100 16.24 -12.93 -4.86
C SER E 100 16.63 -14.37 -4.58
N ILE E 101 16.60 -14.74 -3.30
CA ILE E 101 16.95 -16.10 -2.87
C ILE E 101 15.85 -17.09 -3.22
N THR E 102 14.61 -16.62 -3.17
CA THR E 102 13.44 -17.45 -3.45
C THR E 102 12.96 -17.42 -4.91
N GLU E 103 12.57 -16.24 -5.38
CA GLU E 103 12.08 -16.09 -6.74
C GLU E 103 13.05 -16.58 -7.82
N HIS E 104 14.34 -16.30 -7.64
CA HIS E 104 15.33 -16.75 -8.59
C HIS E 104 16.18 -17.83 -7.93
N GLU E 105 15.54 -18.69 -7.15
CA GLU E 105 16.24 -19.77 -6.45
C GLU E 105 17.14 -20.57 -7.36
N GLY E 106 18.31 -20.95 -6.84
CA GLY E 106 19.25 -21.71 -7.64
C GLY E 106 20.19 -20.79 -8.39
N GLU E 107 19.68 -19.66 -8.84
CA GLU E 107 20.50 -18.69 -9.58
C GLU E 107 21.14 -17.69 -8.63
N ILE E 108 20.44 -17.36 -7.56
CA ILE E 108 20.97 -16.42 -6.57
C ILE E 108 20.78 -17.03 -5.19
N GLY E 109 21.80 -16.93 -4.36
CA GLY E 109 21.70 -17.47 -3.03
C GLY E 109 22.48 -16.61 -2.06
N LYS E 110 22.82 -17.19 -0.91
CA LYS E 110 23.58 -16.46 0.08
C LYS E 110 24.60 -17.41 0.72
N ILE E 111 25.82 -16.92 0.82
CA ILE E 111 26.92 -17.68 1.39
C ILE E 111 27.58 -16.86 2.51
N PRO E 112 28.39 -17.51 3.34
CA PRO E 112 29.06 -16.80 4.43
C PRO E 112 30.16 -15.95 3.84
N LEU E 113 30.44 -14.82 4.47
CA LEU E 113 31.49 -13.94 3.98
C LEU E 113 32.85 -14.43 4.43
N LYS E 114 33.82 -14.42 3.52
CA LYS E 114 35.18 -14.83 3.82
C LYS E 114 36.10 -13.73 3.35
N LEU E 115 36.93 -13.19 4.24
CA LEU E 115 37.86 -12.14 3.87
C LEU E 115 39.25 -12.74 3.81
N ASP E 116 39.76 -12.93 2.59
CA ASP E 116 41.08 -13.51 2.45
C ASP E 116 42.11 -12.59 3.05
N HIS E 117 43.33 -13.10 3.11
CA HIS E 117 44.48 -12.40 3.64
C HIS E 117 44.67 -11.02 3.01
N LEU E 118 44.61 -10.95 1.68
CA LEU E 118 44.77 -9.69 0.95
C LEU E 118 43.67 -8.67 1.22
N ARG E 119 42.42 -9.10 1.06
CA ARG E 119 41.29 -8.21 1.28
C ARG E 119 41.42 -7.51 2.63
N ILE E 120 41.60 -8.30 3.69
CA ILE E 120 41.73 -7.71 5.02
C ILE E 120 42.77 -6.60 5.01
N GLU E 121 43.80 -6.78 4.18
CA GLU E 121 44.84 -5.78 4.07
C GLU E 121 44.30 -4.53 3.39
N GLU E 122 43.62 -4.71 2.27
CA GLU E 122 43.05 -3.57 1.55
C GLU E 122 42.12 -2.75 2.47
N LEU E 123 41.39 -3.45 3.33
CA LEU E 123 40.47 -2.80 4.25
C LEU E 123 41.18 -2.00 5.32
N LYS E 124 42.33 -2.48 5.77
CA LYS E 124 43.09 -1.76 6.78
C LYS E 124 43.60 -0.45 6.17
N GLU E 125 44.14 -0.53 4.97
CA GLU E 125 44.66 0.65 4.26
C GLU E 125 43.51 1.62 4.03
N ASN E 126 42.41 1.11 3.50
CA ASN E 126 41.23 1.92 3.24
C ASN E 126 40.71 2.48 4.56
N GLY E 127 41.24 1.97 5.68
CA GLY E 127 40.80 2.43 6.98
C GLY E 127 39.35 2.07 7.21
N ILE E 128 38.99 0.82 6.93
CA ILE E 128 37.62 0.34 7.10
C ILE E 128 37.48 -0.50 8.36
N ILE E 129 38.34 -1.51 8.48
CA ILE E 129 38.33 -2.38 9.64
C ILE E 129 39.75 -2.57 10.14
N LEU E 130 39.88 -2.90 11.42
CA LEU E 130 41.19 -3.12 12.03
C LEU E 130 41.24 -4.53 12.61
N LYS E 131 42.22 -5.31 12.19
CA LYS E 131 42.40 -6.68 12.69
C LYS E 131 42.68 -6.62 14.19
N GLY E 132 41.71 -7.02 15.00
CA GLY E 132 41.86 -6.97 16.45
C GLY E 132 42.64 -8.08 17.13
N LYS E 133 42.25 -8.38 18.37
CA LYS E 133 42.93 -9.41 19.16
C LYS E 133 42.35 -10.81 18.96
N LYS E 134 43.01 -11.80 19.56
CA LYS E 134 42.59 -13.19 19.47
C LYS E 134 41.52 -13.50 20.51
N GLU E 135 40.49 -14.20 20.07
CA GLU E 135 39.40 -14.58 20.95
C GLU E 135 39.12 -16.04 20.72
N ILE E 136 38.78 -16.75 21.79
CA ILE E 136 38.46 -18.16 21.66
C ILE E 136 37.04 -18.35 22.15
N ASP E 137 36.20 -18.94 21.31
CA ASP E 137 34.81 -19.17 21.65
C ASP E 137 34.45 -20.62 21.36
N ASN E 138 33.98 -21.30 22.39
CA ASN E 138 33.57 -22.70 22.30
C ASN E 138 34.49 -23.50 21.37
N GLY E 139 35.78 -23.45 21.62
CA GLY E 139 36.72 -24.19 20.81
C GLY E 139 37.36 -23.47 19.64
N LYS E 140 36.55 -22.82 18.81
CA LYS E 140 37.06 -22.10 17.66
C LYS E 140 37.81 -20.84 18.06
N LYS E 141 38.74 -20.41 17.20
CA LYS E 141 39.54 -19.23 17.45
C LYS E 141 39.32 -18.14 16.41
N TYR E 142 38.89 -16.97 16.87
CA TYR E 142 38.63 -15.84 15.98
C TYR E 142 39.45 -14.61 16.38
N TYR E 143 39.65 -13.72 15.41
CA TYR E 143 40.34 -12.47 15.65
C TYR E 143 39.24 -11.44 15.50
N LEU E 144 39.18 -10.48 16.40
CA LEU E 144 38.13 -9.46 16.32
C LEU E 144 38.44 -8.50 15.17
N LEU E 145 37.39 -7.98 14.56
CA LEU E 145 37.54 -7.02 13.47
C LEU E 145 36.83 -5.76 13.95
N GLU E 146 37.61 -4.75 14.29
CA GLU E 146 37.08 -3.49 14.80
C GLU E 146 36.73 -2.52 13.68
N SER E 147 35.68 -1.75 13.93
CA SER E 147 35.19 -0.72 13.00
C SER E 147 34.44 0.28 13.89
N ASN E 148 34.56 1.56 13.57
CA ASN E 148 33.91 2.60 14.36
C ASN E 148 32.39 2.44 14.45
N ASN E 149 31.87 1.28 14.08
CA ASN E 149 30.43 1.06 14.16
C ASN E 149 30.05 1.03 15.64
N GLN E 150 28.82 1.43 15.95
CA GLN E 150 28.35 1.46 17.33
C GLN E 150 27.10 0.63 17.59
N VAL E 151 26.86 -0.37 16.74
CA VAL E 151 25.71 -1.24 16.89
C VAL E 151 26.11 -2.70 16.65
N TYR E 152 27.24 -2.89 16.00
CA TYR E 152 27.71 -4.23 15.70
C TYR E 152 29.16 -4.50 16.08
N GLU E 153 29.41 -5.72 16.56
CA GLU E 153 30.76 -6.15 16.90
C GLU E 153 31.09 -7.19 15.83
N PHE E 154 32.35 -7.28 15.42
CA PHE E 154 32.73 -8.24 14.38
C PHE E 154 33.93 -9.11 14.76
N ARG E 155 34.10 -10.21 14.03
CA ARG E 155 35.22 -11.11 14.23
C ARG E 155 35.37 -12.07 13.05
N ILE E 156 36.58 -12.61 12.85
CA ILE E 156 36.80 -13.51 11.75
C ILE E 156 37.39 -14.82 12.22
N SER E 157 37.01 -15.91 11.57
CA SER E 157 37.51 -17.23 11.92
C SER E 157 38.92 -17.41 11.37
N ASP E 158 39.75 -18.16 12.10
CA ASP E 158 41.11 -18.40 11.66
C ASP E 158 41.09 -19.66 10.79
N GLU E 159 40.17 -20.56 11.08
CA GLU E 159 40.03 -21.82 10.35
C GLU E 159 39.60 -21.65 8.90
N ASN E 160 38.49 -20.95 8.67
CA ASN E 160 37.96 -20.75 7.32
C ASN E 160 37.85 -19.32 6.84
N ASN E 161 38.20 -18.36 7.71
CA ASN E 161 38.13 -16.95 7.35
C ASN E 161 36.71 -16.41 7.25
N GLU E 162 35.76 -17.10 7.88
CA GLU E 162 34.38 -16.63 7.86
C GLU E 162 34.25 -15.47 8.84
N VAL E 163 33.62 -14.40 8.39
CA VAL E 163 33.44 -13.25 9.26
C VAL E 163 32.08 -13.31 9.97
N GLN E 164 32.07 -12.97 11.24
CA GLN E 164 30.84 -12.99 12.00
C GLN E 164 30.54 -11.64 12.58
N TYR E 165 29.29 -11.45 13.00
CA TYR E 165 28.89 -10.19 13.59
C TYR E 165 27.76 -10.41 14.57
N LYS E 166 27.65 -9.49 15.52
CA LYS E 166 26.59 -9.56 16.51
C LYS E 166 26.34 -8.15 17.00
N THR E 167 25.23 -7.96 17.71
CA THR E 167 24.91 -6.64 18.25
C THR E 167 25.78 -6.39 19.48
N LYS E 168 26.22 -5.15 19.65
CA LYS E 168 27.03 -4.80 20.81
C LYS E 168 26.15 -4.88 22.05
N GLU E 169 26.77 -4.98 23.23
CA GLU E 169 26.00 -5.04 24.46
C GLU E 169 25.31 -3.71 24.70
N GLY E 170 24.02 -3.77 25.00
CA GLY E 170 23.27 -2.55 25.25
C GLY E 170 22.67 -1.95 23.99
N LYS E 171 23.29 -2.23 22.84
CA LYS E 171 22.83 -1.70 21.58
C LYS E 171 21.68 -2.50 20.97
N ILE E 172 20.94 -1.87 20.07
CA ILE E 172 19.79 -2.49 19.40
C ILE E 172 19.88 -2.26 17.87
N THR E 173 19.24 -3.13 17.09
CA THR E 173 19.25 -3.03 15.63
C THR E 173 18.06 -2.22 15.13
N VAL E 174 18.23 -1.47 14.04
CA VAL E 174 17.13 -0.66 13.52
C VAL E 174 15.84 -1.46 13.42
N LEU E 175 15.96 -2.76 13.14
CA LEU E 175 14.78 -3.59 13.06
C LEU E 175 14.31 -3.99 14.47
N GLY E 176 14.99 -3.44 15.48
CA GLY E 176 14.66 -3.71 16.86
C GLY E 176 15.19 -5.04 17.36
N GLU E 177 16.24 -5.54 16.71
CA GLU E 177 16.83 -6.82 17.07
C GLU E 177 18.13 -6.77 17.85
N LYS E 178 18.47 -7.91 18.44
CA LYS E 178 19.68 -8.10 19.20
C LYS E 178 19.95 -9.60 19.09
N PHE E 179 21.22 -9.97 18.92
CA PHE E 179 21.55 -11.38 18.78
C PHE E 179 23.03 -11.56 19.03
N ASN E 180 23.44 -12.81 19.20
CA ASN E 180 24.85 -13.11 19.43
C ASN E 180 25.51 -13.57 18.12
N TRP E 181 26.83 -13.68 18.13
CA TRP E 181 27.64 -14.07 16.97
C TRP E 181 26.96 -14.96 15.93
N ARG E 182 26.88 -14.46 14.70
CA ARG E 182 26.30 -15.19 13.58
C ARG E 182 26.99 -14.79 12.29
N ASN E 183 27.31 -15.77 11.44
CA ASN E 183 27.99 -15.48 10.18
C ASN E 183 27.29 -14.39 9.38
N ILE E 184 28.10 -13.54 8.76
CA ILE E 184 27.59 -12.46 7.93
C ILE E 184 27.40 -13.05 6.56
N GLU E 185 26.17 -13.05 6.08
CA GLU E 185 25.87 -13.62 4.78
C GLU E 185 25.89 -12.60 3.66
N VAL E 186 26.39 -13.04 2.52
CA VAL E 186 26.48 -12.18 1.35
C VAL E 186 25.73 -12.80 0.16
N MET E 187 25.26 -11.94 -0.74
CA MET E 187 24.50 -12.36 -1.91
C MET E 187 25.41 -12.95 -2.97
N ALA E 188 25.18 -14.20 -3.34
CA ALA E 188 25.99 -14.86 -4.34
C ALA E 188 25.19 -15.30 -5.54
N LYS E 189 25.87 -15.47 -6.66
CA LYS E 189 25.22 -15.94 -7.87
C LYS E 189 25.70 -17.36 -8.11
N ASN E 190 24.93 -18.14 -8.87
CA ASN E 190 25.33 -19.51 -9.14
C ASN E 190 26.17 -19.55 -10.40
N VAL E 191 27.49 -19.65 -10.20
CA VAL E 191 28.42 -19.72 -11.32
C VAL E 191 28.93 -21.14 -11.43
N GLU E 192 28.47 -21.85 -12.45
CA GLU E 192 28.88 -23.23 -12.68
C GLU E 192 28.66 -24.10 -11.45
N GLY E 193 27.44 -24.05 -10.90
CA GLY E 193 27.13 -24.86 -9.74
C GLY E 193 27.69 -24.41 -8.40
N VAL E 194 28.62 -23.47 -8.42
CA VAL E 194 29.20 -22.98 -7.19
C VAL E 194 28.76 -21.55 -6.95
N LEU E 195 28.35 -21.27 -5.72
CA LEU E 195 27.88 -19.94 -5.36
C LEU E 195 29.03 -18.96 -5.16
N LYS E 196 29.06 -17.91 -5.97
CA LYS E 196 30.10 -16.92 -5.85
C LYS E 196 29.52 -15.57 -5.46
N PRO E 197 30.14 -14.90 -4.48
CA PRO E 197 29.71 -13.61 -3.97
C PRO E 197 29.59 -12.52 -5.04
N LEU E 198 28.64 -11.62 -4.84
CA LEU E 198 28.39 -10.53 -5.77
C LEU E 198 28.93 -9.22 -5.21
N THR E 199 29.22 -8.29 -6.11
CA THR E 199 29.72 -6.97 -5.73
C THR E 199 29.04 -5.97 -6.67
N ALA E 200 29.48 -4.72 -6.65
CA ALA E 200 28.88 -3.69 -7.48
C ALA E 200 29.28 -3.75 -8.95
N ASP E 201 28.30 -3.52 -9.83
CA ASP E 201 28.52 -3.50 -11.28
C ASP E 201 28.86 -2.08 -11.71
N TYR E 202 28.96 -1.85 -13.03
CA TYR E 202 29.25 -0.53 -13.58
C TYR E 202 27.97 -0.05 -14.24
N ASP E 203 27.12 0.62 -13.48
CA ASP E 203 25.87 1.10 -14.02
C ASP E 203 26.08 2.34 -14.89
N LEU E 204 25.79 2.19 -16.17
CA LEU E 204 25.93 3.28 -17.14
C LEU E 204 24.88 4.35 -16.89
N PHE E 205 25.31 5.60 -16.85
CA PHE E 205 24.39 6.69 -16.63
C PHE E 205 23.75 7.02 -17.97
N ALA E 206 24.53 6.89 -19.04
CA ALA E 206 24.06 7.18 -20.39
C ALA E 206 25.16 6.94 -21.42
N LEU E 207 24.75 6.90 -22.69
CA LEU E 207 25.67 6.70 -23.80
C LEU E 207 25.32 7.64 -24.95
N ALA E 208 26.27 8.51 -25.31
CA ALA E 208 26.04 9.44 -26.41
C ALA E 208 26.94 9.10 -27.61
N PRO E 209 26.44 8.32 -28.56
CA PRO E 209 27.24 7.97 -29.73
C PRO E 209 27.16 9.11 -30.75
N SER E 210 28.16 9.25 -31.60
CA SER E 210 28.12 10.30 -32.60
C SER E 210 27.03 9.94 -33.62
N LEU E 211 26.38 10.94 -34.20
CA LEU E 211 25.33 10.67 -35.18
C LEU E 211 25.89 9.79 -36.29
N THR E 212 27.11 10.09 -36.72
CA THR E 212 27.76 9.33 -37.78
C THR E 212 27.92 7.87 -37.34
N GLU E 213 28.06 7.68 -36.03
CA GLU E 213 28.22 6.36 -35.47
C GLU E 213 26.92 5.55 -35.55
N ILE E 214 25.78 6.20 -35.33
CA ILE E 214 24.52 5.47 -35.41
C ILE E 214 24.20 5.23 -36.88
N LYS E 215 24.83 5.99 -37.75
CA LYS E 215 24.63 5.85 -39.18
C LYS E 215 24.99 4.43 -39.60
N LYS E 216 26.12 3.94 -39.08
CA LYS E 216 26.59 2.59 -39.38
C LYS E 216 25.57 1.57 -38.88
N GLN E 217 24.71 1.99 -37.96
CA GLN E 217 23.70 1.10 -37.41
C GLN E 217 22.59 0.89 -38.45
N ILE E 218 22.55 1.78 -39.44
CA ILE E 218 21.54 1.69 -40.48
C ILE E 218 22.05 0.92 -41.68
N PRO E 219 21.33 -0.14 -42.07
CA PRO E 219 21.72 -0.95 -43.22
C PRO E 219 21.77 -0.09 -44.49
N GLN E 220 22.93 -0.07 -45.14
CA GLN E 220 23.11 0.72 -46.36
C GLN E 220 22.18 0.27 -47.48
N LYS E 221 20.87 0.42 -47.24
CA LYS E 221 19.85 0.03 -48.20
C LYS E 221 18.62 0.86 -47.89
N GLU E 222 18.12 0.73 -46.67
CA GLU E 222 16.96 1.49 -46.24
C GLU E 222 17.38 2.94 -46.20
N TRP E 223 18.67 3.19 -45.98
CA TRP E 223 19.18 4.55 -45.95
C TRP E 223 19.12 5.07 -47.37
N ASP E 224 19.22 4.14 -48.31
CA ASP E 224 19.18 4.44 -49.73
C ASP E 224 17.74 4.67 -50.16
N LYS E 225 16.88 3.70 -49.84
CA LYS E 225 15.47 3.77 -50.18
C LYS E 225 14.81 5.01 -49.56
N VAL E 226 15.57 5.78 -48.79
CA VAL E 226 15.04 6.97 -48.15
C VAL E 226 15.64 8.24 -48.72
N VAL E 227 16.95 8.21 -48.98
CA VAL E 227 17.64 9.37 -49.54
C VAL E 227 17.27 9.57 -51.00
N ASN E 228 17.26 8.46 -51.74
CA ASN E 228 16.92 8.48 -53.15
C ASN E 228 15.41 8.44 -53.29
N THR E 229 14.80 9.62 -53.16
CA THR E 229 13.36 9.77 -53.26
C THR E 229 13.10 11.23 -53.67
N PRO E 230 11.85 11.55 -54.06
CA PRO E 230 11.56 12.93 -54.47
C PRO E 230 11.33 13.89 -53.30
N ASN E 231 10.07 14.00 -52.88
CA ASN E 231 9.66 14.89 -51.79
C ASN E 231 10.67 15.00 -50.66
N SER E 232 11.18 16.19 -50.43
CA SER E 232 12.14 16.42 -49.35
C SER E 232 11.41 16.16 -48.05
N LEU E 233 10.12 16.52 -48.03
CA LEU E 233 9.29 16.31 -46.84
C LEU E 233 9.20 14.82 -46.55
N GLU E 234 9.65 14.03 -47.51
CA GLU E 234 9.63 12.59 -47.36
C GLU E 234 11.06 12.12 -47.08
N LYS E 235 12.02 12.85 -47.61
CA LYS E 235 13.43 12.51 -47.41
C LYS E 235 13.80 12.78 -45.97
N GLN E 236 13.52 14.00 -45.51
CA GLN E 236 13.83 14.40 -44.14
C GLN E 236 13.01 13.58 -43.13
N LYS E 237 11.73 13.38 -43.44
CA LYS E 237 10.86 12.61 -42.56
C LYS E 237 11.31 11.16 -42.56
N GLY E 238 11.88 10.71 -43.68
CA GLY E 238 12.33 9.35 -43.77
C GLY E 238 13.60 9.15 -42.96
N VAL E 239 14.49 10.13 -43.03
CA VAL E 239 15.75 10.07 -42.30
C VAL E 239 15.45 10.05 -40.80
N THR E 240 14.71 11.05 -40.35
CA THR E 240 14.34 11.15 -38.94
C THR E 240 13.87 9.80 -38.38
N ASN E 241 12.90 9.18 -39.05
CA ASN E 241 12.36 7.91 -38.61
C ASN E 241 13.39 6.79 -38.51
N LEU E 242 14.46 6.89 -39.29
CA LEU E 242 15.50 5.88 -39.25
C LEU E 242 16.29 6.11 -37.98
N LEU E 243 16.66 7.36 -37.77
CA LEU E 243 17.39 7.78 -36.59
C LEU E 243 16.74 7.14 -35.38
N ILE E 244 15.43 7.31 -35.28
CA ILE E 244 14.64 6.75 -34.20
C ILE E 244 14.77 5.22 -34.13
N LYS E 245 14.71 4.58 -35.28
CA LYS E 245 14.79 3.13 -35.37
C LYS E 245 16.09 2.53 -34.86
N TYR E 246 17.21 3.01 -35.39
CA TYR E 246 18.51 2.49 -35.03
C TYR E 246 19.27 3.30 -33.99
N GLY E 247 18.62 4.31 -33.42
CA GLY E 247 19.31 5.12 -32.43
C GLY E 247 18.53 5.51 -31.19
N ILE E 248 17.29 5.95 -31.40
CA ILE E 248 16.44 6.41 -30.31
C ILE E 248 15.59 5.32 -29.64
N GLU E 249 15.04 4.41 -30.44
CA GLU E 249 14.20 3.34 -29.89
C GLU E 249 14.97 2.31 -29.09
N ARG E 250 14.38 1.91 -27.96
CA ARG E 250 14.94 0.90 -27.09
C ARG E 250 13.79 0.10 -26.51
N LYS E 251 14.04 -1.15 -26.14
CA LYS E 251 12.98 -2.00 -25.62
C LYS E 251 13.44 -2.79 -24.41
N PRO E 252 12.50 -3.20 -23.56
CA PRO E 252 12.81 -3.98 -22.36
C PRO E 252 13.34 -5.36 -22.69
N ASP E 253 14.50 -5.69 -22.12
CA ASP E 253 15.13 -6.99 -22.33
C ASP E 253 14.83 -7.92 -21.16
N SER E 254 15.08 -9.20 -21.35
CA SER E 254 14.84 -10.18 -20.30
C SER E 254 15.69 -9.92 -19.05
N THR E 255 16.94 -9.53 -19.24
CA THR E 255 17.83 -9.28 -18.10
C THR E 255 18.50 -7.91 -18.11
N LYS E 256 18.98 -7.48 -19.28
CA LYS E 256 19.64 -6.18 -19.40
C LYS E 256 18.73 -5.02 -19.03
N GLY E 257 17.47 -5.32 -18.68
CA GLY E 257 16.53 -4.26 -18.32
C GLY E 257 15.81 -3.65 -19.52
N THR E 258 16.18 -2.42 -19.89
CA THR E 258 15.56 -1.73 -21.01
C THR E 258 16.58 -0.93 -21.78
N LEU E 259 17.24 -1.60 -22.72
CA LEU E 259 18.25 -0.97 -23.56
C LEU E 259 17.89 -1.10 -25.03
N SER E 260 18.62 -0.34 -25.85
CA SER E 260 18.44 -0.34 -27.29
C SER E 260 19.38 -1.39 -27.88
N ASN E 261 19.47 -1.45 -29.20
CA ASN E 261 20.35 -2.43 -29.82
C ASN E 261 21.79 -1.95 -29.84
N TRP E 262 22.04 -0.74 -30.32
CA TRP E 262 23.41 -0.26 -30.32
C TRP E 262 23.94 -0.28 -28.88
N GLN E 263 23.03 -0.11 -27.93
CA GLN E 263 23.42 -0.12 -26.53
C GLN E 263 23.87 -1.52 -26.14
N LYS E 264 23.08 -2.52 -26.50
CA LYS E 264 23.44 -3.90 -26.20
C LYS E 264 24.83 -4.19 -26.77
N GLN E 265 25.17 -3.54 -27.89
CA GLN E 265 26.46 -3.72 -28.53
C GLN E 265 27.52 -3.03 -27.70
N MET E 266 27.27 -1.76 -27.40
CA MET E 266 28.18 -0.98 -26.60
C MET E 266 28.48 -1.76 -25.33
N LEU E 267 27.49 -2.50 -24.84
CA LEU E 267 27.71 -3.29 -23.64
C LEU E 267 28.70 -4.39 -23.98
N ASP E 268 28.27 -5.31 -24.83
CA ASP E 268 29.12 -6.43 -25.27
C ASP E 268 30.54 -5.92 -25.44
N ARG E 269 30.66 -4.74 -26.02
CA ARG E 269 31.97 -4.12 -26.23
C ARG E 269 32.69 -3.90 -24.90
N LEU E 270 32.08 -3.09 -24.04
CA LEU E 270 32.64 -2.76 -22.73
C LEU E 270 33.03 -3.97 -21.92
N ASN E 271 32.14 -4.96 -21.89
CA ASN E 271 32.41 -6.16 -21.13
C ASN E 271 33.66 -6.84 -21.68
N GLU E 272 33.67 -7.03 -23.00
CA GLU E 272 34.79 -7.67 -23.66
C GLU E 272 36.09 -6.91 -23.43
N ALA E 273 36.01 -5.58 -23.44
CA ALA E 273 37.19 -4.77 -23.21
C ALA E 273 37.86 -5.08 -21.86
N VAL E 274 37.05 -5.25 -20.81
CA VAL E 274 37.60 -5.55 -19.48
C VAL E 274 38.02 -7.00 -19.40
N LYS E 275 37.40 -7.83 -20.25
CA LYS E 275 37.76 -9.23 -20.27
C LYS E 275 39.23 -9.28 -20.69
N TYR E 276 39.57 -8.48 -21.69
CA TYR E 276 40.94 -8.40 -22.21
C TYR E 276 41.93 -8.07 -21.11
N THR E 277 41.55 -7.12 -20.25
CA THR E 277 42.41 -6.69 -19.16
C THR E 277 42.59 -7.80 -18.13
N GLY E 278 41.72 -8.81 -18.18
CA GLY E 278 41.82 -9.90 -17.24
C GLY E 278 40.59 -10.20 -16.40
N TYR E 279 39.66 -9.25 -16.30
CA TYR E 279 38.46 -9.48 -15.50
C TYR E 279 37.87 -10.89 -15.68
N THR E 280 38.02 -11.71 -14.66
CA THR E 280 37.53 -13.09 -14.70
C THR E 280 36.13 -13.29 -14.09
N GLY E 281 35.43 -12.19 -13.81
CA GLY E 281 34.13 -12.32 -13.17
C GLY E 281 32.89 -12.39 -14.06
N GLY E 282 33.06 -12.06 -15.33
CA GLY E 282 31.92 -12.07 -16.24
C GLY E 282 31.69 -10.66 -16.73
N ASP E 283 30.43 -10.25 -16.81
CA ASP E 283 30.20 -8.90 -17.27
C ASP E 283 30.39 -7.92 -16.13
N VAL E 284 30.74 -6.69 -16.49
CA VAL E 284 30.96 -5.66 -15.51
C VAL E 284 29.83 -4.64 -15.68
N VAL E 285 29.20 -4.68 -16.84
CA VAL E 285 28.06 -3.83 -17.18
C VAL E 285 26.89 -4.78 -17.45
N ASN E 286 25.97 -4.87 -16.51
CA ASN E 286 24.85 -5.79 -16.61
C ASN E 286 23.50 -5.30 -17.12
N HIS E 287 23.38 -4.02 -17.46
CA HIS E 287 22.09 -3.52 -17.91
C HIS E 287 22.13 -2.14 -18.53
N GLY E 288 21.04 -1.78 -19.18
CA GLY E 288 20.93 -0.50 -19.85
C GLY E 288 21.31 0.72 -19.04
N THR E 289 21.30 1.86 -19.72
CA THR E 289 21.65 3.13 -19.11
C THR E 289 20.60 3.62 -18.11
N GLU E 290 21.00 4.59 -17.30
CA GLU E 290 20.13 5.18 -16.30
C GLU E 290 18.99 6.01 -16.93
N GLN E 291 19.16 6.38 -18.19
CA GLN E 291 18.14 7.16 -18.88
C GLN E 291 16.92 6.30 -19.20
N ASP E 292 17.04 5.02 -18.97
CA ASP E 292 15.92 4.12 -19.18
C ASP E 292 15.43 3.52 -17.88
N ASN E 293 15.78 4.20 -16.80
CA ASN E 293 15.35 3.79 -15.49
C ASN E 293 14.30 4.82 -15.10
N GLU E 294 13.12 4.66 -15.67
CA GLU E 294 12.03 5.58 -15.45
C GLU E 294 11.22 5.33 -14.17
N GLU E 295 11.19 4.08 -13.71
CA GLU E 295 10.45 3.74 -12.49
C GLU E 295 11.15 4.17 -11.19
N PHE E 296 12.46 3.94 -11.13
CA PHE E 296 13.24 4.25 -9.93
C PHE E 296 14.49 5.05 -10.28
N PRO E 297 14.32 6.18 -10.95
CA PRO E 297 15.47 7.00 -11.32
C PRO E 297 16.43 7.25 -10.16
N GLU E 298 17.69 7.48 -10.49
CA GLU E 298 18.71 7.72 -9.48
C GLU E 298 19.46 9.02 -9.75
N LYS E 299 19.32 9.97 -8.86
CA LYS E 299 19.99 11.26 -9.02
C LYS E 299 21.33 11.20 -8.32
N ASP E 300 22.39 11.06 -9.11
CA ASP E 300 23.75 10.98 -8.61
C ASP E 300 24.47 12.31 -8.79
N ASN E 301 25.10 12.79 -7.73
CA ASN E 301 25.82 14.05 -7.79
C ASN E 301 26.94 14.02 -8.80
N GLU E 302 27.81 13.02 -8.68
CA GLU E 302 28.96 12.88 -9.57
C GLU E 302 28.81 11.80 -10.64
N ILE E 303 28.91 12.21 -11.90
CA ILE E 303 28.84 11.28 -13.02
C ILE E 303 30.21 11.21 -13.69
N PHE E 304 30.76 10.01 -13.77
CA PHE E 304 32.07 9.81 -14.41
C PHE E 304 31.87 9.80 -15.92
N ILE E 305 32.72 10.52 -16.64
CA ILE E 305 32.59 10.58 -18.09
C ILE E 305 33.88 10.34 -18.87
N ILE E 306 33.74 9.56 -19.93
CA ILE E 306 34.86 9.27 -20.84
C ILE E 306 34.41 9.79 -22.20
N ASN E 307 35.00 10.89 -22.66
CA ASN E 307 34.61 11.45 -23.94
C ASN E 307 35.27 10.71 -25.10
N PRO E 308 34.74 10.86 -26.32
CA PRO E 308 35.31 10.19 -27.49
C PRO E 308 36.77 10.52 -27.73
N GLU E 309 37.28 11.55 -27.05
CA GLU E 309 38.68 11.94 -27.17
C GLU E 309 39.48 11.08 -26.20
N GLY E 310 38.81 10.13 -25.57
CA GLY E 310 39.46 9.24 -24.62
C GLY E 310 39.78 9.87 -23.28
N GLU E 311 39.33 11.11 -23.06
CA GLU E 311 39.59 11.82 -21.81
C GLU E 311 38.61 11.43 -20.69
N PHE E 312 39.03 11.66 -19.44
CA PHE E 312 38.21 11.34 -18.28
C PHE E 312 37.65 12.60 -17.66
N ILE E 313 36.34 12.60 -17.42
CA ILE E 313 35.68 13.75 -16.81
C ILE E 313 34.84 13.25 -15.65
N LEU E 314 34.42 14.15 -14.78
CA LEU E 314 33.58 13.79 -13.65
C LEU E 314 32.91 15.02 -13.10
N THR E 315 31.62 15.16 -13.40
CA THR E 315 30.85 16.29 -12.92
C THR E 315 30.76 16.23 -11.39
N LYS E 316 30.64 17.39 -10.77
CA LYS E 316 30.57 17.49 -9.33
C LYS E 316 29.15 17.47 -8.77
N ASN E 317 28.19 17.90 -9.58
CA ASN E 317 26.79 17.97 -9.16
C ASN E 317 25.83 17.84 -10.34
N TRP E 318 24.58 17.48 -10.04
CA TRP E 318 23.56 17.29 -11.06
C TRP E 318 23.51 18.42 -12.05
N GLU E 319 23.57 19.64 -11.55
CA GLU E 319 23.52 20.80 -12.43
C GLU E 319 24.68 20.75 -13.42
N MET E 320 25.87 20.42 -12.92
CA MET E 320 27.04 20.35 -13.76
C MET E 320 26.95 19.27 -14.83
N THR E 321 26.39 18.11 -14.47
CA THR E 321 26.24 17.03 -15.44
C THR E 321 25.43 17.60 -16.59
N GLY E 322 24.27 18.13 -16.25
CA GLY E 322 23.41 18.72 -17.25
C GLY E 322 24.11 19.69 -18.17
N ARG E 323 24.95 20.56 -17.60
CA ARG E 323 25.68 21.54 -18.42
C ARG E 323 26.65 20.84 -19.35
N PHE E 324 27.42 19.91 -18.81
CA PHE E 324 28.38 19.19 -19.60
C PHE E 324 27.70 18.49 -20.76
N ILE E 325 26.61 17.78 -20.45
CA ILE E 325 25.85 17.08 -21.47
C ILE E 325 25.27 18.04 -22.51
N GLU E 326 24.92 19.24 -22.07
CA GLU E 326 24.34 20.23 -22.97
C GLU E 326 25.34 20.84 -23.93
N LYS E 327 26.55 21.10 -23.44
CA LYS E 327 27.58 21.71 -24.28
C LYS E 327 28.37 20.75 -25.15
N ASN E 328 28.75 19.60 -24.60
CA ASN E 328 29.54 18.62 -25.35
C ASN E 328 28.79 17.50 -26.04
N ILE E 329 27.52 17.29 -25.68
CA ILE E 329 26.76 16.20 -26.30
C ILE E 329 25.52 16.67 -27.05
N THR E 330 24.47 17.03 -26.34
CA THR E 330 23.24 17.48 -26.96
C THR E 330 23.41 18.75 -27.79
N GLY E 331 24.63 19.28 -27.79
CA GLY E 331 24.88 20.49 -28.55
C GLY E 331 26.05 20.31 -29.49
N LYS E 332 26.42 19.08 -29.80
CA LYS E 332 27.53 18.82 -30.69
C LYS E 332 27.39 17.55 -31.52
N ASP E 333 26.22 17.39 -32.11
CA ASP E 333 25.93 16.27 -32.99
C ASP E 333 26.20 14.89 -32.41
N TYR E 334 25.53 14.57 -31.32
CA TYR E 334 25.67 13.26 -30.70
C TYR E 334 24.28 12.78 -30.32
N LEU E 335 24.02 11.49 -30.52
CA LEU E 335 22.72 10.94 -30.18
C LEU E 335 22.57 10.97 -28.67
N TYR E 336 21.49 11.55 -28.19
CA TYR E 336 21.26 11.59 -26.76
C TYR E 336 19.79 11.79 -26.41
N TYR E 337 19.38 11.17 -25.32
CA TYR E 337 18.02 11.29 -24.83
C TYR E 337 18.09 11.07 -23.34
N PHE E 338 17.43 11.94 -22.59
CA PHE E 338 17.43 11.84 -21.13
C PHE E 338 16.23 11.08 -20.60
N ASN E 339 16.40 10.50 -19.42
CA ASN E 339 15.36 9.72 -18.75
C ASN E 339 13.98 10.37 -18.87
N ARG E 340 13.00 9.59 -19.31
CA ARG E 340 11.65 10.11 -19.48
C ARG E 340 10.94 10.50 -18.20
N SER E 341 11.36 9.94 -17.07
CA SER E 341 10.70 10.28 -15.83
C SER E 341 11.21 11.60 -15.28
N TYR E 342 12.28 12.13 -15.86
CA TYR E 342 12.81 13.39 -15.38
C TYR E 342 11.71 14.45 -15.52
N ASN E 343 11.64 15.36 -14.56
CA ASN E 343 10.64 16.42 -14.55
C ASN E 343 9.23 15.91 -14.30
N LYS E 344 9.12 14.61 -14.04
CA LYS E 344 7.85 13.98 -13.73
C LYS E 344 8.01 13.31 -12.38
N ILE E 345 6.99 12.60 -11.92
CA ILE E 345 7.12 11.92 -10.64
C ILE E 345 7.25 10.43 -10.89
N ALA E 346 8.51 9.98 -10.88
CA ALA E 346 8.82 8.57 -11.09
C ALA E 346 7.79 7.72 -10.38
N PRO E 347 7.18 6.77 -11.09
CA PRO E 347 6.16 5.84 -10.60
C PRO E 347 6.56 4.99 -9.40
N GLY E 348 7.80 4.51 -9.39
CA GLY E 348 8.23 3.69 -8.29
C GLY E 348 8.67 4.43 -7.05
N ASN E 349 9.87 5.00 -7.11
CA ASN E 349 10.45 5.73 -6.00
C ASN E 349 9.89 7.14 -5.83
N LYS E 350 8.86 7.46 -6.61
CA LYS E 350 8.23 8.78 -6.53
C LYS E 350 9.28 9.88 -6.62
N ALA E 351 10.39 9.60 -7.27
CA ALA E 351 11.42 10.59 -7.41
C ALA E 351 11.00 11.67 -8.38
N TYR E 352 11.41 12.91 -8.11
CA TYR E 352 11.10 14.04 -8.98
C TYR E 352 12.43 14.67 -9.34
N ILE E 353 13.07 14.12 -10.37
CA ILE E 353 14.37 14.60 -10.85
C ILE E 353 14.22 15.56 -12.02
N GLU E 354 14.62 16.80 -11.81
CA GLU E 354 14.49 17.82 -12.84
C GLU E 354 15.58 17.76 -13.91
N TRP E 355 15.23 18.18 -15.12
CA TRP E 355 16.19 18.18 -16.22
C TRP E 355 15.75 19.17 -17.29
N THR E 356 16.69 19.97 -17.76
CA THR E 356 16.41 21.00 -18.77
C THR E 356 15.88 20.42 -20.07
N ASP E 357 14.61 20.72 -20.38
CA ASP E 357 14.00 20.23 -21.62
C ASP E 357 13.78 21.41 -22.57
N PRO E 358 14.72 21.62 -23.51
CA PRO E 358 14.60 22.73 -24.46
C PRO E 358 13.18 22.95 -24.94
N ILE E 359 12.48 21.86 -25.27
CA ILE E 359 11.11 21.98 -25.73
C ILE E 359 10.38 22.96 -24.81
N THR E 360 10.23 22.56 -23.55
CA THR E 360 9.56 23.39 -22.55
C THR E 360 10.02 24.84 -22.53
N LYS E 361 11.34 25.03 -22.55
CA LYS E 361 11.93 26.36 -22.52
C LYS E 361 11.28 27.28 -23.55
N ALA E 362 10.66 26.69 -24.57
CA ALA E 362 10.03 27.47 -25.62
C ALA E 362 8.51 27.30 -25.65
N LYS E 363 7.98 26.51 -24.73
CA LYS E 363 6.53 26.29 -24.66
C LYS E 363 5.83 27.61 -24.32
N ILE E 364 6.63 28.54 -23.81
CA ILE E 364 6.14 29.87 -23.43
C ILE E 364 5.56 30.54 -24.66
N ASN E 365 6.44 30.79 -25.64
CA ASN E 365 6.08 31.45 -26.88
C ASN E 365 5.62 30.42 -27.90
N THR E 366 4.68 29.58 -27.51
CA THR E 366 4.17 28.52 -28.38
C THR E 366 2.67 28.33 -28.20
N ILE E 367 1.93 28.38 -29.29
CA ILE E 367 0.49 28.20 -29.22
C ILE E 367 0.18 26.72 -29.00
N PRO E 368 -0.77 26.43 -28.09
CA PRO E 368 -1.17 25.05 -27.77
C PRO E 368 -1.78 24.35 -28.96
N THR E 369 -2.10 23.07 -28.78
CA THR E 369 -2.68 22.27 -29.84
C THR E 369 -4.10 21.86 -29.46
N SER E 370 -4.92 21.63 -30.48
CA SER E 370 -6.30 21.21 -30.23
C SER E 370 -6.29 20.05 -29.26
N ALA E 371 -5.17 19.32 -29.22
CA ALA E 371 -5.01 18.19 -28.32
C ALA E 371 -4.39 18.65 -27.01
N GLU E 372 -3.35 19.48 -27.12
CA GLU E 372 -2.66 20.04 -25.96
C GLU E 372 -3.58 21.04 -25.28
N PHE E 373 -4.88 20.87 -25.52
CA PHE E 373 -5.91 21.74 -24.98
C PHE E 373 -7.00 20.82 -24.43
N ILE E 374 -7.71 20.16 -25.33
CA ILE E 374 -8.77 19.25 -24.96
C ILE E 374 -8.28 18.26 -23.92
N LYS E 375 -6.96 18.07 -23.82
CA LYS E 375 -6.42 17.16 -22.83
C LYS E 375 -6.22 17.89 -21.50
N ASN E 376 -5.86 19.17 -21.56
CA ASN E 376 -5.69 19.95 -20.33
C ASN E 376 -7.06 20.13 -19.69
N LEU E 377 -8.09 20.13 -20.53
CA LEU E 377 -9.46 20.30 -20.07
C LEU E 377 -10.00 18.96 -19.55
N SER E 378 -9.11 17.98 -19.47
CA SER E 378 -9.48 16.65 -18.99
C SER E 378 -8.99 16.50 -17.55
N SER E 379 -7.71 16.80 -17.32
CA SER E 379 -7.14 16.71 -15.99
C SER E 379 -7.74 17.80 -15.12
N ILE E 380 -8.01 18.95 -15.72
CA ILE E 380 -8.61 20.07 -15.01
C ILE E 380 -10.06 19.69 -14.71
N ARG E 381 -10.41 18.45 -15.06
CA ARG E 381 -11.76 17.93 -14.84
C ARG E 381 -11.66 16.85 -13.78
N ARG E 382 -10.43 16.53 -13.38
CA ARG E 382 -10.18 15.52 -12.36
C ARG E 382 -10.29 16.22 -11.01
N SER E 383 -9.95 17.50 -11.00
CA SER E 383 -10.01 18.33 -9.80
C SER E 383 -11.41 18.94 -9.67
N SER E 384 -12.38 18.17 -10.16
CA SER E 384 -13.80 18.53 -10.14
C SER E 384 -14.47 17.18 -10.39
N ASN E 385 -15.75 17.07 -10.07
CA ASN E 385 -16.42 15.79 -10.29
C ASN E 385 -16.57 15.53 -11.79
N VAL E 386 -17.66 14.87 -12.17
CA VAL E 386 -17.92 14.57 -13.57
C VAL E 386 -19.32 14.04 -13.76
N GLY E 387 -20.03 14.61 -14.73
CA GLY E 387 -21.40 14.19 -14.99
C GLY E 387 -21.86 14.59 -16.37
N VAL E 388 -22.25 15.85 -16.52
CA VAL E 388 -22.72 16.36 -17.79
C VAL E 388 -22.05 17.69 -18.15
N TYR E 389 -21.24 17.68 -19.20
CA TYR E 389 -20.55 18.89 -19.64
C TYR E 389 -21.60 19.94 -19.99
N LYS E 390 -22.70 19.50 -20.58
CA LYS E 390 -23.79 20.39 -20.95
C LYS E 390 -24.47 20.86 -19.68
N ASP E 391 -24.74 22.16 -19.59
CA ASP E 391 -25.37 22.74 -18.40
C ASP E 391 -24.46 22.44 -17.22
N SER E 392 -23.32 23.12 -17.18
CA SER E 392 -22.32 22.94 -16.12
C SER E 392 -22.77 23.45 -14.76
N GLY E 393 -23.75 24.35 -14.75
CA GLY E 393 -24.23 24.89 -13.49
C GLY E 393 -25.46 24.20 -12.96
N ASP E 394 -26.21 24.90 -12.12
CA ASP E 394 -27.42 24.36 -11.53
C ASP E 394 -28.63 24.87 -12.30
N LYS E 395 -28.51 26.06 -12.84
CA LYS E 395 -29.59 26.68 -13.62
C LYS E 395 -29.75 25.94 -14.94
N ASP E 396 -30.96 25.43 -15.17
CA ASP E 396 -31.24 24.70 -16.41
C ASP E 396 -31.76 25.63 -17.50
N GLU E 397 -31.57 26.93 -17.30
CA GLU E 397 -32.02 27.93 -18.27
C GLU E 397 -30.90 28.24 -19.27
N PHE E 398 -29.81 27.48 -19.17
CA PHE E 398 -28.67 27.66 -20.05
C PHE E 398 -27.93 26.32 -20.12
N ALA E 399 -27.28 26.05 -21.25
CA ALA E 399 -26.56 24.80 -21.42
C ALA E 399 -25.49 24.88 -22.50
N LYS E 400 -24.81 26.03 -22.57
CA LYS E 400 -23.76 26.25 -23.56
C LYS E 400 -22.87 27.41 -23.10
N LYS E 401 -21.75 27.58 -23.78
CA LYS E 401 -20.81 28.66 -23.47
C LYS E 401 -20.42 29.33 -24.78
N GLU E 402 -20.26 30.65 -24.73
CA GLU E 402 -19.88 31.40 -25.92
C GLU E 402 -18.45 31.01 -26.34
N SER E 403 -18.32 30.49 -27.55
CA SER E 403 -17.02 30.06 -28.08
C SER E 403 -16.49 28.80 -27.40
N VAL E 404 -17.39 27.89 -27.07
CA VAL E 404 -17.03 26.64 -26.39
C VAL E 404 -15.93 25.85 -27.09
N LYS E 405 -16.32 25.00 -28.04
CA LYS E 405 -15.38 24.17 -28.78
C LYS E 405 -14.66 24.92 -29.89
N LYS E 406 -15.23 26.04 -30.33
CA LYS E 406 -14.61 26.82 -31.39
C LYS E 406 -13.15 27.15 -31.06
N ILE E 407 -12.81 27.05 -29.79
CA ILE E 407 -11.45 27.32 -29.35
C ILE E 407 -10.50 26.25 -29.89
N ALA E 408 -10.81 24.99 -29.62
CA ALA E 408 -9.99 23.88 -30.09
C ALA E 408 -9.88 23.93 -31.61
N GLY E 409 -11.03 24.10 -32.26
CA GLY E 409 -11.05 24.16 -33.70
C GLY E 409 -10.11 25.24 -34.23
N TYR E 410 -10.27 26.45 -33.71
CA TYR E 410 -9.43 27.56 -34.15
C TYR E 410 -7.97 27.29 -33.80
N LEU E 411 -7.73 26.27 -32.98
CA LEU E 411 -6.37 25.94 -32.60
C LEU E 411 -5.72 25.09 -33.69
N SER E 412 -6.35 23.97 -34.03
CA SER E 412 -5.81 23.10 -35.06
C SER E 412 -5.74 23.87 -36.39
N ASP E 413 -6.62 24.87 -36.54
CA ASP E 413 -6.62 25.68 -37.76
C ASP E 413 -5.33 26.49 -37.82
N TYR E 414 -4.65 26.60 -36.68
CA TYR E 414 -3.39 27.32 -36.62
C TYR E 414 -2.33 26.41 -37.20
N TYR E 415 -2.41 25.13 -36.84
CA TYR E 415 -1.46 24.13 -37.29
C TYR E 415 -2.03 23.34 -38.46
N ASN E 416 -2.08 23.98 -39.62
CA ASN E 416 -2.60 23.36 -40.83
C ASN E 416 -1.44 23.07 -41.77
N SER E 417 -1.24 21.79 -42.10
CA SER E 417 -0.14 21.41 -42.98
C SER E 417 -0.29 22.04 -44.36
N ALA E 418 -1.53 22.32 -44.75
CA ALA E 418 -1.82 22.92 -46.05
C ALA E 418 -1.13 24.27 -46.26
N ASN E 419 -0.36 24.70 -45.28
CA ASN E 419 0.33 25.99 -45.39
C ASN E 419 1.61 25.92 -46.21
N HIS E 420 2.06 24.73 -46.57
CA HIS E 420 3.30 24.62 -47.33
C HIS E 420 3.19 25.20 -48.72
N ILE E 421 1.96 25.27 -49.24
CA ILE E 421 1.74 25.82 -50.58
C ILE E 421 1.84 27.34 -50.59
N PHE E 422 1.98 27.93 -49.41
CA PHE E 422 2.07 29.38 -49.29
C PHE E 422 3.50 29.81 -48.98
N SER E 423 3.71 31.12 -48.86
CA SER E 423 5.03 31.65 -48.56
C SER E 423 5.11 32.00 -47.07
N GLN E 424 6.33 32.17 -46.56
CA GLN E 424 6.53 32.52 -45.16
C GLN E 424 5.54 33.60 -44.77
N GLU E 425 5.72 34.76 -45.39
CA GLU E 425 4.89 35.93 -45.18
C GLU E 425 3.41 35.56 -45.14
N LYS E 426 2.99 34.68 -46.03
CA LYS E 426 1.60 34.25 -46.07
C LYS E 426 1.29 33.50 -44.77
N LYS E 427 2.13 32.51 -44.46
CA LYS E 427 1.98 31.71 -43.25
C LYS E 427 1.95 32.62 -42.01
N ARG E 428 2.95 33.47 -41.88
CA ARG E 428 3.03 34.39 -40.74
C ARG E 428 1.68 35.05 -40.56
N LYS E 429 1.30 35.88 -41.52
CA LYS E 429 0.02 36.60 -41.48
C LYS E 429 -1.14 35.68 -41.12
N ILE E 430 -1.44 34.71 -41.98
CA ILE E 430 -2.55 33.79 -41.73
C ILE E 430 -2.48 33.13 -40.37
N SER E 431 -1.25 32.89 -39.89
CA SER E 431 -1.10 32.27 -38.58
C SER E 431 -1.33 33.30 -37.49
N ILE E 432 -0.66 34.45 -37.60
CA ILE E 432 -0.84 35.51 -36.62
C ILE E 432 -2.33 35.76 -36.42
N PHE E 433 -3.05 35.84 -37.52
CA PHE E 433 -4.48 36.06 -37.47
C PHE E 433 -5.13 34.85 -36.81
N ARG E 434 -4.75 33.67 -37.29
CA ARG E 434 -5.28 32.42 -36.75
C ARG E 434 -5.05 32.36 -35.25
N GLY E 435 -4.00 33.05 -34.79
CA GLY E 435 -3.70 33.09 -33.37
C GLY E 435 -4.71 33.95 -32.65
N ILE E 436 -4.93 35.15 -33.17
CA ILE E 436 -5.88 36.09 -32.57
C ILE E 436 -7.29 35.52 -32.62
N GLN E 437 -7.48 34.48 -33.43
CA GLN E 437 -8.79 33.84 -33.56
C GLN E 437 -9.12 33.02 -32.32
N ALA E 438 -8.29 32.03 -32.03
CA ALA E 438 -8.51 31.17 -30.88
C ALA E 438 -8.39 31.99 -29.59
N TYR E 439 -7.74 33.14 -29.71
CA TYR E 439 -7.53 34.05 -28.59
C TYR E 439 -8.87 34.67 -28.20
N ASN E 440 -9.49 35.34 -29.17
CA ASN E 440 -10.77 35.99 -28.98
C ASN E 440 -11.82 35.02 -28.43
N GLU E 441 -11.90 33.83 -29.03
CA GLU E 441 -12.87 32.83 -28.59
C GLU E 441 -12.69 32.49 -27.11
N ILE E 442 -11.47 32.58 -26.62
CA ILE E 442 -11.18 32.31 -25.21
C ILE E 442 -11.46 33.59 -24.42
N GLU E 443 -10.96 34.70 -24.95
CA GLU E 443 -11.15 36.01 -24.34
C GLU E 443 -12.61 36.13 -23.92
N ASN E 444 -13.49 35.72 -24.81
CA ASN E 444 -14.93 35.76 -24.59
C ASN E 444 -15.39 34.79 -23.50
N VAL E 445 -14.85 33.57 -23.50
CA VAL E 445 -15.24 32.58 -22.50
C VAL E 445 -14.88 33.09 -21.10
N LEU E 446 -14.00 34.09 -21.04
CA LEU E 446 -13.59 34.67 -19.76
C LEU E 446 -14.48 35.86 -19.46
N LYS E 447 -15.54 36.04 -20.25
CA LYS E 447 -16.46 37.16 -20.07
C LYS E 447 -17.89 36.75 -19.75
N SER E 448 -18.11 35.47 -19.52
CA SER E 448 -19.44 34.98 -19.17
C SER E 448 -19.45 34.70 -17.67
N LYS E 449 -19.23 33.44 -17.28
CA LYS E 449 -19.21 33.09 -15.87
C LYS E 449 -17.94 32.32 -15.53
N GLN E 450 -17.26 32.74 -14.47
CA GLN E 450 -16.03 32.09 -14.04
C GLN E 450 -16.33 30.69 -13.51
N ILE E 451 -17.44 30.12 -13.98
CA ILE E 451 -17.92 28.80 -13.61
C ILE E 451 -17.02 28.05 -12.63
N ALA E 452 -15.99 27.39 -13.16
CA ALA E 452 -15.06 26.64 -12.32
C ALA E 452 -14.04 27.60 -11.74
N PRO E 453 -13.65 27.39 -10.46
CA PRO E 453 -12.67 28.25 -9.77
C PRO E 453 -11.69 28.92 -10.71
N GLU E 454 -10.70 28.17 -11.19
CA GLU E 454 -9.74 28.78 -12.09
C GLU E 454 -9.46 28.06 -13.41
N TYR E 455 -10.53 27.59 -14.06
CA TYR E 455 -10.38 26.99 -15.38
C TYR E 455 -9.89 28.23 -16.09
N LYS E 456 -10.30 29.36 -15.49
CA LYS E 456 -9.97 30.70 -15.94
C LYS E 456 -8.47 30.92 -15.81
N ASN E 457 -7.84 30.14 -14.95
CA ASN E 457 -6.40 30.23 -14.75
C ASN E 457 -5.74 29.57 -15.96
N TYR E 458 -6.43 28.59 -16.51
CA TYR E 458 -5.94 27.85 -17.67
C TYR E 458 -6.10 28.67 -18.95
N PHE E 459 -7.19 29.43 -19.02
CA PHE E 459 -7.48 30.26 -20.18
C PHE E 459 -6.69 31.57 -20.14
N GLN E 460 -6.37 32.04 -18.95
CA GLN E 460 -5.60 33.27 -18.82
C GLN E 460 -4.18 32.87 -19.19
N TYR E 461 -3.97 31.56 -19.29
CA TYR E 461 -2.69 30.98 -19.64
C TYR E 461 -2.55 30.80 -21.15
N LEU E 462 -3.56 30.21 -21.77
CA LEU E 462 -3.53 30.01 -23.22
C LEU E 462 -3.28 31.37 -23.86
N LYS E 463 -4.09 32.34 -23.48
CA LYS E 463 -3.98 33.71 -23.97
C LYS E 463 -2.57 34.23 -23.74
N GLU E 464 -1.92 33.72 -22.70
CA GLU E 464 -0.56 34.13 -22.37
C GLU E 464 0.35 33.63 -23.47
N ARG E 465 0.27 32.33 -23.74
CA ARG E 465 1.09 31.74 -24.78
C ARG E 465 0.72 32.34 -26.13
N ILE E 466 -0.58 32.28 -26.46
CA ILE E 466 -1.08 32.83 -27.71
C ILE E 466 -0.38 34.14 -28.07
N THR E 467 -0.51 35.11 -27.17
CA THR E 467 0.09 36.44 -27.35
C THR E 467 1.56 36.34 -27.73
N ASN E 468 2.30 35.49 -27.04
CA ASN E 468 3.73 35.34 -27.30
C ASN E 468 4.00 34.90 -28.73
N GLN E 469 3.22 33.92 -29.19
CA GLN E 469 3.36 33.40 -30.54
C GLN E 469 3.01 34.52 -31.52
N VAL E 470 1.81 35.05 -31.37
CA VAL E 470 1.33 36.13 -32.23
C VAL E 470 2.39 37.21 -32.34
N GLN E 471 2.92 37.62 -31.18
CA GLN E 471 3.97 38.63 -31.17
C GLN E 471 5.21 38.12 -31.88
N LEU E 472 5.50 36.84 -31.69
CA LEU E 472 6.67 36.21 -32.32
C LEU E 472 6.65 36.37 -33.83
N LEU E 473 5.64 35.81 -34.48
CA LEU E 473 5.50 35.88 -35.93
C LEU E 473 5.55 37.34 -36.40
N LEU E 474 4.87 38.20 -35.65
CA LEU E 474 4.83 39.62 -35.98
C LEU E 474 6.23 40.21 -35.98
N THR E 475 7.03 39.86 -34.98
CA THR E 475 8.39 40.37 -34.87
C THR E 475 9.30 39.84 -35.98
N HIS E 476 8.70 39.28 -37.02
CA HIS E 476 9.43 38.76 -38.15
C HIS E 476 9.16 39.59 -39.40
N GLN E 477 8.26 40.56 -39.26
CA GLN E 477 7.88 41.44 -40.35
C GLN E 477 8.31 42.87 -40.06
N LYS E 478 7.58 43.54 -39.19
CA LYS E 478 7.89 44.92 -38.82
C LYS E 478 7.29 45.27 -37.45
N PHE E 483 0.72 43.62 -30.27
CA PHE E 483 -0.41 42.70 -30.19
C PHE E 483 -1.70 43.38 -29.76
N LYS E 484 -1.86 43.58 -28.45
CA LYS E 484 -3.05 44.23 -27.92
C LYS E 484 -3.35 45.51 -28.68
N LEU E 485 -2.29 46.21 -29.07
CA LEU E 485 -2.42 47.45 -29.83
C LEU E 485 -3.02 47.16 -31.20
N LEU E 486 -2.56 46.07 -31.82
CA LEU E 486 -3.06 45.66 -33.13
C LEU E 486 -4.25 44.71 -32.97
N TYR E 487 -4.80 44.66 -31.77
CA TYR E 487 -5.95 43.81 -31.49
C TYR E 487 -7.23 44.62 -31.39
N LYS E 488 -7.11 45.86 -30.94
CA LYS E 488 -8.26 46.75 -30.81
C LYS E 488 -8.68 47.29 -32.16
N GLN E 489 -7.95 46.89 -33.20
CA GLN E 489 -8.26 47.32 -34.56
C GLN E 489 -9.10 46.25 -35.23
N LEU E 490 -9.28 45.13 -34.54
CA LEU E 490 -10.07 44.02 -35.04
C LEU E 490 -11.38 43.88 -34.27
N ASN E 491 -12.44 43.53 -34.99
CA ASN E 491 -13.76 43.37 -34.40
C ASN E 491 -14.24 41.93 -34.60
N PHE E 492 -14.63 41.28 -33.50
CA PHE E 492 -15.12 39.91 -33.58
C PHE E 492 -16.51 39.75 -32.99
N THR E 493 -17.45 40.52 -33.53
CA THR E 493 -18.84 40.48 -33.10
C THR E 493 -19.66 40.25 -34.37
N GLU E 494 -18.99 40.37 -35.50
CA GLU E 494 -19.60 40.19 -36.81
C GLU E 494 -19.58 38.72 -37.21
N ASN E 495 -18.60 38.37 -38.03
CA ASN E 495 -18.43 37.00 -38.50
C ASN E 495 -17.08 36.84 -39.19
N GLU E 496 -16.68 35.59 -39.42
CA GLU E 496 -15.41 35.28 -40.04
C GLU E 496 -15.23 35.97 -41.39
N THR E 497 -16.31 36.06 -42.16
CA THR E 497 -16.29 36.68 -43.49
C THR E 497 -16.40 38.20 -43.46
N ASP E 498 -16.07 38.81 -42.34
CA ASP E 498 -16.15 40.27 -42.20
C ASP E 498 -15.02 40.82 -41.31
N ASN E 499 -14.23 39.92 -40.74
CA ASN E 499 -13.13 40.34 -39.89
C ASN E 499 -11.80 40.19 -40.62
N PHE E 500 -11.55 39.00 -41.15
CA PHE E 500 -10.33 38.71 -41.89
C PHE E 500 -10.01 39.85 -42.84
N GLU E 501 -11.05 40.40 -43.46
CA GLU E 501 -10.94 41.50 -44.40
C GLU E 501 -10.65 42.82 -43.71
N VAL E 502 -9.81 42.77 -42.68
CA VAL E 502 -9.42 43.95 -41.92
C VAL E 502 -7.96 43.81 -41.52
N PHE E 503 -7.64 42.65 -40.95
CA PHE E 503 -6.29 42.33 -40.51
C PHE E 503 -5.29 42.40 -41.66
N GLN E 504 -5.71 41.93 -42.83
CA GLN E 504 -4.87 41.91 -44.02
C GLN E 504 -4.14 43.23 -44.31
N LYS E 505 -4.76 44.34 -43.92
CA LYS E 505 -4.16 45.66 -44.15
C LYS E 505 -3.34 46.13 -42.96
N ILE E 506 -3.92 45.99 -41.76
CA ILE E 506 -3.27 46.40 -40.52
C ILE E 506 -1.79 46.02 -40.48
N ILE E 507 -1.52 44.76 -40.83
CA ILE E 507 -0.16 44.24 -40.84
C ILE E 507 0.86 45.17 -41.49
N ASP E 508 0.56 45.56 -42.73
CA ASP E 508 1.42 46.44 -43.50
C ASP E 508 1.56 47.81 -42.85
N THR F 5 -5.33 4.92 -20.15
CA THR F 5 -5.04 5.18 -18.71
C THR F 5 -6.07 6.13 -18.09
N GLU F 6 -5.95 6.34 -16.78
CA GLU F 6 -6.87 7.23 -16.06
C GLU F 6 -6.97 8.59 -16.71
N GLU F 7 -5.97 8.94 -17.52
CA GLU F 7 -5.95 10.21 -18.22
C GLU F 7 -6.16 9.99 -19.71
N GLN F 8 -5.43 9.03 -20.26
CA GLN F 8 -5.52 8.71 -21.68
C GLN F 8 -6.95 8.33 -22.03
N ILE F 9 -7.58 7.52 -21.18
CA ILE F 9 -8.95 7.08 -21.39
C ILE F 9 -9.95 8.12 -20.89
N ALA F 10 -9.46 9.12 -20.17
CA ALA F 10 -10.31 10.18 -19.63
C ALA F 10 -10.32 11.40 -20.55
N GLU F 11 -9.66 11.28 -21.70
CA GLU F 11 -9.59 12.36 -22.66
C GLU F 11 -10.55 12.10 -23.82
N PHE F 12 -10.53 10.87 -24.33
CA PHE F 12 -11.40 10.48 -25.42
C PHE F 12 -12.86 10.63 -24.98
N LYS F 13 -13.17 10.05 -23.83
CA LYS F 13 -14.52 10.14 -23.28
C LYS F 13 -14.82 11.59 -22.93
N GLU F 14 -13.75 12.39 -22.77
CA GLU F 14 -13.89 13.79 -22.42
C GLU F 14 -14.22 14.63 -23.65
N ALA F 15 -13.40 14.51 -24.69
CA ALA F 15 -13.62 15.27 -25.91
C ALA F 15 -14.88 14.79 -26.63
N PHE F 16 -15.40 13.65 -26.21
CA PHE F 16 -16.60 13.08 -26.80
C PHE F 16 -17.77 14.03 -26.59
N SER F 17 -17.82 14.63 -25.40
CA SER F 17 -18.88 15.56 -25.05
C SER F 17 -18.45 16.99 -25.36
N LEU F 18 -18.05 17.22 -26.61
CA LEU F 18 -17.62 18.55 -27.05
C LEU F 18 -18.52 19.02 -28.19
N PHE F 19 -19.16 18.07 -28.86
CA PHE F 19 -20.07 18.36 -29.95
C PHE F 19 -21.02 17.19 -30.12
N ASP F 20 -21.94 17.04 -29.17
CA ASP F 20 -22.92 15.97 -29.20
C ASP F 20 -24.22 16.43 -28.55
N LYS F 21 -24.88 17.40 -29.16
CA LYS F 21 -26.14 17.93 -28.64
C LYS F 21 -27.23 16.91 -28.89
N ASP F 22 -27.28 15.88 -28.05
CA ASP F 22 -28.27 14.82 -28.16
C ASP F 22 -28.42 14.11 -26.82
N GLY F 23 -27.50 14.38 -25.90
CA GLY F 23 -27.55 13.77 -24.59
C GLY F 23 -27.07 12.33 -24.55
N ASP F 24 -27.69 11.48 -25.37
CA ASP F 24 -27.32 10.07 -25.42
C ASP F 24 -25.91 9.84 -25.98
N GLY F 25 -25.09 10.90 -25.96
CA GLY F 25 -23.74 10.79 -26.47
C GLY F 25 -23.67 9.97 -27.74
N THR F 26 -24.53 10.30 -28.70
CA THR F 26 -24.58 9.61 -29.97
C THR F 26 -24.15 10.52 -31.11
N ILE F 27 -22.84 10.73 -31.23
CA ILE F 27 -22.29 11.58 -32.29
C ILE F 27 -22.54 10.95 -33.65
N THR F 28 -22.57 11.78 -34.69
CA THR F 28 -22.80 11.31 -36.05
C THR F 28 -21.46 11.06 -36.75
N THR F 29 -21.48 10.28 -37.82
CA THR F 29 -20.26 9.97 -38.57
C THR F 29 -19.71 11.24 -39.21
N LYS F 30 -20.55 12.26 -39.31
CA LYS F 30 -20.14 13.54 -39.90
C LYS F 30 -19.33 14.34 -38.89
N GLU F 31 -19.76 14.33 -37.64
CA GLU F 31 -19.06 15.05 -36.59
C GLU F 31 -17.99 14.16 -35.94
N LEU F 32 -17.91 12.92 -36.40
CA LEU F 32 -16.93 11.96 -35.89
C LEU F 32 -15.53 12.46 -36.22
N GLY F 33 -15.27 12.62 -37.52
CA GLY F 33 -13.97 13.09 -37.96
C GLY F 33 -13.59 14.39 -37.27
N THR F 34 -14.58 15.22 -36.98
CA THR F 34 -14.35 16.49 -36.32
C THR F 34 -13.95 16.26 -34.86
N VAL F 35 -14.06 15.01 -34.43
CA VAL F 35 -13.71 14.63 -33.06
C VAL F 35 -12.47 13.73 -33.08
N MET F 36 -12.60 12.58 -33.75
CA MET F 36 -11.52 11.63 -33.85
C MET F 36 -10.25 12.32 -34.32
N ARG F 37 -10.41 13.51 -34.88
CA ARG F 37 -9.28 14.29 -35.38
C ARG F 37 -9.06 15.60 -34.62
N SER F 38 -10.11 16.15 -34.02
CA SER F 38 -9.97 17.39 -33.26
C SER F 38 -8.95 17.11 -32.17
N LEU F 39 -8.61 15.84 -32.05
CA LEU F 39 -7.66 15.36 -31.07
C LEU F 39 -6.52 14.76 -31.90
N GLY F 40 -5.40 14.47 -31.26
CA GLY F 40 -4.22 13.92 -31.91
C GLY F 40 -4.22 13.04 -33.15
N GLN F 41 -5.28 13.04 -33.97
CA GLN F 41 -5.31 12.22 -35.17
C GLN F 41 -5.81 12.96 -36.41
N ASN F 42 -5.49 12.41 -37.58
CA ASN F 42 -5.89 12.98 -38.86
C ASN F 42 -6.17 11.89 -39.90
N PRO F 43 -6.90 10.83 -39.51
CA PRO F 43 -7.20 9.75 -40.45
C PRO F 43 -7.94 10.22 -41.70
N THR F 44 -7.91 9.38 -42.74
CA THR F 44 -8.57 9.69 -44.00
C THR F 44 -10.07 9.39 -43.94
N GLU F 45 -10.83 9.99 -44.85
CA GLU F 45 -12.27 9.79 -44.93
C GLU F 45 -12.62 8.31 -44.99
N ALA F 46 -11.61 7.48 -45.24
CA ALA F 46 -11.79 6.04 -45.35
C ALA F 46 -12.17 5.39 -44.02
N GLU F 47 -11.28 5.46 -43.04
CA GLU F 47 -11.54 4.88 -41.72
C GLU F 47 -12.85 5.41 -41.13
N LEU F 48 -13.22 6.63 -41.50
CA LEU F 48 -14.45 7.24 -41.02
C LEU F 48 -15.65 6.46 -41.54
N GLN F 49 -15.44 5.70 -42.60
CA GLN F 49 -16.50 4.90 -43.21
C GLN F 49 -16.16 3.41 -43.17
N ASP F 50 -14.88 3.11 -42.95
CA ASP F 50 -14.40 1.73 -42.90
C ASP F 50 -14.73 1.02 -41.60
N MET F 51 -14.76 1.77 -40.50
CA MET F 51 -15.05 1.19 -39.20
C MET F 51 -16.36 1.74 -38.61
N ILE F 52 -17.01 2.63 -39.34
CA ILE F 52 -18.26 3.22 -38.90
C ILE F 52 -19.42 2.25 -39.13
N ASN F 53 -19.17 1.22 -39.91
CA ASN F 53 -20.20 0.23 -40.22
C ASN F 53 -19.81 -1.15 -39.66
N GLU F 54 -18.64 -1.22 -39.00
CA GLU F 54 -18.18 -2.47 -38.42
C GLU F 54 -18.69 -2.61 -37.00
N VAL F 55 -18.15 -1.80 -36.09
CA VAL F 55 -18.55 -1.82 -34.70
C VAL F 55 -19.83 -1.00 -34.50
N ASP F 56 -20.18 -0.20 -35.51
CA ASP F 56 -21.37 0.63 -35.47
C ASP F 56 -22.38 0.21 -36.54
N ALA F 57 -23.32 -0.64 -36.17
CA ALA F 57 -24.34 -1.12 -37.09
C ALA F 57 -25.67 -1.34 -36.37
N ASP F 58 -26.21 -0.27 -35.79
CA ASP F 58 -27.48 -0.36 -35.07
C ASP F 58 -28.58 0.36 -35.85
N GLY F 59 -28.34 0.59 -37.13
CA GLY F 59 -29.34 1.26 -37.95
C GLY F 59 -28.91 2.65 -38.40
N ASN F 60 -29.21 3.64 -37.57
CA ASN F 60 -28.86 5.03 -37.86
C ASN F 60 -27.38 5.16 -38.19
N GLY F 61 -26.54 4.78 -37.24
CA GLY F 61 -25.10 4.87 -37.42
C GLY F 61 -24.48 5.79 -36.39
N THR F 62 -25.22 6.02 -35.30
CA THR F 62 -24.77 6.89 -34.22
C THR F 62 -23.59 6.27 -33.47
N ILE F 63 -22.88 7.09 -32.70
CA ILE F 63 -21.72 6.61 -31.95
C ILE F 63 -21.77 7.03 -30.48
N ASP F 64 -21.50 6.09 -29.60
CA ASP F 64 -21.49 6.35 -28.15
C ASP F 64 -20.07 6.20 -27.61
N PHE F 65 -19.90 6.41 -26.32
CA PHE F 65 -18.57 6.32 -25.71
C PHE F 65 -17.91 4.94 -25.83
N PRO F 66 -18.61 3.88 -25.37
CA PRO F 66 -18.05 2.52 -25.45
C PRO F 66 -17.56 2.18 -26.86
N GLU F 67 -18.27 2.68 -27.86
CA GLU F 67 -17.92 2.43 -29.26
C GLU F 67 -16.69 3.27 -29.61
N PHE F 68 -16.65 4.49 -29.12
CA PHE F 68 -15.54 5.39 -29.38
C PHE F 68 -14.26 4.81 -28.77
N LEU F 69 -14.41 4.22 -27.59
CA LEU F 69 -13.27 3.61 -26.91
C LEU F 69 -12.75 2.45 -27.76
N THR F 70 -13.66 1.70 -28.36
CA THR F 70 -13.30 0.58 -29.20
C THR F 70 -12.41 1.08 -30.34
N MET F 71 -12.88 2.13 -31.01
CA MET F 71 -12.16 2.72 -32.13
C MET F 71 -10.82 3.29 -31.69
N MET F 72 -10.83 4.05 -30.60
CA MET F 72 -9.61 4.65 -30.09
C MET F 72 -8.63 3.59 -29.60
N ALA F 73 -9.17 2.51 -29.03
CA ALA F 73 -8.33 1.43 -28.53
C ALA F 73 -7.75 0.62 -29.69
N ARG F 74 -7.89 1.14 -30.90
CA ARG F 74 -7.39 0.47 -32.10
C ARG F 74 -6.13 1.14 -32.64
N LYS F 75 -6.31 2.04 -33.60
CA LYS F 75 -5.18 2.74 -34.20
C LYS F 75 -4.59 3.79 -33.26
N MET F 76 -4.49 3.42 -31.99
CA MET F 76 -3.92 4.31 -30.97
C MET F 76 -3.04 3.39 -30.14
N LYS F 77 -2.45 2.41 -30.81
CA LYS F 77 -1.58 1.44 -30.18
C LYS F 77 -0.14 1.66 -30.64
N ASP F 78 0.00 2.09 -31.89
CA ASP F 78 1.32 2.35 -32.47
C ASP F 78 1.65 3.83 -32.41
N THR F 79 0.64 4.66 -32.14
CA THR F 79 0.83 6.10 -32.05
C THR F 79 1.66 6.44 -30.81
N ASP F 80 2.10 5.40 -30.10
CA ASP F 80 2.89 5.57 -28.89
C ASP F 80 4.28 6.15 -29.21
N SER F 81 4.60 6.16 -30.50
CA SER F 81 5.89 6.68 -30.95
C SER F 81 6.09 8.14 -30.54
N GLU F 82 5.03 8.78 -30.07
CA GLU F 82 5.07 10.18 -29.65
C GLU F 82 6.34 10.45 -28.84
N GLU F 83 6.70 9.49 -28.01
CA GLU F 83 7.88 9.60 -27.16
C GLU F 83 9.14 9.72 -27.99
N GLU F 84 9.40 8.69 -28.81
CA GLU F 84 10.57 8.65 -29.66
C GLU F 84 10.74 9.93 -30.49
N ILE F 85 9.69 10.30 -31.21
CA ILE F 85 9.74 11.49 -32.04
C ILE F 85 10.20 12.68 -31.20
N ARG F 86 9.55 12.87 -30.06
CA ARG F 86 9.88 13.96 -29.15
C ARG F 86 11.40 13.96 -28.93
N GLU F 87 11.91 12.83 -28.48
CA GLU F 87 13.35 12.70 -28.23
C GLU F 87 14.15 13.05 -29.47
N ALA F 88 13.65 12.62 -30.63
CA ALA F 88 14.30 12.91 -31.90
C ALA F 88 14.43 14.39 -32.12
N PHE F 89 13.35 15.12 -31.86
CA PHE F 89 13.36 16.56 -32.02
C PHE F 89 14.51 17.15 -31.23
N ARG F 90 14.66 16.67 -29.99
CA ARG F 90 15.72 17.16 -29.12
C ARG F 90 17.09 16.97 -29.72
N VAL F 91 17.20 15.98 -30.60
CA VAL F 91 18.47 15.69 -31.26
C VAL F 91 18.82 16.78 -32.26
N PHE F 92 17.86 17.15 -33.10
CA PHE F 92 18.10 18.19 -34.08
C PHE F 92 18.38 19.52 -33.41
N ASP F 93 17.66 19.80 -32.33
CA ASP F 93 17.84 21.08 -31.63
C ASP F 93 19.13 21.18 -30.82
N LYS F 94 20.23 21.41 -31.52
CA LYS F 94 21.55 21.51 -30.89
C LYS F 94 21.66 22.61 -29.85
N ASP F 95 21.39 23.85 -30.24
CA ASP F 95 21.47 24.98 -29.33
C ASP F 95 20.43 24.86 -28.22
N GLY F 96 19.46 23.98 -28.42
CA GLY F 96 18.42 23.79 -27.42
C GLY F 96 17.56 25.00 -27.13
N ASN F 97 16.97 25.58 -28.17
CA ASN F 97 16.10 26.75 -28.00
C ASN F 97 14.66 26.30 -28.09
N GLY F 98 14.46 25.03 -28.46
CA GLY F 98 13.12 24.50 -28.60
C GLY F 98 12.66 24.51 -30.03
N TYR F 99 13.52 24.97 -30.94
CA TYR F 99 13.19 25.05 -32.37
C TYR F 99 14.31 24.46 -33.23
N ILE F 100 13.94 23.82 -34.33
CA ILE F 100 14.95 23.27 -35.25
C ILE F 100 15.16 24.31 -36.36
N SER F 101 16.40 24.79 -36.48
CA SER F 101 16.71 25.80 -37.49
C SER F 101 17.32 25.22 -38.75
N ALA F 102 17.23 26.00 -39.82
CA ALA F 102 17.74 25.60 -41.14
C ALA F 102 19.21 25.19 -41.14
N ALA F 103 19.93 25.48 -40.07
CA ALA F 103 21.34 25.14 -40.02
C ALA F 103 21.66 23.91 -39.19
N GLU F 104 20.75 23.50 -38.33
CA GLU F 104 20.97 22.31 -37.51
C GLU F 104 20.52 21.12 -38.33
N LEU F 105 19.56 21.36 -39.22
CA LEU F 105 19.03 20.31 -40.07
C LEU F 105 20.17 19.83 -40.97
N ARG F 106 20.94 20.78 -41.49
CA ARG F 106 22.07 20.44 -42.34
C ARG F 106 23.04 19.53 -41.60
N HIS F 107 23.24 19.78 -40.31
CA HIS F 107 24.13 18.97 -39.49
C HIS F 107 23.63 17.53 -39.38
N VAL F 108 22.45 17.36 -38.81
CA VAL F 108 21.88 16.03 -38.65
C VAL F 108 21.87 15.28 -39.97
N MET F 109 21.55 15.99 -41.04
CA MET F 109 21.52 15.40 -42.37
C MET F 109 22.91 14.96 -42.83
N THR F 110 23.82 15.93 -42.94
CA THR F 110 25.18 15.62 -43.37
C THR F 110 25.83 14.54 -42.51
N ASN F 111 25.75 14.71 -41.19
CA ASN F 111 26.35 13.74 -40.28
C ASN F 111 25.77 12.34 -40.45
N LEU F 112 24.55 12.25 -40.96
CA LEU F 112 23.93 10.96 -41.21
C LEU F 112 24.29 10.49 -42.61
N GLY F 113 25.28 11.16 -43.21
CA GLY F 113 25.74 10.81 -44.54
C GLY F 113 25.09 11.55 -45.70
N GLU F 114 23.85 11.98 -45.51
CA GLU F 114 23.10 12.67 -46.54
C GLU F 114 23.50 14.14 -46.68
N LYS F 115 24.49 14.41 -47.55
CA LYS F 115 24.96 15.78 -47.75
C LYS F 115 23.96 16.52 -48.62
N LEU F 116 23.60 17.73 -48.20
CA LEU F 116 22.64 18.55 -48.94
C LEU F 116 23.14 19.97 -49.17
N THR F 117 22.48 20.67 -50.08
CA THR F 117 22.85 22.05 -50.40
C THR F 117 21.94 23.02 -49.67
N ASP F 118 22.44 24.24 -49.44
CA ASP F 118 21.67 25.26 -48.74
C ASP F 118 20.28 25.37 -49.33
N GLU F 119 20.17 25.17 -50.64
CA GLU F 119 18.89 25.24 -51.34
C GLU F 119 17.95 24.17 -50.80
N GLU F 120 18.44 22.93 -50.83
CA GLU F 120 17.66 21.79 -50.36
C GLU F 120 17.28 21.91 -48.89
N VAL F 121 18.28 22.06 -48.04
CA VAL F 121 18.05 22.19 -46.61
C VAL F 121 16.97 23.23 -46.33
N ASP F 122 17.23 24.48 -46.71
CA ASP F 122 16.29 25.57 -46.51
C ASP F 122 14.88 25.21 -47.00
N GLU F 123 14.78 24.24 -47.89
CA GLU F 123 13.49 23.83 -48.41
C GLU F 123 12.74 22.94 -47.45
N MET F 124 13.46 21.99 -46.86
CA MET F 124 12.87 21.07 -45.91
C MET F 124 12.32 21.86 -44.73
N ILE F 125 13.16 22.76 -44.20
CA ILE F 125 12.73 23.60 -43.09
C ILE F 125 11.39 24.23 -43.42
N ARG F 126 11.35 25.00 -44.51
CA ARG F 126 10.12 25.66 -44.93
C ARG F 126 8.98 24.66 -45.09
N GLU F 127 9.32 23.47 -45.58
CA GLU F 127 8.31 22.42 -45.76
C GLU F 127 7.61 22.10 -44.45
N ALA F 128 8.39 21.90 -43.39
CA ALA F 128 7.86 21.58 -42.06
C ALA F 128 7.38 22.81 -41.31
N ASP F 129 7.93 23.96 -41.65
CA ASP F 129 7.55 25.23 -41.03
C ASP F 129 6.09 25.54 -41.36
N ILE F 130 5.30 25.84 -40.34
CA ILE F 130 3.88 26.13 -40.55
C ILE F 130 3.43 27.55 -40.24
N ASP F 131 4.05 28.18 -39.25
CA ASP F 131 3.70 29.55 -38.88
C ASP F 131 4.61 30.56 -39.54
N GLY F 132 5.63 30.07 -40.24
CA GLY F 132 6.54 30.95 -40.93
C GLY F 132 7.58 31.63 -40.08
N ASP F 133 7.87 31.08 -38.91
CA ASP F 133 8.87 31.69 -38.06
C ASP F 133 10.26 31.55 -38.70
N GLY F 134 10.41 30.55 -39.55
CA GLY F 134 11.68 30.31 -40.22
C GLY F 134 12.42 29.14 -39.62
N GLN F 135 11.76 28.45 -38.70
CA GLN F 135 12.34 27.30 -38.03
C GLN F 135 11.22 26.34 -37.66
N VAL F 136 11.59 25.15 -37.20
CA VAL F 136 10.57 24.16 -36.83
C VAL F 136 10.51 23.90 -35.33
N ASN F 137 9.35 24.20 -34.73
CA ASN F 137 9.19 23.96 -33.31
C ASN F 137 8.68 22.54 -33.13
N TYR F 138 8.66 22.06 -31.90
CA TYR F 138 8.21 20.69 -31.66
C TYR F 138 6.88 20.40 -32.31
N GLU F 139 5.85 21.16 -31.94
CA GLU F 139 4.52 20.95 -32.52
C GLU F 139 4.62 20.69 -34.02
N GLU F 140 5.22 21.62 -34.75
CA GLU F 140 5.39 21.47 -36.19
C GLU F 140 6.08 20.15 -36.48
N PHE F 141 7.24 19.96 -35.87
CA PHE F 141 8.02 18.73 -36.07
C PHE F 141 7.19 17.48 -35.86
N VAL F 142 6.27 17.51 -34.90
CA VAL F 142 5.43 16.36 -34.60
C VAL F 142 4.52 16.00 -35.75
N GLN F 143 3.70 16.96 -36.18
CA GLN F 143 2.77 16.75 -37.29
C GLN F 143 3.51 16.18 -38.48
N MET F 144 4.43 17.00 -38.99
CA MET F 144 5.26 16.65 -40.14
C MET F 144 5.90 15.27 -40.06
N MET F 145 6.01 14.74 -38.86
CA MET F 145 6.65 13.44 -38.67
C MET F 145 5.61 12.32 -38.51
N THR F 146 4.39 12.70 -38.14
CA THR F 146 3.32 11.73 -37.95
C THR F 146 2.22 11.84 -39.00
N ALA F 147 1.57 12.99 -39.05
CA ALA F 147 0.49 13.21 -40.01
C ALA F 147 0.99 13.02 -41.44
#